data_2RHE
# 
_entry.id   2RHE 
# 
_audit_conform.dict_name       mmcif_pdbx.dic 
_audit_conform.dict_version    5.398 
_audit_conform.dict_location   http://mmcif.pdb.org/dictionaries/ascii/mmcif_pdbx.dic 
# 
loop_
_database_2.database_id 
_database_2.database_code 
_database_2.pdbx_database_accession 
_database_2.pdbx_DOI 
PDB   2RHE         pdb_00002rhe 10.2210/pdb2rhe/pdb 
WWPDB D_1000178559 ?            ?                   
# 
loop_
_pdbx_audit_revision_history.ordinal 
_pdbx_audit_revision_history.data_content_type 
_pdbx_audit_revision_history.major_revision 
_pdbx_audit_revision_history.minor_revision 
_pdbx_audit_revision_history.revision_date 
1 'Structure model' 1 0 1983-09-15 
2 'Structure model' 1 1 2008-03-25 
3 'Structure model' 1 2 2011-07-13 
4 'Structure model' 1 3 2017-11-29 
5 'Structure model' 1 4 2024-11-06 
# 
_pdbx_audit_revision_details.ordinal             1 
_pdbx_audit_revision_details.revision_ordinal    1 
_pdbx_audit_revision_details.data_content_type   'Structure model' 
_pdbx_audit_revision_details.provider            repository 
_pdbx_audit_revision_details.type                'Initial release' 
_pdbx_audit_revision_details.description         ? 
_pdbx_audit_revision_details.details             ? 
# 
loop_
_pdbx_audit_revision_group.ordinal 
_pdbx_audit_revision_group.revision_ordinal 
_pdbx_audit_revision_group.data_content_type 
_pdbx_audit_revision_group.group 
1 2 'Structure model' 'Version format compliance' 
2 3 'Structure model' 'Version format compliance' 
3 4 'Structure model' 'Derived calculations'      
4 4 'Structure model' Other                       
5 5 'Structure model' 'Data collection'           
6 5 'Structure model' 'Database references'       
7 5 'Structure model' 'Structure summary'         
# 
loop_
_pdbx_audit_revision_category.ordinal 
_pdbx_audit_revision_category.revision_ordinal 
_pdbx_audit_revision_category.data_content_type 
_pdbx_audit_revision_category.category 
1 4 'Structure model' pdbx_database_status      
2 4 'Structure model' struct_conf               
3 4 'Structure model' struct_conf_type          
4 5 'Structure model' chem_comp_atom            
5 5 'Structure model' chem_comp_bond            
6 5 'Structure model' database_2                
7 5 'Structure model' pdbx_entry_details        
8 5 'Structure model' pdbx_modification_feature 
9 5 'Structure model' struct_ref_seq_dif        
# 
loop_
_pdbx_audit_revision_item.ordinal 
_pdbx_audit_revision_item.revision_ordinal 
_pdbx_audit_revision_item.data_content_type 
_pdbx_audit_revision_item.item 
1 4 'Structure model' '_pdbx_database_status.process_site'  
2 5 'Structure model' '_database_2.pdbx_DOI'                
3 5 'Structure model' '_database_2.pdbx_database_accession' 
4 5 'Structure model' '_struct_ref_seq_dif.details'         
# 
_pdbx_database_PDB_obs_spr.id               SPRSDE 
_pdbx_database_PDB_obs_spr.date             1983-09-15 
_pdbx_database_PDB_obs_spr.pdb_id           2RHE 
_pdbx_database_PDB_obs_spr.replace_pdb_id   1RHE 
_pdbx_database_PDB_obs_spr.details          ? 
# 
_pdbx_database_status.status_code                     REL 
_pdbx_database_status.entry_id                        2RHE 
_pdbx_database_status.recvd_initial_deposition_date   1983-06-13 
_pdbx_database_status.deposit_site                    ? 
_pdbx_database_status.process_site                    BNL 
_pdbx_database_status.SG_entry                        . 
_pdbx_database_status.pdb_format_compatible           Y 
_pdbx_database_status.status_code_mr                  ? 
_pdbx_database_status.status_code_sf                  ? 
_pdbx_database_status.status_code_cs                  ? 
_pdbx_database_status.methods_development_category    ? 
_pdbx_database_status.status_code_nmr_data            ? 
# 
loop_
_audit_author.name 
_audit_author.pdbx_ordinal 
'Fureyjunior, W.' 1 
'Wang, B.C.'      2 
'Yoo, C.S.'       3 
'Sax, M.'         4 
# 
loop_
_citation.id 
_citation.title 
_citation.journal_abbrev 
_citation.journal_volume 
_citation.page_first 
_citation.page_last 
_citation.year 
_citation.journal_id_ASTM 
_citation.country 
_citation.journal_id_ISSN 
_citation.journal_id_CSD 
_citation.book_publisher 
_citation.pdbx_database_id_PubMed 
_citation.pdbx_database_id_DOI 
primary 'Structure of a novel Bence-Jones protein (Rhe) fragment at 1.6 A resolution.'                        J.Mol.Biol. 167 661 
692 1983 JMOBAK UK 0022-2836 0070 ? 6876161 '10.1016/S0022-2836(83)80104-1' 
1       'Phase Extension and Refinement of Bence-Jones Protein Rhe (1.9 Angstroms)'                           
'Acta Crystallogr.,Sect.A' 35  810 ?   1979 ACACEQ DK 0108-7673 0621 ? ?       ?                               
2       'Crystal Structure of Bence Jones Protein Rhe (3 Angstroms) and its Unique Domain-Domain Association' J.Mol.Biol. 129 657 
?   1979 JMOBAK UK 0022-2836 0070 ? ?       ?                               
3       'Structure of a Dimeric Fragment Related to the Lambda-Type Bence-Jones Protein. A Preliminary Study' J.Mol.Biol. 87  505 
?   1974 JMOBAK UK 0022-2836 0070 ? ?       ?                               
# 
loop_
_citation_author.citation_id 
_citation_author.name 
_citation_author.ordinal 
_citation_author.identifier_ORCID 
primary 'Furey Jr., W.'   1  ? 
primary 'Wang, B.C.'      2  ? 
primary 'Yoo, C.S.'       3  ? 
primary 'Sax, M.'         4  ? 
1       'Fureyjunior, W.' 5  ? 
1       'Wang, B.C.'      6  ? 
1       'Yoo, C.S.'       7  ? 
1       'Sax, M.'         8  ? 
2       'Wang, B.-C.'     9  ? 
2       'Yoo, C.S.'       10 ? 
2       'Sax, M.'         11 ? 
3       'Wang, B.-C.'     12 ? 
3       'Sax, M.'         13 ? 
# 
loop_
_entity.id 
_entity.type 
_entity.src_method 
_entity.pdbx_description 
_entity.formula_weight 
_entity.pdbx_number_of_molecules 
_entity.pdbx_ec 
_entity.pdbx_mutation 
_entity.pdbx_fragment 
_entity.details 
1 polymer man 'BENCE-JONES PROTEIN RHE (LIGHT CHAIN)' 11840.952 1   ? ? ? ? 
2 water   nat water                                   18.015    186 ? ? ? ? 
# 
_entity_poly.entity_id                      1 
_entity_poly.type                           'polypeptide(L)' 
_entity_poly.nstd_linkage                   no 
_entity_poly.nstd_monomer                   no 
_entity_poly.pdbx_seq_one_letter_code       
;ESVLTQPPSASGTPGQRVTISCTGSATDIGSNSVIWYQQVPGKAPKLLIYYNDLLPSGVSDRFSASKSGTSASLAISGLE
SEDEADYYCAAWNDSLDEPGFGGGTKLTVLGQPK
;
_entity_poly.pdbx_seq_one_letter_code_can   
;ESVLTQPPSASGTPGQRVTISCTGSATDIGSNSVIWYQQVPGKAPKLLIYYNDLLPSGVSDRFSASKSGTSASLAISGLE
SEDEADYYCAAWNDSLDEPGFGGGTKLTVLGQPK
;
_entity_poly.pdbx_strand_id                 A 
_entity_poly.pdbx_target_identifier         ? 
# 
_pdbx_entity_nonpoly.entity_id   2 
_pdbx_entity_nonpoly.name        water 
_pdbx_entity_nonpoly.comp_id     HOH 
# 
loop_
_entity_poly_seq.entity_id 
_entity_poly_seq.num 
_entity_poly_seq.mon_id 
_entity_poly_seq.hetero 
1 1   GLU n 
1 2   SER n 
1 3   VAL n 
1 4   LEU n 
1 5   THR n 
1 6   GLN n 
1 7   PRO n 
1 8   PRO n 
1 9   SER n 
1 10  ALA n 
1 11  SER n 
1 12  GLY n 
1 13  THR n 
1 14  PRO n 
1 15  GLY n 
1 16  GLN n 
1 17  ARG n 
1 18  VAL n 
1 19  THR n 
1 20  ILE n 
1 21  SER n 
1 22  CYS n 
1 23  THR n 
1 24  GLY n 
1 25  SER n 
1 26  ALA n 
1 27  THR n 
1 28  ASP n 
1 29  ILE n 
1 30  GLY n 
1 31  SER n 
1 32  ASN n 
1 33  SER n 
1 34  VAL n 
1 35  ILE n 
1 36  TRP n 
1 37  TYR n 
1 38  GLN n 
1 39  GLN n 
1 40  VAL n 
1 41  PRO n 
1 42  GLY n 
1 43  LYS n 
1 44  ALA n 
1 45  PRO n 
1 46  LYS n 
1 47  LEU n 
1 48  LEU n 
1 49  ILE n 
1 50  TYR n 
1 51  TYR n 
1 52  ASN n 
1 53  ASP n 
1 54  LEU n 
1 55  LEU n 
1 56  PRO n 
1 57  SER n 
1 58  GLY n 
1 59  VAL n 
1 60  SER n 
1 61  ASP n 
1 62  ARG n 
1 63  PHE n 
1 64  SER n 
1 65  ALA n 
1 66  SER n 
1 67  LYS n 
1 68  SER n 
1 69  GLY n 
1 70  THR n 
1 71  SER n 
1 72  ALA n 
1 73  SER n 
1 74  LEU n 
1 75  ALA n 
1 76  ILE n 
1 77  SER n 
1 78  GLY n 
1 79  LEU n 
1 80  GLU n 
1 81  SER n 
1 82  GLU n 
1 83  ASP n 
1 84  GLU n 
1 85  ALA n 
1 86  ASP n 
1 87  TYR n 
1 88  TYR n 
1 89  CYS n 
1 90  ALA n 
1 91  ALA n 
1 92  TRP n 
1 93  ASN n 
1 94  ASP n 
1 95  SER n 
1 96  LEU n 
1 97  ASP n 
1 98  GLU n 
1 99  PRO n 
1 100 GLY n 
1 101 PHE n 
1 102 GLY n 
1 103 GLY n 
1 104 GLY n 
1 105 THR n 
1 106 LYS n 
1 107 LEU n 
1 108 THR n 
1 109 VAL n 
1 110 LEU n 
1 111 GLY n 
1 112 GLN n 
1 113 PRO n 
1 114 LYS n 
# 
_entity_src_gen.entity_id                          1 
_entity_src_gen.pdbx_src_id                        1 
_entity_src_gen.pdbx_alt_source_flag               sample 
_entity_src_gen.pdbx_seq_type                      ? 
_entity_src_gen.pdbx_beg_seq_num                   ? 
_entity_src_gen.pdbx_end_seq_num                   ? 
_entity_src_gen.gene_src_common_name               human 
_entity_src_gen.gene_src_genus                     ? 
_entity_src_gen.pdbx_gene_src_gene                 ? 
_entity_src_gen.gene_src_species                   ? 
_entity_src_gen.gene_src_strain                    ? 
_entity_src_gen.gene_src_tissue                    URINE 
_entity_src_gen.gene_src_tissue_fraction           ? 
_entity_src_gen.gene_src_details                   ? 
_entity_src_gen.pdbx_gene_src_fragment             ? 
_entity_src_gen.pdbx_gene_src_scientific_name      'Homo sapiens' 
_entity_src_gen.pdbx_gene_src_ncbi_taxonomy_id     9606 
_entity_src_gen.pdbx_gene_src_variant              ? 
_entity_src_gen.pdbx_gene_src_cell_line            ? 
_entity_src_gen.pdbx_gene_src_atcc                 ? 
_entity_src_gen.pdbx_gene_src_organ                ? 
_entity_src_gen.pdbx_gene_src_organelle            ? 
_entity_src_gen.pdbx_gene_src_cell                 ? 
_entity_src_gen.pdbx_gene_src_cellular_location    ? 
_entity_src_gen.host_org_common_name               ? 
_entity_src_gen.pdbx_host_org_scientific_name      ? 
_entity_src_gen.pdbx_host_org_ncbi_taxonomy_id     ? 
_entity_src_gen.host_org_genus                     ? 
_entity_src_gen.pdbx_host_org_gene                 ? 
_entity_src_gen.pdbx_host_org_organ                ? 
_entity_src_gen.host_org_species                   ? 
_entity_src_gen.pdbx_host_org_tissue               ? 
_entity_src_gen.pdbx_host_org_tissue_fraction      ? 
_entity_src_gen.pdbx_host_org_strain               ? 
_entity_src_gen.pdbx_host_org_variant              ? 
_entity_src_gen.pdbx_host_org_cell_line            ? 
_entity_src_gen.pdbx_host_org_atcc                 ? 
_entity_src_gen.pdbx_host_org_culture_collection   ? 
_entity_src_gen.pdbx_host_org_cell                 ? 
_entity_src_gen.pdbx_host_org_organelle            ? 
_entity_src_gen.pdbx_host_org_cellular_location    ? 
_entity_src_gen.pdbx_host_org_vector_type          ? 
_entity_src_gen.pdbx_host_org_vector               ? 
_entity_src_gen.host_org_details                   ? 
_entity_src_gen.expression_system_id               ? 
_entity_src_gen.plasmid_name                       ? 
_entity_src_gen.plasmid_details                    ? 
_entity_src_gen.pdbx_description                   ? 
# 
loop_
_chem_comp.id 
_chem_comp.type 
_chem_comp.mon_nstd_flag 
_chem_comp.name 
_chem_comp.pdbx_synonyms 
_chem_comp.formula 
_chem_comp.formula_weight 
ALA 'L-peptide linking' y ALANINE         ? 'C3 H7 N O2'     89.093  
ARG 'L-peptide linking' y ARGININE        ? 'C6 H15 N4 O2 1' 175.209 
ASN 'L-peptide linking' y ASPARAGINE      ? 'C4 H8 N2 O3'    132.118 
ASP 'L-peptide linking' y 'ASPARTIC ACID' ? 'C4 H7 N O4'     133.103 
CYS 'L-peptide linking' y CYSTEINE        ? 'C3 H7 N O2 S'   121.158 
GLN 'L-peptide linking' y GLUTAMINE       ? 'C5 H10 N2 O3'   146.144 
GLU 'L-peptide linking' y 'GLUTAMIC ACID' ? 'C5 H9 N O4'     147.129 
GLY 'peptide linking'   y GLYCINE         ? 'C2 H5 N O2'     75.067  
HOH non-polymer         . WATER           ? 'H2 O'           18.015  
ILE 'L-peptide linking' y ISOLEUCINE      ? 'C6 H13 N O2'    131.173 
LEU 'L-peptide linking' y LEUCINE         ? 'C6 H13 N O2'    131.173 
LYS 'L-peptide linking' y LYSINE          ? 'C6 H15 N2 O2 1' 147.195 
PHE 'L-peptide linking' y PHENYLALANINE   ? 'C9 H11 N O2'    165.189 
PRO 'L-peptide linking' y PROLINE         ? 'C5 H9 N O2'     115.130 
SER 'L-peptide linking' y SERINE          ? 'C3 H7 N O3'     105.093 
THR 'L-peptide linking' y THREONINE       ? 'C4 H9 N O3'     119.119 
TRP 'L-peptide linking' y TRYPTOPHAN      ? 'C11 H12 N2 O2'  204.225 
TYR 'L-peptide linking' y TYROSINE        ? 'C9 H11 N O3'    181.189 
VAL 'L-peptide linking' y VALINE          ? 'C5 H11 N O2'    117.146 
# 
loop_
_pdbx_poly_seq_scheme.asym_id 
_pdbx_poly_seq_scheme.entity_id 
_pdbx_poly_seq_scheme.seq_id 
_pdbx_poly_seq_scheme.mon_id 
_pdbx_poly_seq_scheme.ndb_seq_num 
_pdbx_poly_seq_scheme.pdb_seq_num 
_pdbx_poly_seq_scheme.auth_seq_num 
_pdbx_poly_seq_scheme.pdb_mon_id 
_pdbx_poly_seq_scheme.auth_mon_id 
_pdbx_poly_seq_scheme.pdb_strand_id 
_pdbx_poly_seq_scheme.pdb_ins_code 
_pdbx_poly_seq_scheme.hetero 
A 1 1   GLU 1   1   1   GLU GLU A . n 
A 1 2   SER 2   2   2   SER SER A . n 
A 1 3   VAL 3   3   3   VAL VAL A . n 
A 1 4   LEU 4   4   4   LEU LEU A . n 
A 1 5   THR 5   5   5   THR THR A . n 
A 1 6   GLN 6   6   6   GLN GLN A . n 
A 1 7   PRO 7   7   7   PRO PRO A . n 
A 1 8   PRO 8   8   8   PRO PRO A . n 
A 1 9   SER 9   9   9   SER SER A . n 
A 1 10  ALA 10  10  10  ALA ALA A . n 
A 1 11  SER 11  11  11  SER SER A . n 
A 1 12  GLY 12  12  12  GLY GLY A . n 
A 1 13  THR 13  13  13  THR THR A . n 
A 1 14  PRO 14  14  14  PRO PRO A . n 
A 1 15  GLY 15  15  15  GLY GLY A . n 
A 1 16  GLN 16  16  16  GLN GLN A . n 
A 1 17  ARG 17  17  17  ARG ARG A . n 
A 1 18  VAL 18  18  18  VAL VAL A . n 
A 1 19  THR 19  19  19  THR THR A . n 
A 1 20  ILE 20  20  20  ILE ILE A . n 
A 1 21  SER 21  21  21  SER SER A . n 
A 1 22  CYS 22  22  22  CYS CYS A . n 
A 1 23  THR 23  23  23  THR THR A . n 
A 1 24  GLY 24  24  24  GLY GLY A . n 
A 1 25  SER 25  25  25  SER SER A . n 
A 1 26  ALA 26  26  26  ALA ALA A . n 
A 1 27  THR 27  27  27  THR THR A . n 
A 1 28  ASP 28  28  28  ASP ASP A . n 
A 1 29  ILE 29  29  29  ILE ILE A . n 
A 1 30  GLY 30  30  30  GLY GLY A . n 
A 1 31  SER 31  31  31  SER SER A . n 
A 1 32  ASN 32  32  32  ASN ASN A . n 
A 1 33  SER 33  33  33  SER SER A . n 
A 1 34  VAL 34  34  34  VAL VAL A . n 
A 1 35  ILE 35  35  35  ILE ILE A . n 
A 1 36  TRP 36  36  36  TRP TRP A . n 
A 1 37  TYR 37  37  37  TYR TYR A . n 
A 1 38  GLN 38  38  38  GLN GLN A . n 
A 1 39  GLN 39  39  39  GLN GLN A . n 
A 1 40  VAL 40  40  40  VAL VAL A . n 
A 1 41  PRO 41  41  41  PRO PRO A . n 
A 1 42  GLY 42  42  42  GLY GLY A . n 
A 1 43  LYS 43  43  43  LYS LYS A . n 
A 1 44  ALA 44  44  44  ALA ALA A . n 
A 1 45  PRO 45  45  45  PRO PRO A . n 
A 1 46  LYS 46  46  46  LYS LYS A . n 
A 1 47  LEU 47  47  47  LEU LEU A . n 
A 1 48  LEU 48  48  48  LEU LEU A . n 
A 1 49  ILE 49  49  49  ILE ILE A . n 
A 1 50  TYR 50  50  50  TYR TYR A . n 
A 1 51  TYR 51  51  51  TYR TYR A . n 
A 1 52  ASN 52  52  52  ASN ASN A . n 
A 1 53  ASP 53  53  53  ASP ASP A . n 
A 1 54  LEU 54  54  54  LEU LEU A . n 
A 1 55  LEU 55  55  55  LEU LEU A . n 
A 1 56  PRO 56  56  56  PRO PRO A . n 
A 1 57  SER 57  57  57  SER SER A . n 
A 1 58  GLY 58  58  58  GLY GLY A . n 
A 1 59  VAL 59  59  59  VAL VAL A . n 
A 1 60  SER 60  60  60  SER SER A . n 
A 1 61  ASP 61  61  61  ASP ASP A . n 
A 1 62  ARG 62  62  62  ARG ARG A . n 
A 1 63  PHE 63  63  63  PHE PHE A . n 
A 1 64  SER 64  64  64  SER SER A . n 
A 1 65  ALA 65  65  65  ALA ALA A . n 
A 1 66  SER 66  66  66  SER SER A . n 
A 1 67  LYS 67  67  67  LYS LYS A . n 
A 1 68  SER 68  68  68  SER SER A . n 
A 1 69  GLY 69  69  69  GLY GLY A . n 
A 1 70  THR 70  70  70  THR THR A . n 
A 1 71  SER 71  71  71  SER SER A . n 
A 1 72  ALA 72  72  72  ALA ALA A . n 
A 1 73  SER 73  73  73  SER SER A . n 
A 1 74  LEU 74  74  74  LEU LEU A . n 
A 1 75  ALA 75  75  75  ALA ALA A . n 
A 1 76  ILE 76  76  76  ILE ILE A . n 
A 1 77  SER 77  77  77  SER SER A . n 
A 1 78  GLY 78  78  78  GLY GLY A . n 
A 1 79  LEU 79  79  79  LEU LEU A . n 
A 1 80  GLU 80  80  80  GLU GLU A . n 
A 1 81  SER 81  81  81  SER SER A . n 
A 1 82  GLU 82  82  82  GLU GLU A . n 
A 1 83  ASP 83  83  83  ASP ASP A . n 
A 1 84  GLU 84  84  84  GLU GLU A . n 
A 1 85  ALA 85  85  85  ALA ALA A . n 
A 1 86  ASP 86  86  86  ASP ASP A . n 
A 1 87  TYR 87  87  87  TYR TYR A . n 
A 1 88  TYR 88  88  88  TYR TYR A . n 
A 1 89  CYS 89  89  89  CYS CYS A . n 
A 1 90  ALA 90  90  90  ALA ALA A . n 
A 1 91  ALA 91  91  91  ALA ALA A . n 
A 1 92  TRP 92  92  92  TRP TRP A . n 
A 1 93  ASN 93  93  93  ASN ASN A . n 
A 1 94  ASP 94  94  94  ASP ASP A . n 
A 1 95  SER 95  95  95  SER SER A . n 
A 1 96  LEU 96  96  96  LEU LEU A . n 
A 1 97  ASP 97  97  97  ASP ASP A . n 
A 1 98  GLU 98  98  98  GLU GLU A . n 
A 1 99  PRO 99  99  99  PRO PRO A . n 
A 1 100 GLY 100 100 100 GLY GLY A . n 
A 1 101 PHE 101 101 101 PHE PHE A . n 
A 1 102 GLY 102 102 102 GLY GLY A . n 
A 1 103 GLY 103 103 103 GLY GLY A . n 
A 1 104 GLY 104 104 104 GLY GLY A . n 
A 1 105 THR 105 105 105 THR THR A . n 
A 1 106 LYS 106 106 106 LYS LYS A . n 
A 1 107 LEU 107 107 107 LEU LEU A . n 
A 1 108 THR 108 108 108 THR THR A . n 
A 1 109 VAL 109 109 109 VAL VAL A . n 
A 1 110 LEU 110 110 110 LEU LEU A . n 
A 1 111 GLY 111 111 111 GLY GLY A . n 
A 1 112 GLN 112 112 112 GLN GLN A . n 
A 1 113 PRO 113 113 113 PRO PRO A . n 
A 1 114 LYS 114 114 114 LYS LYS A . n 
# 
loop_
_pdbx_nonpoly_scheme.asym_id 
_pdbx_nonpoly_scheme.entity_id 
_pdbx_nonpoly_scheme.mon_id 
_pdbx_nonpoly_scheme.ndb_seq_num 
_pdbx_nonpoly_scheme.pdb_seq_num 
_pdbx_nonpoly_scheme.auth_seq_num 
_pdbx_nonpoly_scheme.pdb_mon_id 
_pdbx_nonpoly_scheme.auth_mon_id 
_pdbx_nonpoly_scheme.pdb_strand_id 
_pdbx_nonpoly_scheme.pdb_ins_code 
B 2 HOH 1   115 115 HOH HOH A . 
B 2 HOH 2   116 116 HOH HOH A . 
B 2 HOH 3   117 117 HOH HOH A . 
B 2 HOH 4   118 118 HOH HOH A . 
B 2 HOH 5   119 119 HOH HOH A . 
B 2 HOH 6   120 120 HOH HOH A . 
B 2 HOH 7   121 121 HOH HOH A . 
B 2 HOH 8   122 122 HOH HOH A . 
B 2 HOH 9   123 123 HOH HOH A . 
B 2 HOH 10  124 124 HOH HOH A . 
B 2 HOH 11  125 125 HOH HOH A . 
B 2 HOH 12  126 126 HOH HOH A . 
B 2 HOH 13  127 127 HOH HOH A . 
B 2 HOH 14  128 128 HOH HOH A . 
B 2 HOH 15  129 129 HOH HOH A . 
B 2 HOH 16  130 130 HOH HOH A . 
B 2 HOH 17  131 131 HOH HOH A . 
B 2 HOH 18  132 132 HOH HOH A . 
B 2 HOH 19  133 133 HOH HOH A . 
B 2 HOH 20  134 134 HOH HOH A . 
B 2 HOH 21  135 135 HOH HOH A . 
B 2 HOH 22  136 136 HOH HOH A . 
B 2 HOH 23  137 137 HOH HOH A . 
B 2 HOH 24  138 138 HOH HOH A . 
B 2 HOH 25  139 139 HOH HOH A . 
B 2 HOH 26  140 140 HOH HOH A . 
B 2 HOH 27  141 141 HOH HOH A . 
B 2 HOH 28  142 142 HOH HOH A . 
B 2 HOH 29  143 143 HOH HOH A . 
B 2 HOH 30  144 144 HOH HOH A . 
B 2 HOH 31  145 145 HOH HOH A . 
B 2 HOH 32  146 146 HOH HOH A . 
B 2 HOH 33  147 147 HOH HOH A . 
B 2 HOH 34  148 148 HOH HOH A . 
B 2 HOH 35  149 149 HOH HOH A . 
B 2 HOH 36  150 150 HOH HOH A . 
B 2 HOH 37  151 151 HOH HOH A . 
B 2 HOH 38  152 152 HOH HOH A . 
B 2 HOH 39  153 153 HOH HOH A . 
B 2 HOH 40  154 154 HOH HOH A . 
B 2 HOH 41  155 155 HOH HOH A . 
B 2 HOH 42  156 156 HOH HOH A . 
B 2 HOH 43  157 157 HOH HOH A . 
B 2 HOH 44  158 158 HOH HOH A . 
B 2 HOH 45  159 159 HOH HOH A . 
B 2 HOH 46  160 160 HOH HOH A . 
B 2 HOH 47  161 161 HOH HOH A . 
B 2 HOH 48  162 162 HOH HOH A . 
B 2 HOH 49  163 163 HOH HOH A . 
B 2 HOH 50  164 164 HOH HOH A . 
B 2 HOH 51  165 165 HOH HOH A . 
B 2 HOH 52  166 166 HOH HOH A . 
B 2 HOH 53  167 167 HOH HOH A . 
B 2 HOH 54  168 168 HOH HOH A . 
B 2 HOH 55  169 169 HOH HOH A . 
B 2 HOH 56  170 170 HOH HOH A . 
B 2 HOH 57  171 171 HOH HOH A . 
B 2 HOH 58  172 172 HOH HOH A . 
B 2 HOH 59  173 173 HOH HOH A . 
B 2 HOH 60  174 174 HOH HOH A . 
B 2 HOH 61  175 175 HOH HOH A . 
B 2 HOH 62  176 176 HOH HOH A . 
B 2 HOH 63  177 177 HOH HOH A . 
B 2 HOH 64  178 178 HOH HOH A . 
B 2 HOH 65  179 179 HOH HOH A . 
B 2 HOH 66  180 180 HOH HOH A . 
B 2 HOH 67  181 181 HOH HOH A . 
B 2 HOH 68  182 182 HOH HOH A . 
B 2 HOH 69  183 183 HOH HOH A . 
B 2 HOH 70  184 184 HOH HOH A . 
B 2 HOH 71  185 185 HOH HOH A . 
B 2 HOH 72  186 186 HOH HOH A . 
B 2 HOH 73  187 187 HOH HOH A . 
B 2 HOH 74  188 188 HOH HOH A . 
B 2 HOH 75  189 189 HOH HOH A . 
B 2 HOH 76  190 190 HOH HOH A . 
B 2 HOH 77  191 191 HOH HOH A . 
B 2 HOH 78  192 192 HOH HOH A . 
B 2 HOH 79  193 193 HOH HOH A . 
B 2 HOH 80  194 194 HOH HOH A . 
B 2 HOH 81  195 195 HOH HOH A . 
B 2 HOH 82  196 196 HOH HOH A . 
B 2 HOH 83  197 197 HOH HOH A . 
B 2 HOH 84  198 198 HOH HOH A . 
B 2 HOH 85  199 199 HOH HOH A . 
B 2 HOH 86  200 200 HOH HOH A . 
B 2 HOH 87  201 201 HOH HOH A . 
B 2 HOH 88  202 202 HOH HOH A . 
B 2 HOH 89  203 203 HOH HOH A . 
B 2 HOH 90  204 204 HOH HOH A . 
B 2 HOH 91  205 205 HOH HOH A . 
B 2 HOH 92  206 206 HOH HOH A . 
B 2 HOH 93  207 207 HOH HOH A . 
B 2 HOH 94  208 208 HOH HOH A . 
B 2 HOH 95  209 209 HOH HOH A . 
B 2 HOH 96  210 210 HOH HOH A . 
B 2 HOH 97  211 211 HOH HOH A . 
B 2 HOH 98  212 212 HOH HOH A . 
B 2 HOH 99  213 213 HOH HOH A . 
B 2 HOH 100 214 214 HOH HOH A . 
B 2 HOH 101 215 215 HOH HOH A . 
B 2 HOH 102 216 216 HOH HOH A . 
B 2 HOH 103 217 217 HOH HOH A . 
B 2 HOH 104 218 218 HOH HOH A . 
B 2 HOH 105 219 219 HOH HOH A . 
B 2 HOH 106 220 220 HOH HOH A . 
B 2 HOH 107 221 221 HOH HOH A . 
B 2 HOH 108 222 222 HOH HOH A . 
B 2 HOH 109 223 223 HOH HOH A . 
B 2 HOH 110 224 224 HOH HOH A . 
B 2 HOH 111 225 225 HOH HOH A . 
B 2 HOH 112 226 226 HOH HOH A . 
B 2 HOH 113 227 227 HOH HOH A . 
B 2 HOH 114 228 228 HOH HOH A . 
B 2 HOH 115 229 229 HOH HOH A . 
B 2 HOH 116 230 230 HOH HOH A . 
B 2 HOH 117 231 231 HOH HOH A . 
B 2 HOH 118 232 232 HOH HOH A . 
B 2 HOH 119 233 233 HOH HOH A . 
B 2 HOH 120 234 234 HOH HOH A . 
B 2 HOH 121 235 235 HOH HOH A . 
B 2 HOH 122 236 236 HOH HOH A . 
B 2 HOH 123 237 237 HOH HOH A . 
B 2 HOH 124 238 238 HOH HOH A . 
B 2 HOH 125 239 239 HOH HOH A . 
B 2 HOH 126 240 240 HOH HOH A . 
B 2 HOH 127 241 241 HOH HOH A . 
B 2 HOH 128 242 242 HOH HOH A . 
B 2 HOH 129 243 243 HOH HOH A . 
B 2 HOH 130 244 244 HOH HOH A . 
B 2 HOH 131 245 245 HOH HOH A . 
B 2 HOH 132 246 246 HOH HOH A . 
B 2 HOH 133 247 247 HOH HOH A . 
B 2 HOH 134 248 248 HOH HOH A . 
B 2 HOH 135 249 249 HOH HOH A . 
B 2 HOH 136 250 250 HOH HOH A . 
B 2 HOH 137 251 251 HOH HOH A . 
B 2 HOH 138 252 252 HOH HOH A . 
B 2 HOH 139 253 253 HOH HOH A . 
B 2 HOH 140 254 254 HOH HOH A . 
B 2 HOH 141 255 255 HOH HOH A . 
B 2 HOH 142 256 256 HOH HOH A . 
B 2 HOH 143 257 257 HOH HOH A . 
B 2 HOH 144 258 258 HOH HOH A . 
B 2 HOH 145 259 259 HOH HOH A . 
B 2 HOH 146 260 260 HOH HOH A . 
B 2 HOH 147 261 261 HOH HOH A . 
B 2 HOH 148 262 262 HOH HOH A . 
B 2 HOH 149 263 263 HOH HOH A . 
B 2 HOH 150 264 264 HOH HOH A . 
B 2 HOH 151 265 265 HOH HOH A . 
B 2 HOH 152 266 266 HOH HOH A . 
B 2 HOH 153 267 267 HOH HOH A . 
B 2 HOH 154 268 268 HOH HOH A . 
B 2 HOH 155 269 269 HOH HOH A . 
B 2 HOH 156 270 270 HOH HOH A . 
B 2 HOH 157 271 271 HOH HOH A . 
B 2 HOH 158 272 272 HOH HOH A . 
B 2 HOH 159 273 273 HOH HOH A . 
B 2 HOH 160 274 274 HOH HOH A . 
B 2 HOH 161 275 275 HOH HOH A . 
B 2 HOH 162 276 276 HOH HOH A . 
B 2 HOH 163 277 277 HOH HOH A . 
B 2 HOH 164 278 278 HOH HOH A . 
B 2 HOH 165 279 279 HOH HOH A . 
B 2 HOH 166 280 280 HOH HOH A . 
B 2 HOH 167 281 281 HOH HOH A . 
B 2 HOH 168 282 282 HOH HOH A . 
B 2 HOH 169 283 283 HOH HOH A . 
B 2 HOH 170 284 284 HOH HOH A . 
B 2 HOH 171 285 285 HOH HOH A . 
B 2 HOH 172 286 286 HOH HOH A . 
B 2 HOH 173 287 287 HOH HOH A . 
B 2 HOH 174 288 288 HOH HOH A . 
B 2 HOH 175 289 289 HOH HOH A . 
B 2 HOH 176 290 290 HOH HOH A . 
B 2 HOH 177 291 291 HOH HOH A . 
B 2 HOH 178 292 292 HOH HOH A . 
B 2 HOH 179 293 293 HOH HOH A . 
B 2 HOH 180 294 294 HOH HOH A . 
B 2 HOH 181 295 295 HOH HOH A . 
B 2 HOH 182 296 296 HOH HOH A . 
B 2 HOH 183 297 297 HOH HOH A . 
B 2 HOH 184 298 298 HOH HOH A . 
B 2 HOH 185 299 299 HOH HOH A . 
B 2 HOH 186 300 300 HOH HOH A . 
# 
_software.name             PROLSQ 
_software.classification   refinement 
_software.version          . 
_software.citation_id      ? 
_software.pdbx_ordinal     1 
# 
_cell.entry_id           2RHE 
_cell.length_a           54.630 
_cell.length_b           52.220 
_cell.length_c           42.620 
_cell.angle_alpha        90.00 
_cell.angle_beta         90.00 
_cell.angle_gamma        90.00 
_cell.Z_PDB              4 
_cell.pdbx_unique_axis   ? 
# 
_symmetry.entry_id                         2RHE 
_symmetry.space_group_name_H-M             'P 21 21 2' 
_symmetry.pdbx_full_space_group_name_H-M   ? 
_symmetry.cell_setting                     ? 
_symmetry.Int_Tables_number                18 
# 
_exptl.entry_id          2RHE 
_exptl.method            'X-RAY DIFFRACTION' 
_exptl.crystals_number   ? 
# 
_exptl_crystal.id                    1 
_exptl_crystal.density_meas          ? 
_exptl_crystal.density_Matthews      2.57 
_exptl_crystal.density_percent_sol   52.05 
_exptl_crystal.description           ? 
# 
_refine.entry_id                                 2RHE 
_refine.ls_number_reflns_obs                     12763 
_refine.ls_number_reflns_all                     ? 
_refine.pdbx_ls_sigma_I                          ? 
_refine.pdbx_ls_sigma_F                          ? 
_refine.pdbx_data_cutoff_high_absF               ? 
_refine.pdbx_data_cutoff_low_absF                ? 
_refine.pdbx_data_cutoff_high_rms_absF           ? 
_refine.ls_d_res_low                             10.0 
_refine.ls_d_res_high                            1.6 
_refine.ls_percent_reflns_obs                    ? 
_refine.ls_R_factor_obs                          ? 
_refine.ls_R_factor_all                          ? 
_refine.ls_R_factor_R_work                       0.149 
_refine.ls_R_factor_R_free                       ? 
_refine.ls_R_factor_R_free_error                 ? 
_refine.ls_R_factor_R_free_error_details         ? 
_refine.ls_percent_reflns_R_free                 ? 
_refine.ls_number_reflns_R_free                  ? 
_refine.ls_number_parameters                     ? 
_refine.ls_number_restraints                     ? 
_refine.occupancy_min                            ? 
_refine.occupancy_max                            ? 
_refine.B_iso_mean                               ? 
_refine.aniso_B[1][1]                            ? 
_refine.aniso_B[2][2]                            ? 
_refine.aniso_B[3][3]                            ? 
_refine.aniso_B[1][2]                            ? 
_refine.aniso_B[1][3]                            ? 
_refine.aniso_B[2][3]                            ? 
_refine.solvent_model_details                    ? 
_refine.solvent_model_param_ksol                 ? 
_refine.solvent_model_param_bsol                 ? 
_refine.pdbx_ls_cross_valid_method               ? 
_refine.details                                  
;ALTHOUGH THE CHEMICAL EVIDENCE INDICATES THAT RESIDUE 1 IS
PCA (PYROLLIDONE CARBOXYLIC ACID) WHICH IS A CYCLIZED
GLUTAMIC ACID, THE COORDINATES GIVEN BELOW ARE THOSE OF THE
UNCYCLIZED GLUTAMIC ACID (GLU) WHICH WAS USED IN THE
REFINEMENT PROCESS.  ALMOST NO ELECTRON DENSITY WAS
OBSERVED FOR THIS RESIDUE IN THE CRYSTALLOGRAPHIC STUDY
INDICATING THAT THIS RESIDUE IS BADLY DISORDERED AND DOES
NOT PACK WELL INTO THE LATTICE.  THEREFORE NO ATTEMPT WAS
MADE TO FIT A PCA GROUP TO THE DATA.  THIS DISCREPANCY HAS
NO EFFECT ON THE REMAINDER OF THE STRUCTURE.

THE SOLVENT STRUCTURE HAS BEEN DETERMINED TO THE EXTENT
THAT 35 PER CENT OF ALL WATERS WERE FOUND AND REFINED.  THE
FIRST 102 WATER SITES ARE FULLY OCCUPIED AND ARE BELIEVED
TO BE ACCURATELY PLACED.  OCCUPANCIES WERE REFINED FOR THE
REMAINING WATER SITES, AND THEIR POSITIONS ARE LIKELY TO BE
KNOWN WITH LESS ACCURACY.  ALL WATER SITES INCLUDED IN THIS
ENTRY ARE CHEMICALLY SENSIBLE IN THAT HYDROGEN BONDS ARE
FORMED TO SUITABLE DONORS OR ACCEPTORS AND NO BAD PACKING
CONTACTS ARE FORMED.  WATERS 115, 117, 118, 121 AND 123
ARE PARTICULARLY SIGNIFICANT AND APPEAR TO BE INTEGRAL
PARTS OF THE PROTEIN STRUCTURE.
;
_refine.pdbx_starting_model                      ? 
_refine.pdbx_method_to_determine_struct          ? 
_refine.pdbx_isotropic_thermal_model             ? 
_refine.pdbx_stereochemistry_target_values       ? 
_refine.pdbx_stereochem_target_val_spec_case     ? 
_refine.pdbx_R_Free_selection_details            ? 
_refine.pdbx_overall_ESU_R                       ? 
_refine.pdbx_overall_ESU_R_Free                  ? 
_refine.overall_SU_ML                            ? 
_refine.overall_SU_B                             ? 
_refine.pdbx_refine_id                           'X-RAY DIFFRACTION' 
_refine.pdbx_diffrn_id                           1 
_refine.pdbx_TLS_residual_ADP_flag               ? 
_refine.correlation_coeff_Fo_to_Fc               ? 
_refine.correlation_coeff_Fo_to_Fc_free          ? 
_refine.pdbx_solvent_vdw_probe_radii             ? 
_refine.pdbx_solvent_ion_probe_radii             ? 
_refine.pdbx_solvent_shrinkage_radii             ? 
_refine.pdbx_overall_phase_error                 ? 
_refine.overall_SU_R_Cruickshank_DPI             ? 
_refine.pdbx_overall_SU_R_free_Cruickshank_DPI   ? 
_refine.pdbx_overall_SU_R_Blow_DPI               ? 
_refine.pdbx_overall_SU_R_free_Blow_DPI          ? 
# 
_refine_hist.pdbx_refine_id                   'X-RAY DIFFRACTION' 
_refine_hist.cycle_id                         LAST 
_refine_hist.pdbx_number_atoms_protein        833 
_refine_hist.pdbx_number_atoms_nucleic_acid   0 
_refine_hist.pdbx_number_atoms_ligand         0 
_refine_hist.number_atoms_solvent             186 
_refine_hist.number_atoms_total               1019 
_refine_hist.d_res_high                       1.6 
_refine_hist.d_res_low                        10.0 
# 
loop_
_refine_ls_restr.type 
_refine_ls_restr.dev_ideal 
_refine_ls_restr.dev_ideal_target 
_refine_ls_restr.weight 
_refine_ls_restr.number 
_refine_ls_restr.pdbx_refine_id 
_refine_ls_restr.pdbx_restraint_function 
o_bond_d                0.024 ? ? ? 'X-RAY DIFFRACTION' ? 
o_bond_d_na             ?     ? ? ? 'X-RAY DIFFRACTION' ? 
o_bond_d_prot           ?     ? ? ? 'X-RAY DIFFRACTION' ? 
o_angle_d               ?     ? ? ? 'X-RAY DIFFRACTION' ? 
o_angle_d_na            ?     ? ? ? 'X-RAY DIFFRACTION' ? 
o_angle_d_prot          ?     ? ? ? 'X-RAY DIFFRACTION' ? 
o_angle_deg             ?     ? ? ? 'X-RAY DIFFRACTION' ? 
o_angle_deg_na          ?     ? ? ? 'X-RAY DIFFRACTION' ? 
o_angle_deg_prot        ?     ? ? ? 'X-RAY DIFFRACTION' ? 
o_dihedral_angle_d      ?     ? ? ? 'X-RAY DIFFRACTION' ? 
o_dihedral_angle_d_na   ?     ? ? ? 'X-RAY DIFFRACTION' ? 
o_dihedral_angle_d_prot ?     ? ? ? 'X-RAY DIFFRACTION' ? 
o_improper_angle_d      ?     ? ? ? 'X-RAY DIFFRACTION' ? 
o_improper_angle_d_na   ?     ? ? ? 'X-RAY DIFFRACTION' ? 
o_improper_angle_d_prot ?     ? ? ? 'X-RAY DIFFRACTION' ? 
o_mcbond_it             ?     ? ? ? 'X-RAY DIFFRACTION' ? 
o_mcangle_it            ?     ? ? ? 'X-RAY DIFFRACTION' ? 
o_scbond_it             ?     ? ? ? 'X-RAY DIFFRACTION' ? 
o_scangle_it            ?     ? ? ? 'X-RAY DIFFRACTION' ? 
# 
_struct.entry_id                  2RHE 
_struct.title                     'STRUCTURE OF A NOVEL BENCE-JONES PROTEIN (RHE) FRAGMENT AT 1.6 ANGSTROMS RESOLUTION' 
_struct.pdbx_model_details        ? 
_struct.pdbx_CASP_flag            ? 
_struct.pdbx_model_type_details   ? 
# 
_struct_keywords.entry_id        2RHE 
_struct_keywords.pdbx_keywords   IMMUNOGLOBULIN 
_struct_keywords.text            IMMUNOGLOBULIN 
# 
loop_
_struct_asym.id 
_struct_asym.pdbx_blank_PDB_chainid_flag 
_struct_asym.pdbx_modified 
_struct_asym.entity_id 
_struct_asym.details 
A N N 1 ? 
B N N 2 ? 
# 
_struct_ref.id                         1 
_struct_ref.db_name                    PIR 
_struct_ref.db_code                    S25752 
_struct_ref.entity_id                  1 
_struct_ref.pdbx_db_accession          S25752 
_struct_ref.pdbx_align_begin           1 
_struct_ref.pdbx_seq_one_letter_code   
;SFPLLLTLLTHCAGSWAQSVLTQPPSASGTPGQRVTISCSGSSSNIGSNTVNWYQQLPGTAPKLLIYRNNQRPSGVPDRF
SGSKSGTSASLAISGLQSEDEADYYCAAWDDSLNGVVFGGGTKLTVLGQPKAAPSVTLFPPSSEELQANKATLVCLISDF
YPGAVTVAWKADSSPVKAGVETTTPSKQSNNKYAASSYLSLTPEQWKSHRSYSCQVTHEGSTVEKTVAPTECS
;
_struct_ref.pdbx_db_isoform            ? 
# 
_struct_ref_seq.align_id                      1 
_struct_ref_seq.ref_id                        1 
_struct_ref_seq.pdbx_PDB_id_code              2RHE 
_struct_ref_seq.pdbx_strand_id                A 
_struct_ref_seq.seq_align_beg                 2 
_struct_ref_seq.pdbx_seq_align_beg_ins_code   ? 
_struct_ref_seq.seq_align_end                 114 
_struct_ref_seq.pdbx_seq_align_end_ins_code   ? 
_struct_ref_seq.pdbx_db_accession             S25752 
_struct_ref_seq.db_align_beg                  19 
_struct_ref_seq.pdbx_db_align_beg_ins_code    ? 
_struct_ref_seq.db_align_end                  131 
_struct_ref_seq.pdbx_db_align_end_ins_code    ? 
_struct_ref_seq.pdbx_auth_seq_align_beg       2 
_struct_ref_seq.pdbx_auth_seq_align_end       114 
# 
loop_
_struct_ref_seq_dif.align_id 
_struct_ref_seq_dif.pdbx_pdb_id_code 
_struct_ref_seq_dif.mon_id 
_struct_ref_seq_dif.pdbx_pdb_strand_id 
_struct_ref_seq_dif.seq_num 
_struct_ref_seq_dif.pdbx_pdb_ins_code 
_struct_ref_seq_dif.pdbx_seq_db_name 
_struct_ref_seq_dif.pdbx_seq_db_accession_code 
_struct_ref_seq_dif.db_mon_id 
_struct_ref_seq_dif.pdbx_seq_db_seq_num 
_struct_ref_seq_dif.details 
_struct_ref_seq_dif.pdbx_auth_seq_num 
_struct_ref_seq_dif.pdbx_ordinal 
1 2RHE THR A 23  ? PIR S25752 SER 40  conflict 23  1  
1 2RHE ALA A 26  ? PIR S25752 SER 43  conflict 26  2  
1 2RHE THR A 27  ? PIR S25752 SER 44  conflict 27  3  
1 2RHE ASP A 28  ? PIR S25752 ASN 45  conflict 28  4  
1 2RHE SER A 33  ? PIR S25752 THR 50  conflict 33  5  
1 2RHE ILE A 35  ? PIR S25752 ASN 52  conflict 35  6  
1 2RHE VAL A 40  ? PIR S25752 LEU 57  conflict 40  7  
1 2RHE LYS A 43  ? PIR S25752 THR 60  conflict 43  8  
1 2RHE TYR A 51  ? PIR S25752 ARG 68  conflict 51  9  
1 2RHE ASP A 53  ? PIR S25752 ASN 70  conflict 53  10 
1 2RHE LEU A 54  ? PIR S25752 GLN 71  conflict 54  11 
1 2RHE LEU A 55  ? PIR S25752 ARG 72  conflict 55  12 
1 2RHE SER A 60  ? PIR S25752 PRO 77  conflict 60  13 
1 2RHE ALA A 65  ? PIR S25752 GLY 82  conflict 65  14 
1 2RHE GLU A 80  ? PIR S25752 GLN 97  conflict 80  15 
1 2RHE ASN A 93  ? PIR S25752 ASP 110 conflict 93  16 
1 2RHE ASP A 97  ? PIR S25752 ASN 114 conflict 97  17 
1 2RHE GLU A 98  ? PIR S25752 GLY 115 conflict 98  18 
1 2RHE PRO A 99  ? PIR S25752 VAL 116 conflict 99  19 
1 2RHE GLY A 100 ? PIR S25752 VAL 117 conflict 100 20 
# 
_pdbx_struct_assembly.id                   1 
_pdbx_struct_assembly.details              author_defined_assembly 
_pdbx_struct_assembly.method_details       ? 
_pdbx_struct_assembly.oligomeric_details   dimeric 
_pdbx_struct_assembly.oligomeric_count     2 
# 
_pdbx_struct_assembly_gen.assembly_id       1 
_pdbx_struct_assembly_gen.oper_expression   1,2 
_pdbx_struct_assembly_gen.asym_id_list      A,B 
# 
loop_
_pdbx_struct_oper_list.id 
_pdbx_struct_oper_list.type 
_pdbx_struct_oper_list.name 
_pdbx_struct_oper_list.symmetry_operation 
_pdbx_struct_oper_list.matrix[1][1] 
_pdbx_struct_oper_list.matrix[1][2] 
_pdbx_struct_oper_list.matrix[1][3] 
_pdbx_struct_oper_list.vector[1] 
_pdbx_struct_oper_list.matrix[2][1] 
_pdbx_struct_oper_list.matrix[2][2] 
_pdbx_struct_oper_list.matrix[2][3] 
_pdbx_struct_oper_list.vector[2] 
_pdbx_struct_oper_list.matrix[3][1] 
_pdbx_struct_oper_list.matrix[3][2] 
_pdbx_struct_oper_list.matrix[3][3] 
_pdbx_struct_oper_list.vector[3] 
1 'identity operation'         1_555 x,y,z   1.0000000000  0.0000000000  0.0000000000 0.0000000000 0.0000000000  1.0000000000  0.0000000000  0.0000000000   0.0000000000 0.0000000000  1.0000000000 0.0000000000  
2 'crystal symmetry operation' 2_555 -x,-y,z -0.8303814062 -0.2243626448 0.5100275717 1.1357084202 -0.2243626448 -0.7032247748 -0.6746379175 -21.4186201927 0.5100275717 -0.6746379175 0.5336061810 -9.7998143958 
# 
_struct_biol.id                    1 
_struct_biol.details               
;THIS MOLECULE EXISTS AS A DIMER BOTH IN SOLUTION AND IN THE
CRYSTALS, BUT THE TWO-FOLD AXIS OF DIMERIZATION IS ALIGNED
WITH THE CRYSTALLOGRAPHIC Z-AXIS.  THUS THE ASYMMETRIC UNIT
CONTAINS ONLY A MONOMER.  TO GENERATE THE INTACT DIMER,
APPLY THE OPERATION -X, -Y, Z TO THE COORDINATES BELOW.
;
_struct_biol.pdbx_parent_biol_id   ? 
# 
_struct_conf.conf_type_id            HELX_P 
_struct_conf.id                      HELX_P1 
_struct_conf.pdbx_PDB_helix_id       A 
_struct_conf.beg_label_comp_id       SER 
_struct_conf.beg_label_asym_id       A 
_struct_conf.beg_label_seq_id        25 
_struct_conf.pdbx_beg_PDB_ins_code   ? 
_struct_conf.end_label_comp_id       ASN 
_struct_conf.end_label_asym_id       A 
_struct_conf.end_label_seq_id        32 
_struct_conf.pdbx_end_PDB_ins_code   ? 
_struct_conf.beg_auth_comp_id        SER 
_struct_conf.beg_auth_asym_id        A 
_struct_conf.beg_auth_seq_id         25 
_struct_conf.end_auth_comp_id        ASN 
_struct_conf.end_auth_asym_id        A 
_struct_conf.end_auth_seq_id         32 
_struct_conf.pdbx_PDB_helix_class    1 
_struct_conf.details                 'NON-STANDARD TORSION ANGLES' 
_struct_conf.pdbx_PDB_helix_length   8 
# 
_struct_conf_type.id          HELX_P 
_struct_conf_type.criteria    ? 
_struct_conf_type.reference   ? 
# 
_struct_conn.id                            disulf1 
_struct_conn.conn_type_id                  disulf 
_struct_conn.pdbx_leaving_atom_flag        ? 
_struct_conn.pdbx_PDB_id                   ? 
_struct_conn.ptnr1_label_asym_id           A 
_struct_conn.ptnr1_label_comp_id           CYS 
_struct_conn.ptnr1_label_seq_id            22 
_struct_conn.ptnr1_label_atom_id           SG 
_struct_conn.pdbx_ptnr1_label_alt_id       ? 
_struct_conn.pdbx_ptnr1_PDB_ins_code       ? 
_struct_conn.pdbx_ptnr1_standard_comp_id   ? 
_struct_conn.ptnr1_symmetry                1_555 
_struct_conn.ptnr2_label_asym_id           A 
_struct_conn.ptnr2_label_comp_id           CYS 
_struct_conn.ptnr2_label_seq_id            89 
_struct_conn.ptnr2_label_atom_id           SG 
_struct_conn.pdbx_ptnr2_label_alt_id       ? 
_struct_conn.pdbx_ptnr2_PDB_ins_code       ? 
_struct_conn.ptnr1_auth_asym_id            A 
_struct_conn.ptnr1_auth_comp_id            CYS 
_struct_conn.ptnr1_auth_seq_id             22 
_struct_conn.ptnr2_auth_asym_id            A 
_struct_conn.ptnr2_auth_comp_id            CYS 
_struct_conn.ptnr2_auth_seq_id             89 
_struct_conn.ptnr2_symmetry                1_555 
_struct_conn.pdbx_ptnr3_label_atom_id      ? 
_struct_conn.pdbx_ptnr3_label_seq_id       ? 
_struct_conn.pdbx_ptnr3_label_comp_id      ? 
_struct_conn.pdbx_ptnr3_label_asym_id      ? 
_struct_conn.pdbx_ptnr3_label_alt_id       ? 
_struct_conn.pdbx_ptnr3_PDB_ins_code       ? 
_struct_conn.details                       ? 
_struct_conn.pdbx_dist_value               2.026 
_struct_conn.pdbx_value_order              ? 
_struct_conn.pdbx_role                     ? 
# 
_struct_conn_type.id          disulf 
_struct_conn_type.criteria    ? 
_struct_conn_type.reference   ? 
# 
_pdbx_modification_feature.ordinal                            1 
_pdbx_modification_feature.label_comp_id                      CYS 
_pdbx_modification_feature.label_asym_id                      A 
_pdbx_modification_feature.label_seq_id                       22 
_pdbx_modification_feature.label_alt_id                       ? 
_pdbx_modification_feature.modified_residue_label_comp_id     CYS 
_pdbx_modification_feature.modified_residue_label_asym_id     A 
_pdbx_modification_feature.modified_residue_label_seq_id      89 
_pdbx_modification_feature.modified_residue_label_alt_id      ? 
_pdbx_modification_feature.auth_comp_id                       CYS 
_pdbx_modification_feature.auth_asym_id                       A 
_pdbx_modification_feature.auth_seq_id                        22 
_pdbx_modification_feature.PDB_ins_code                       ? 
_pdbx_modification_feature.symmetry                           1_555 
_pdbx_modification_feature.modified_residue_auth_comp_id      CYS 
_pdbx_modification_feature.modified_residue_auth_asym_id      A 
_pdbx_modification_feature.modified_residue_auth_seq_id       89 
_pdbx_modification_feature.modified_residue_PDB_ins_code      ? 
_pdbx_modification_feature.modified_residue_symmetry          1_555 
_pdbx_modification_feature.comp_id_linking_atom               SG 
_pdbx_modification_feature.modified_residue_id_linking_atom   SG 
_pdbx_modification_feature.modified_residue_id                . 
_pdbx_modification_feature.ref_pcm_id                         . 
_pdbx_modification_feature.ref_comp_id                        . 
_pdbx_modification_feature.type                               None 
_pdbx_modification_feature.category                           'Disulfide bridge' 
# 
loop_
_struct_sheet.id 
_struct_sheet.type 
_struct_sheet.number_strands 
_struct_sheet.details 
A ? 3 ? 
B ? 4 ? 
# 
loop_
_struct_sheet_order.sheet_id 
_struct_sheet_order.range_id_1 
_struct_sheet_order.range_id_2 
_struct_sheet_order.offset 
_struct_sheet_order.sense 
A 1 2 ? anti-parallel 
A 2 3 ? anti-parallel 
B 1 2 ? anti-parallel 
B 2 3 ? anti-parallel 
B 3 4 ? anti-parallel 
# 
loop_
_struct_sheet_range.sheet_id 
_struct_sheet_range.id 
_struct_sheet_range.beg_label_comp_id 
_struct_sheet_range.beg_label_asym_id 
_struct_sheet_range.beg_label_seq_id 
_struct_sheet_range.pdbx_beg_PDB_ins_code 
_struct_sheet_range.end_label_comp_id 
_struct_sheet_range.end_label_asym_id 
_struct_sheet_range.end_label_seq_id 
_struct_sheet_range.pdbx_end_PDB_ins_code 
_struct_sheet_range.beg_auth_comp_id 
_struct_sheet_range.beg_auth_asym_id 
_struct_sheet_range.beg_auth_seq_id 
_struct_sheet_range.end_auth_comp_id 
_struct_sheet_range.end_auth_asym_id 
_struct_sheet_range.end_auth_seq_id 
A 1 GLY A 15  ? GLY A 24  ? GLY A 15  GLY A 24  
A 2 THR A 70  ? LEU A 79  ? THR A 70  LEU A 79  
A 3 ARG A 62  ? SER A 68  ? ARG A 62  SER A 68  
B 1 LYS A 46  ? ILE A 49  ? LYS A 46  ILE A 49  
B 2 ILE A 35  ? GLN A 39  ? ILE A 35  GLN A 39  
B 3 ALA A 85  ? ALA A 91  ? ALA A 85  ALA A 91  
B 4 GLY A 100 ? LEU A 107 ? GLY A 100 LEU A 107 
# 
loop_
_pdbx_struct_sheet_hbond.sheet_id 
_pdbx_struct_sheet_hbond.range_id_1 
_pdbx_struct_sheet_hbond.range_id_2 
_pdbx_struct_sheet_hbond.range_1_label_atom_id 
_pdbx_struct_sheet_hbond.range_1_label_comp_id 
_pdbx_struct_sheet_hbond.range_1_label_asym_id 
_pdbx_struct_sheet_hbond.range_1_label_seq_id 
_pdbx_struct_sheet_hbond.range_1_PDB_ins_code 
_pdbx_struct_sheet_hbond.range_1_auth_atom_id 
_pdbx_struct_sheet_hbond.range_1_auth_comp_id 
_pdbx_struct_sheet_hbond.range_1_auth_asym_id 
_pdbx_struct_sheet_hbond.range_1_auth_seq_id 
_pdbx_struct_sheet_hbond.range_2_label_atom_id 
_pdbx_struct_sheet_hbond.range_2_label_comp_id 
_pdbx_struct_sheet_hbond.range_2_label_asym_id 
_pdbx_struct_sheet_hbond.range_2_label_seq_id 
_pdbx_struct_sheet_hbond.range_2_PDB_ins_code 
_pdbx_struct_sheet_hbond.range_2_auth_atom_id 
_pdbx_struct_sheet_hbond.range_2_auth_comp_id 
_pdbx_struct_sheet_hbond.range_2_auth_asym_id 
_pdbx_struct_sheet_hbond.range_2_auth_seq_id 
A 1 2 N GLY A 24 ? N GLY A 24 O THR A 70  ? O THR A 70  
A 2 3 N SER A 77 ? N SER A 77 O ARG A 62  ? O ARG A 62  
B 1 2 O ILE A 49 ? O ILE A 49 N TRP A 36  ? N TRP A 36  
B 2 3 N GLN A 39 ? N GLN A 39 O ASP A 86  ? O ASP A 86  
B 3 4 O ALA A 91 ? O ALA A 91 N GLY A 100 ? N GLY A 100 
# 
_pdbx_entry_details.entry_id                   2RHE 
_pdbx_entry_details.compound_details           ? 
_pdbx_entry_details.source_details             ? 
_pdbx_entry_details.nonpolymer_details         ? 
_pdbx_entry_details.sequence_details           ? 
_pdbx_entry_details.has_ligand_of_interest     ? 
_pdbx_entry_details.has_protein_modification   Y 
# 
_pdbx_validate_close_contact.id               1 
_pdbx_validate_close_contact.PDB_model_num    1 
_pdbx_validate_close_contact.auth_atom_id_1   O 
_pdbx_validate_close_contact.auth_asym_id_1   A 
_pdbx_validate_close_contact.auth_comp_id_1   HOH 
_pdbx_validate_close_contact.auth_seq_id_1    258 
_pdbx_validate_close_contact.PDB_ins_code_1   ? 
_pdbx_validate_close_contact.label_alt_id_1   ? 
_pdbx_validate_close_contact.auth_atom_id_2   O 
_pdbx_validate_close_contact.auth_asym_id_2   A 
_pdbx_validate_close_contact.auth_comp_id_2   HOH 
_pdbx_validate_close_contact.auth_seq_id_2    259 
_pdbx_validate_close_contact.PDB_ins_code_2   ? 
_pdbx_validate_close_contact.label_alt_id_2   ? 
_pdbx_validate_close_contact.dist             2.17 
# 
loop_
_pdbx_validate_rmsd_bond.id 
_pdbx_validate_rmsd_bond.PDB_model_num 
_pdbx_validate_rmsd_bond.auth_atom_id_1 
_pdbx_validate_rmsd_bond.auth_asym_id_1 
_pdbx_validate_rmsd_bond.auth_comp_id_1 
_pdbx_validate_rmsd_bond.auth_seq_id_1 
_pdbx_validate_rmsd_bond.PDB_ins_code_1 
_pdbx_validate_rmsd_bond.label_alt_id_1 
_pdbx_validate_rmsd_bond.auth_atom_id_2 
_pdbx_validate_rmsd_bond.auth_asym_id_2 
_pdbx_validate_rmsd_bond.auth_comp_id_2 
_pdbx_validate_rmsd_bond.auth_seq_id_2 
_pdbx_validate_rmsd_bond.PDB_ins_code_2 
_pdbx_validate_rmsd_bond.label_alt_id_2 
_pdbx_validate_rmsd_bond.bond_value 
_pdbx_validate_rmsd_bond.bond_target_value 
_pdbx_validate_rmsd_bond.bond_deviation 
_pdbx_validate_rmsd_bond.bond_standard_deviation 
_pdbx_validate_rmsd_bond.linker_flag 
1 1 CA A SER 9  ? ? CB A SER 9  ? ? 1.640 1.525 0.115 0.015 N 
2 1 CA A SER 57 ? ? CB A SER 57 ? ? 1.642 1.525 0.117 0.015 N 
# 
loop_
_pdbx_validate_rmsd_angle.id 
_pdbx_validate_rmsd_angle.PDB_model_num 
_pdbx_validate_rmsd_angle.auth_atom_id_1 
_pdbx_validate_rmsd_angle.auth_asym_id_1 
_pdbx_validate_rmsd_angle.auth_comp_id_1 
_pdbx_validate_rmsd_angle.auth_seq_id_1 
_pdbx_validate_rmsd_angle.PDB_ins_code_1 
_pdbx_validate_rmsd_angle.label_alt_id_1 
_pdbx_validate_rmsd_angle.auth_atom_id_2 
_pdbx_validate_rmsd_angle.auth_asym_id_2 
_pdbx_validate_rmsd_angle.auth_comp_id_2 
_pdbx_validate_rmsd_angle.auth_seq_id_2 
_pdbx_validate_rmsd_angle.PDB_ins_code_2 
_pdbx_validate_rmsd_angle.label_alt_id_2 
_pdbx_validate_rmsd_angle.auth_atom_id_3 
_pdbx_validate_rmsd_angle.auth_asym_id_3 
_pdbx_validate_rmsd_angle.auth_comp_id_3 
_pdbx_validate_rmsd_angle.auth_seq_id_3 
_pdbx_validate_rmsd_angle.PDB_ins_code_3 
_pdbx_validate_rmsd_angle.label_alt_id_3 
_pdbx_validate_rmsd_angle.angle_value 
_pdbx_validate_rmsd_angle.angle_target_value 
_pdbx_validate_rmsd_angle.angle_deviation 
_pdbx_validate_rmsd_angle.angle_standard_deviation 
_pdbx_validate_rmsd_angle.linker_flag 
1  1 C   A GLU 1   ? ? N   A SER 2   ? ? CA  A SER 2   ? ? 137.27 121.70 15.57  2.50 Y 
2  1 N   A SER 2   ? ? CA  A SER 2   ? ? CB  A SER 2   ? ? 124.84 110.50 14.34  1.50 N 
3  1 CA  A SER 2   ? ? CB  A SER 2   ? ? OG  A SER 2   ? ? 128.12 111.20 16.92  2.70 N 
4  1 CA  A SER 9   ? ? CB  A SER 9   ? ? OG  A SER 9   ? ? 86.62  111.20 -24.58 2.70 N 
5  1 N   A ALA 10  ? ? CA  A ALA 10  ? ? CB  A ALA 10  ? ? 119.69 110.10 9.59   1.40 N 
6  1 CA  A ILE 35  ? ? CB  A ILE 35  ? ? CG2 A ILE 35  ? ? 127.91 110.90 17.01  2.00 N 
7  1 CB  A TYR 37  ? ? CG  A TYR 37  ? ? CD2 A TYR 37  ? ? 117.33 121.00 -3.67  0.60 N 
8  1 CB  A LYS 46  ? ? CG  A LYS 46  ? ? CD  A LYS 46  ? ? 141.22 111.60 29.62  2.60 N 
9  1 CB  A ASP 53  ? ? CG  A ASP 53  ? ? OD1 A ASP 53  ? ? 127.48 118.30 9.18   0.90 N 
10 1 N   A SER 57  ? ? CA  A SER 57  ? ? CB  A SER 57  ? ? 126.15 110.50 15.65  1.50 N 
11 1 CA  A SER 57  ? ? CB  A SER 57  ? ? OG  A SER 57  ? ? 88.89  111.20 -22.31 2.70 N 
12 1 CB  A ASP 61  ? ? CG  A ASP 61  ? ? OD2 A ASP 61  ? ? 106.09 118.30 -12.21 0.90 N 
13 1 CD  A ARG 62  ? ? NE  A ARG 62  ? ? CZ  A ARG 62  ? ? 139.79 123.60 16.19  1.40 N 
14 1 N   A SER 64  ? ? CA  A SER 64  ? ? CB  A SER 64  ? ? 119.89 110.50 9.39   1.50 N 
15 1 CG  A LYS 67  ? ? CD  A LYS 67  ? ? CE  A LYS 67  ? ? 135.47 111.90 23.57  3.00 N 
16 1 CA  A GLY 69  ? ? C   A GLY 69  ? ? O   A GLY 69  ? ? 106.85 120.60 -13.75 1.80 N 
17 1 N   A SER 73  ? ? CA  A SER 73  ? ? CB  A SER 73  ? ? 100.18 110.50 -10.32 1.50 N 
18 1 OE1 A GLU 80  ? ? CD  A GLU 80  ? ? OE2 A GLU 80  ? ? 131.19 123.30 7.89   1.20 N 
19 1 CB  A ASP 86  ? ? CG  A ASP 86  ? ? OD2 A ASP 86  ? ? 107.77 118.30 -10.53 0.90 N 
20 1 CB  A TYR 88  ? ? CG  A TYR 88  ? ? CD1 A TYR 88  ? ? 117.26 121.00 -3.74  0.60 N 
21 1 CG  A TYR 88  ? ? CD1 A TYR 88  ? ? CE1 A TYR 88  ? ? 116.19 121.30 -5.11  0.80 N 
22 1 OD1 A ASP 94  ? ? CG  A ASP 94  ? ? OD2 A ASP 94  ? ? 111.51 123.30 -11.79 1.90 N 
23 1 CB  A ASP 94  ? ? CG  A ASP 94  ? ? OD1 A ASP 94  ? ? 125.74 118.30 7.44   0.90 N 
24 1 CB  A ASP 97  ? ? CG  A ASP 97  ? ? OD1 A ASP 97  ? ? 106.13 118.30 -12.17 0.90 N 
25 1 CA  A GLU 98  ? ? CB  A GLU 98  ? ? CG  A GLU 98  ? ? 159.31 113.40 45.91  2.20 N 
26 1 CB  A PHE 101 ? ? CG  A PHE 101 ? ? CD2 A PHE 101 ? ? 116.24 120.80 -4.56  0.70 N 
# 
loop_
_pdbx_validate_torsion.id 
_pdbx_validate_torsion.PDB_model_num 
_pdbx_validate_torsion.auth_comp_id 
_pdbx_validate_torsion.auth_asym_id 
_pdbx_validate_torsion.auth_seq_id 
_pdbx_validate_torsion.PDB_ins_code 
_pdbx_validate_torsion.label_alt_id 
_pdbx_validate_torsion.phi 
_pdbx_validate_torsion.psi 
1 1 SER A 2  ? ? 68.52   -14.59 
2 1 ASP A 28 ? ? -113.75 -94.33 
3 1 ASN A 52 ? ? 70.94   -45.67 
4 1 ASP A 53 ? ? -143.68 11.48  
# 
_pdbx_validate_chiral.id              1 
_pdbx_validate_chiral.PDB_model_num   1 
_pdbx_validate_chiral.auth_atom_id    CB 
_pdbx_validate_chiral.label_alt_id    ? 
_pdbx_validate_chiral.auth_asym_id    A 
_pdbx_validate_chiral.auth_comp_id    ILE 
_pdbx_validate_chiral.auth_seq_id     35 
_pdbx_validate_chiral.PDB_ins_code    ? 
_pdbx_validate_chiral.details         PLANAR 
_pdbx_validate_chiral.omega           . 
# 
loop_
_chem_comp_atom.comp_id 
_chem_comp_atom.atom_id 
_chem_comp_atom.type_symbol 
_chem_comp_atom.pdbx_aromatic_flag 
_chem_comp_atom.pdbx_stereo_config 
_chem_comp_atom.pdbx_ordinal 
ALA N    N N N 1   
ALA CA   C N S 2   
ALA C    C N N 3   
ALA O    O N N 4   
ALA CB   C N N 5   
ALA OXT  O N N 6   
ALA H    H N N 7   
ALA H2   H N N 8   
ALA HA   H N N 9   
ALA HB1  H N N 10  
ALA HB2  H N N 11  
ALA HB3  H N N 12  
ALA HXT  H N N 13  
ARG N    N N N 14  
ARG CA   C N S 15  
ARG C    C N N 16  
ARG O    O N N 17  
ARG CB   C N N 18  
ARG CG   C N N 19  
ARG CD   C N N 20  
ARG NE   N N N 21  
ARG CZ   C N N 22  
ARG NH1  N N N 23  
ARG NH2  N N N 24  
ARG OXT  O N N 25  
ARG H    H N N 26  
ARG H2   H N N 27  
ARG HA   H N N 28  
ARG HB2  H N N 29  
ARG HB3  H N N 30  
ARG HG2  H N N 31  
ARG HG3  H N N 32  
ARG HD2  H N N 33  
ARG HD3  H N N 34  
ARG HE   H N N 35  
ARG HH11 H N N 36  
ARG HH12 H N N 37  
ARG HH21 H N N 38  
ARG HH22 H N N 39  
ARG HXT  H N N 40  
ASN N    N N N 41  
ASN CA   C N S 42  
ASN C    C N N 43  
ASN O    O N N 44  
ASN CB   C N N 45  
ASN CG   C N N 46  
ASN OD1  O N N 47  
ASN ND2  N N N 48  
ASN OXT  O N N 49  
ASN H    H N N 50  
ASN H2   H N N 51  
ASN HA   H N N 52  
ASN HB2  H N N 53  
ASN HB3  H N N 54  
ASN HD21 H N N 55  
ASN HD22 H N N 56  
ASN HXT  H N N 57  
ASP N    N N N 58  
ASP CA   C N S 59  
ASP C    C N N 60  
ASP O    O N N 61  
ASP CB   C N N 62  
ASP CG   C N N 63  
ASP OD1  O N N 64  
ASP OD2  O N N 65  
ASP OXT  O N N 66  
ASP H    H N N 67  
ASP H2   H N N 68  
ASP HA   H N N 69  
ASP HB2  H N N 70  
ASP HB3  H N N 71  
ASP HD2  H N N 72  
ASP HXT  H N N 73  
CYS N    N N N 74  
CYS CA   C N R 75  
CYS C    C N N 76  
CYS O    O N N 77  
CYS CB   C N N 78  
CYS SG   S N N 79  
CYS OXT  O N N 80  
CYS H    H N N 81  
CYS H2   H N N 82  
CYS HA   H N N 83  
CYS HB2  H N N 84  
CYS HB3  H N N 85  
CYS HG   H N N 86  
CYS HXT  H N N 87  
GLN N    N N N 88  
GLN CA   C N S 89  
GLN C    C N N 90  
GLN O    O N N 91  
GLN CB   C N N 92  
GLN CG   C N N 93  
GLN CD   C N N 94  
GLN OE1  O N N 95  
GLN NE2  N N N 96  
GLN OXT  O N N 97  
GLN H    H N N 98  
GLN H2   H N N 99  
GLN HA   H N N 100 
GLN HB2  H N N 101 
GLN HB3  H N N 102 
GLN HG2  H N N 103 
GLN HG3  H N N 104 
GLN HE21 H N N 105 
GLN HE22 H N N 106 
GLN HXT  H N N 107 
GLU N    N N N 108 
GLU CA   C N S 109 
GLU C    C N N 110 
GLU O    O N N 111 
GLU CB   C N N 112 
GLU CG   C N N 113 
GLU CD   C N N 114 
GLU OE1  O N N 115 
GLU OE2  O N N 116 
GLU OXT  O N N 117 
GLU H    H N N 118 
GLU H2   H N N 119 
GLU HA   H N N 120 
GLU HB2  H N N 121 
GLU HB3  H N N 122 
GLU HG2  H N N 123 
GLU HG3  H N N 124 
GLU HE2  H N N 125 
GLU HXT  H N N 126 
GLY N    N N N 127 
GLY CA   C N N 128 
GLY C    C N N 129 
GLY O    O N N 130 
GLY OXT  O N N 131 
GLY H    H N N 132 
GLY H2   H N N 133 
GLY HA2  H N N 134 
GLY HA3  H N N 135 
GLY HXT  H N N 136 
HOH O    O N N 137 
HOH H1   H N N 138 
HOH H2   H N N 139 
ILE N    N N N 140 
ILE CA   C N S 141 
ILE C    C N N 142 
ILE O    O N N 143 
ILE CB   C N S 144 
ILE CG1  C N N 145 
ILE CG2  C N N 146 
ILE CD1  C N N 147 
ILE OXT  O N N 148 
ILE H    H N N 149 
ILE H2   H N N 150 
ILE HA   H N N 151 
ILE HB   H N N 152 
ILE HG12 H N N 153 
ILE HG13 H N N 154 
ILE HG21 H N N 155 
ILE HG22 H N N 156 
ILE HG23 H N N 157 
ILE HD11 H N N 158 
ILE HD12 H N N 159 
ILE HD13 H N N 160 
ILE HXT  H N N 161 
LEU N    N N N 162 
LEU CA   C N S 163 
LEU C    C N N 164 
LEU O    O N N 165 
LEU CB   C N N 166 
LEU CG   C N N 167 
LEU CD1  C N N 168 
LEU CD2  C N N 169 
LEU OXT  O N N 170 
LEU H    H N N 171 
LEU H2   H N N 172 
LEU HA   H N N 173 
LEU HB2  H N N 174 
LEU HB3  H N N 175 
LEU HG   H N N 176 
LEU HD11 H N N 177 
LEU HD12 H N N 178 
LEU HD13 H N N 179 
LEU HD21 H N N 180 
LEU HD22 H N N 181 
LEU HD23 H N N 182 
LEU HXT  H N N 183 
LYS N    N N N 184 
LYS CA   C N S 185 
LYS C    C N N 186 
LYS O    O N N 187 
LYS CB   C N N 188 
LYS CG   C N N 189 
LYS CD   C N N 190 
LYS CE   C N N 191 
LYS NZ   N N N 192 
LYS OXT  O N N 193 
LYS H    H N N 194 
LYS H2   H N N 195 
LYS HA   H N N 196 
LYS HB2  H N N 197 
LYS HB3  H N N 198 
LYS HG2  H N N 199 
LYS HG3  H N N 200 
LYS HD2  H N N 201 
LYS HD3  H N N 202 
LYS HE2  H N N 203 
LYS HE3  H N N 204 
LYS HZ1  H N N 205 
LYS HZ2  H N N 206 
LYS HZ3  H N N 207 
LYS HXT  H N N 208 
PHE N    N N N 209 
PHE CA   C N S 210 
PHE C    C N N 211 
PHE O    O N N 212 
PHE CB   C N N 213 
PHE CG   C Y N 214 
PHE CD1  C Y N 215 
PHE CD2  C Y N 216 
PHE CE1  C Y N 217 
PHE CE2  C Y N 218 
PHE CZ   C Y N 219 
PHE OXT  O N N 220 
PHE H    H N N 221 
PHE H2   H N N 222 
PHE HA   H N N 223 
PHE HB2  H N N 224 
PHE HB3  H N N 225 
PHE HD1  H N N 226 
PHE HD2  H N N 227 
PHE HE1  H N N 228 
PHE HE2  H N N 229 
PHE HZ   H N N 230 
PHE HXT  H N N 231 
PRO N    N N N 232 
PRO CA   C N S 233 
PRO C    C N N 234 
PRO O    O N N 235 
PRO CB   C N N 236 
PRO CG   C N N 237 
PRO CD   C N N 238 
PRO OXT  O N N 239 
PRO H    H N N 240 
PRO HA   H N N 241 
PRO HB2  H N N 242 
PRO HB3  H N N 243 
PRO HG2  H N N 244 
PRO HG3  H N N 245 
PRO HD2  H N N 246 
PRO HD3  H N N 247 
PRO HXT  H N N 248 
SER N    N N N 249 
SER CA   C N S 250 
SER C    C N N 251 
SER O    O N N 252 
SER CB   C N N 253 
SER OG   O N N 254 
SER OXT  O N N 255 
SER H    H N N 256 
SER H2   H N N 257 
SER HA   H N N 258 
SER HB2  H N N 259 
SER HB3  H N N 260 
SER HG   H N N 261 
SER HXT  H N N 262 
THR N    N N N 263 
THR CA   C N S 264 
THR C    C N N 265 
THR O    O N N 266 
THR CB   C N R 267 
THR OG1  O N N 268 
THR CG2  C N N 269 
THR OXT  O N N 270 
THR H    H N N 271 
THR H2   H N N 272 
THR HA   H N N 273 
THR HB   H N N 274 
THR HG1  H N N 275 
THR HG21 H N N 276 
THR HG22 H N N 277 
THR HG23 H N N 278 
THR HXT  H N N 279 
TRP N    N N N 280 
TRP CA   C N S 281 
TRP C    C N N 282 
TRP O    O N N 283 
TRP CB   C N N 284 
TRP CG   C Y N 285 
TRP CD1  C Y N 286 
TRP CD2  C Y N 287 
TRP NE1  N Y N 288 
TRP CE2  C Y N 289 
TRP CE3  C Y N 290 
TRP CZ2  C Y N 291 
TRP CZ3  C Y N 292 
TRP CH2  C Y N 293 
TRP OXT  O N N 294 
TRP H    H N N 295 
TRP H2   H N N 296 
TRP HA   H N N 297 
TRP HB2  H N N 298 
TRP HB3  H N N 299 
TRP HD1  H N N 300 
TRP HE1  H N N 301 
TRP HE3  H N N 302 
TRP HZ2  H N N 303 
TRP HZ3  H N N 304 
TRP HH2  H N N 305 
TRP HXT  H N N 306 
TYR N    N N N 307 
TYR CA   C N S 308 
TYR C    C N N 309 
TYR O    O N N 310 
TYR CB   C N N 311 
TYR CG   C Y N 312 
TYR CD1  C Y N 313 
TYR CD2  C Y N 314 
TYR CE1  C Y N 315 
TYR CE2  C Y N 316 
TYR CZ   C Y N 317 
TYR OH   O N N 318 
TYR OXT  O N N 319 
TYR H    H N N 320 
TYR H2   H N N 321 
TYR HA   H N N 322 
TYR HB2  H N N 323 
TYR HB3  H N N 324 
TYR HD1  H N N 325 
TYR HD2  H N N 326 
TYR HE1  H N N 327 
TYR HE2  H N N 328 
TYR HH   H N N 329 
TYR HXT  H N N 330 
VAL N    N N N 331 
VAL CA   C N S 332 
VAL C    C N N 333 
VAL O    O N N 334 
VAL CB   C N N 335 
VAL CG1  C N N 336 
VAL CG2  C N N 337 
VAL OXT  O N N 338 
VAL H    H N N 339 
VAL H2   H N N 340 
VAL HA   H N N 341 
VAL HB   H N N 342 
VAL HG11 H N N 343 
VAL HG12 H N N 344 
VAL HG13 H N N 345 
VAL HG21 H N N 346 
VAL HG22 H N N 347 
VAL HG23 H N N 348 
VAL HXT  H N N 349 
# 
loop_
_chem_comp_bond.comp_id 
_chem_comp_bond.atom_id_1 
_chem_comp_bond.atom_id_2 
_chem_comp_bond.value_order 
_chem_comp_bond.pdbx_aromatic_flag 
_chem_comp_bond.pdbx_stereo_config 
_chem_comp_bond.pdbx_ordinal 
ALA N   CA   sing N N 1   
ALA N   H    sing N N 2   
ALA N   H2   sing N N 3   
ALA CA  C    sing N N 4   
ALA CA  CB   sing N N 5   
ALA CA  HA   sing N N 6   
ALA C   O    doub N N 7   
ALA C   OXT  sing N N 8   
ALA CB  HB1  sing N N 9   
ALA CB  HB2  sing N N 10  
ALA CB  HB3  sing N N 11  
ALA OXT HXT  sing N N 12  
ARG N   CA   sing N N 13  
ARG N   H    sing N N 14  
ARG N   H2   sing N N 15  
ARG CA  C    sing N N 16  
ARG CA  CB   sing N N 17  
ARG CA  HA   sing N N 18  
ARG C   O    doub N N 19  
ARG C   OXT  sing N N 20  
ARG CB  CG   sing N N 21  
ARG CB  HB2  sing N N 22  
ARG CB  HB3  sing N N 23  
ARG CG  CD   sing N N 24  
ARG CG  HG2  sing N N 25  
ARG CG  HG3  sing N N 26  
ARG CD  NE   sing N N 27  
ARG CD  HD2  sing N N 28  
ARG CD  HD3  sing N N 29  
ARG NE  CZ   sing N N 30  
ARG NE  HE   sing N N 31  
ARG CZ  NH1  sing N N 32  
ARG CZ  NH2  doub N N 33  
ARG NH1 HH11 sing N N 34  
ARG NH1 HH12 sing N N 35  
ARG NH2 HH21 sing N N 36  
ARG NH2 HH22 sing N N 37  
ARG OXT HXT  sing N N 38  
ASN N   CA   sing N N 39  
ASN N   H    sing N N 40  
ASN N   H2   sing N N 41  
ASN CA  C    sing N N 42  
ASN CA  CB   sing N N 43  
ASN CA  HA   sing N N 44  
ASN C   O    doub N N 45  
ASN C   OXT  sing N N 46  
ASN CB  CG   sing N N 47  
ASN CB  HB2  sing N N 48  
ASN CB  HB3  sing N N 49  
ASN CG  OD1  doub N N 50  
ASN CG  ND2  sing N N 51  
ASN ND2 HD21 sing N N 52  
ASN ND2 HD22 sing N N 53  
ASN OXT HXT  sing N N 54  
ASP N   CA   sing N N 55  
ASP N   H    sing N N 56  
ASP N   H2   sing N N 57  
ASP CA  C    sing N N 58  
ASP CA  CB   sing N N 59  
ASP CA  HA   sing N N 60  
ASP C   O    doub N N 61  
ASP C   OXT  sing N N 62  
ASP CB  CG   sing N N 63  
ASP CB  HB2  sing N N 64  
ASP CB  HB3  sing N N 65  
ASP CG  OD1  doub N N 66  
ASP CG  OD2  sing N N 67  
ASP OD2 HD2  sing N N 68  
ASP OXT HXT  sing N N 69  
CYS N   CA   sing N N 70  
CYS N   H    sing N N 71  
CYS N   H2   sing N N 72  
CYS CA  C    sing N N 73  
CYS CA  CB   sing N N 74  
CYS CA  HA   sing N N 75  
CYS C   O    doub N N 76  
CYS C   OXT  sing N N 77  
CYS CB  SG   sing N N 78  
CYS CB  HB2  sing N N 79  
CYS CB  HB3  sing N N 80  
CYS SG  HG   sing N N 81  
CYS OXT HXT  sing N N 82  
GLN N   CA   sing N N 83  
GLN N   H    sing N N 84  
GLN N   H2   sing N N 85  
GLN CA  C    sing N N 86  
GLN CA  CB   sing N N 87  
GLN CA  HA   sing N N 88  
GLN C   O    doub N N 89  
GLN C   OXT  sing N N 90  
GLN CB  CG   sing N N 91  
GLN CB  HB2  sing N N 92  
GLN CB  HB3  sing N N 93  
GLN CG  CD   sing N N 94  
GLN CG  HG2  sing N N 95  
GLN CG  HG3  sing N N 96  
GLN CD  OE1  doub N N 97  
GLN CD  NE2  sing N N 98  
GLN NE2 HE21 sing N N 99  
GLN NE2 HE22 sing N N 100 
GLN OXT HXT  sing N N 101 
GLU N   CA   sing N N 102 
GLU N   H    sing N N 103 
GLU N   H2   sing N N 104 
GLU CA  C    sing N N 105 
GLU CA  CB   sing N N 106 
GLU CA  HA   sing N N 107 
GLU C   O    doub N N 108 
GLU C   OXT  sing N N 109 
GLU CB  CG   sing N N 110 
GLU CB  HB2  sing N N 111 
GLU CB  HB3  sing N N 112 
GLU CG  CD   sing N N 113 
GLU CG  HG2  sing N N 114 
GLU CG  HG3  sing N N 115 
GLU CD  OE1  doub N N 116 
GLU CD  OE2  sing N N 117 
GLU OE2 HE2  sing N N 118 
GLU OXT HXT  sing N N 119 
GLY N   CA   sing N N 120 
GLY N   H    sing N N 121 
GLY N   H2   sing N N 122 
GLY CA  C    sing N N 123 
GLY CA  HA2  sing N N 124 
GLY CA  HA3  sing N N 125 
GLY C   O    doub N N 126 
GLY C   OXT  sing N N 127 
GLY OXT HXT  sing N N 128 
HOH O   H1   sing N N 129 
HOH O   H2   sing N N 130 
ILE N   CA   sing N N 131 
ILE N   H    sing N N 132 
ILE N   H2   sing N N 133 
ILE CA  C    sing N N 134 
ILE CA  CB   sing N N 135 
ILE CA  HA   sing N N 136 
ILE C   O    doub N N 137 
ILE C   OXT  sing N N 138 
ILE CB  CG1  sing N N 139 
ILE CB  CG2  sing N N 140 
ILE CB  HB   sing N N 141 
ILE CG1 CD1  sing N N 142 
ILE CG1 HG12 sing N N 143 
ILE CG1 HG13 sing N N 144 
ILE CG2 HG21 sing N N 145 
ILE CG2 HG22 sing N N 146 
ILE CG2 HG23 sing N N 147 
ILE CD1 HD11 sing N N 148 
ILE CD1 HD12 sing N N 149 
ILE CD1 HD13 sing N N 150 
ILE OXT HXT  sing N N 151 
LEU N   CA   sing N N 152 
LEU N   H    sing N N 153 
LEU N   H2   sing N N 154 
LEU CA  C    sing N N 155 
LEU CA  CB   sing N N 156 
LEU CA  HA   sing N N 157 
LEU C   O    doub N N 158 
LEU C   OXT  sing N N 159 
LEU CB  CG   sing N N 160 
LEU CB  HB2  sing N N 161 
LEU CB  HB3  sing N N 162 
LEU CG  CD1  sing N N 163 
LEU CG  CD2  sing N N 164 
LEU CG  HG   sing N N 165 
LEU CD1 HD11 sing N N 166 
LEU CD1 HD12 sing N N 167 
LEU CD1 HD13 sing N N 168 
LEU CD2 HD21 sing N N 169 
LEU CD2 HD22 sing N N 170 
LEU CD2 HD23 sing N N 171 
LEU OXT HXT  sing N N 172 
LYS N   CA   sing N N 173 
LYS N   H    sing N N 174 
LYS N   H2   sing N N 175 
LYS CA  C    sing N N 176 
LYS CA  CB   sing N N 177 
LYS CA  HA   sing N N 178 
LYS C   O    doub N N 179 
LYS C   OXT  sing N N 180 
LYS CB  CG   sing N N 181 
LYS CB  HB2  sing N N 182 
LYS CB  HB3  sing N N 183 
LYS CG  CD   sing N N 184 
LYS CG  HG2  sing N N 185 
LYS CG  HG3  sing N N 186 
LYS CD  CE   sing N N 187 
LYS CD  HD2  sing N N 188 
LYS CD  HD3  sing N N 189 
LYS CE  NZ   sing N N 190 
LYS CE  HE2  sing N N 191 
LYS CE  HE3  sing N N 192 
LYS NZ  HZ1  sing N N 193 
LYS NZ  HZ2  sing N N 194 
LYS NZ  HZ3  sing N N 195 
LYS OXT HXT  sing N N 196 
PHE N   CA   sing N N 197 
PHE N   H    sing N N 198 
PHE N   H2   sing N N 199 
PHE CA  C    sing N N 200 
PHE CA  CB   sing N N 201 
PHE CA  HA   sing N N 202 
PHE C   O    doub N N 203 
PHE C   OXT  sing N N 204 
PHE CB  CG   sing N N 205 
PHE CB  HB2  sing N N 206 
PHE CB  HB3  sing N N 207 
PHE CG  CD1  doub Y N 208 
PHE CG  CD2  sing Y N 209 
PHE CD1 CE1  sing Y N 210 
PHE CD1 HD1  sing N N 211 
PHE CD2 CE2  doub Y N 212 
PHE CD2 HD2  sing N N 213 
PHE CE1 CZ   doub Y N 214 
PHE CE1 HE1  sing N N 215 
PHE CE2 CZ   sing Y N 216 
PHE CE2 HE2  sing N N 217 
PHE CZ  HZ   sing N N 218 
PHE OXT HXT  sing N N 219 
PRO N   CA   sing N N 220 
PRO N   CD   sing N N 221 
PRO N   H    sing N N 222 
PRO CA  C    sing N N 223 
PRO CA  CB   sing N N 224 
PRO CA  HA   sing N N 225 
PRO C   O    doub N N 226 
PRO C   OXT  sing N N 227 
PRO CB  CG   sing N N 228 
PRO CB  HB2  sing N N 229 
PRO CB  HB3  sing N N 230 
PRO CG  CD   sing N N 231 
PRO CG  HG2  sing N N 232 
PRO CG  HG3  sing N N 233 
PRO CD  HD2  sing N N 234 
PRO CD  HD3  sing N N 235 
PRO OXT HXT  sing N N 236 
SER N   CA   sing N N 237 
SER N   H    sing N N 238 
SER N   H2   sing N N 239 
SER CA  C    sing N N 240 
SER CA  CB   sing N N 241 
SER CA  HA   sing N N 242 
SER C   O    doub N N 243 
SER C   OXT  sing N N 244 
SER CB  OG   sing N N 245 
SER CB  HB2  sing N N 246 
SER CB  HB3  sing N N 247 
SER OG  HG   sing N N 248 
SER OXT HXT  sing N N 249 
THR N   CA   sing N N 250 
THR N   H    sing N N 251 
THR N   H2   sing N N 252 
THR CA  C    sing N N 253 
THR CA  CB   sing N N 254 
THR CA  HA   sing N N 255 
THR C   O    doub N N 256 
THR C   OXT  sing N N 257 
THR CB  OG1  sing N N 258 
THR CB  CG2  sing N N 259 
THR CB  HB   sing N N 260 
THR OG1 HG1  sing N N 261 
THR CG2 HG21 sing N N 262 
THR CG2 HG22 sing N N 263 
THR CG2 HG23 sing N N 264 
THR OXT HXT  sing N N 265 
TRP N   CA   sing N N 266 
TRP N   H    sing N N 267 
TRP N   H2   sing N N 268 
TRP CA  C    sing N N 269 
TRP CA  CB   sing N N 270 
TRP CA  HA   sing N N 271 
TRP C   O    doub N N 272 
TRP C   OXT  sing N N 273 
TRP CB  CG   sing N N 274 
TRP CB  HB2  sing N N 275 
TRP CB  HB3  sing N N 276 
TRP CG  CD1  doub Y N 277 
TRP CG  CD2  sing Y N 278 
TRP CD1 NE1  sing Y N 279 
TRP CD1 HD1  sing N N 280 
TRP CD2 CE2  doub Y N 281 
TRP CD2 CE3  sing Y N 282 
TRP NE1 CE2  sing Y N 283 
TRP NE1 HE1  sing N N 284 
TRP CE2 CZ2  sing Y N 285 
TRP CE3 CZ3  doub Y N 286 
TRP CE3 HE3  sing N N 287 
TRP CZ2 CH2  doub Y N 288 
TRP CZ2 HZ2  sing N N 289 
TRP CZ3 CH2  sing Y N 290 
TRP CZ3 HZ3  sing N N 291 
TRP CH2 HH2  sing N N 292 
TRP OXT HXT  sing N N 293 
TYR N   CA   sing N N 294 
TYR N   H    sing N N 295 
TYR N   H2   sing N N 296 
TYR CA  C    sing N N 297 
TYR CA  CB   sing N N 298 
TYR CA  HA   sing N N 299 
TYR C   O    doub N N 300 
TYR C   OXT  sing N N 301 
TYR CB  CG   sing N N 302 
TYR CB  HB2  sing N N 303 
TYR CB  HB3  sing N N 304 
TYR CG  CD1  doub Y N 305 
TYR CG  CD2  sing Y N 306 
TYR CD1 CE1  sing Y N 307 
TYR CD1 HD1  sing N N 308 
TYR CD2 CE2  doub Y N 309 
TYR CD2 HD2  sing N N 310 
TYR CE1 CZ   doub Y N 311 
TYR CE1 HE1  sing N N 312 
TYR CE2 CZ   sing Y N 313 
TYR CE2 HE2  sing N N 314 
TYR CZ  OH   sing N N 315 
TYR OH  HH   sing N N 316 
TYR OXT HXT  sing N N 317 
VAL N   CA   sing N N 318 
VAL N   H    sing N N 319 
VAL N   H2   sing N N 320 
VAL CA  C    sing N N 321 
VAL CA  CB   sing N N 322 
VAL CA  HA   sing N N 323 
VAL C   O    doub N N 324 
VAL C   OXT  sing N N 325 
VAL CB  CG1  sing N N 326 
VAL CB  CG2  sing N N 327 
VAL CB  HB   sing N N 328 
VAL CG1 HG11 sing N N 329 
VAL CG1 HG12 sing N N 330 
VAL CG1 HG13 sing N N 331 
VAL CG2 HG21 sing N N 332 
VAL CG2 HG22 sing N N 333 
VAL CG2 HG23 sing N N 334 
VAL OXT HXT  sing N N 335 
# 
_atom_sites.entry_id                    2RHE 
_atom_sites.fract_transf_matrix[1][1]   -0.01016123 
_atom_sites.fract_transf_matrix[1][2]   -0.01489172 
_atom_sites.fract_transf_matrix[1][3]   -0.00317162 
_atom_sites.fract_transf_matrix[2][1]   0.01492039 
_atom_sites.fract_transf_matrix[2][2]   -0.00834238 
_atom_sites.fract_transf_matrix[2][3]   -0.00863187 
_atom_sites.fract_transf_matrix[3][1]   0.00683290 
_atom_sites.fract_transf_matrix[3][2]   -0.00903821 
_atom_sites.fract_transf_matrix[3][3]   0.02054591 
_atom_sites.fract_transf_vector[1]      -0.169251 
_atom_sites.fract_transf_vector[2]      -0.140109 
_atom_sites.fract_transf_vector[3]      0.343404 
# 
loop_
_atom_sites_footnote.id 
_atom_sites_footnote.text 
1 'SEE REMARK 6.'                                            
2 'THE SIDE CHAIN OF RESIDUE ILE 35 IS SLIGHTLY DISORDERED.' 
# 
loop_
_atom_type.symbol 
C 
N 
O 
S 
# 
loop_
_atom_site.group_PDB 
_atom_site.id 
_atom_site.type_symbol 
_atom_site.label_atom_id 
_atom_site.label_alt_id 
_atom_site.label_comp_id 
_atom_site.label_asym_id 
_atom_site.label_entity_id 
_atom_site.label_seq_id 
_atom_site.pdbx_PDB_ins_code 
_atom_site.Cartn_x 
_atom_site.Cartn_y 
_atom_site.Cartn_z 
_atom_site.occupancy 
_atom_site.B_iso_or_equiv 
_atom_site.pdbx_formal_charge 
_atom_site.auth_seq_id 
_atom_site.auth_comp_id 
_atom_site.auth_asym_id 
_atom_site.auth_atom_id 
_atom_site.pdbx_PDB_model_num 
ATOM   1    N N   . GLU A 1 1   ? 11.271  1.740   -5.708  1.00 50.18 ? 1   GLU A N   1 
ATOM   2    C CA  . GLU A 1 1   ? 11.041  3.154   -5.431  1.00 51.64 ? 1   GLU A CA  1 
ATOM   3    C C   . GLU A 1 1   ? 11.379  4.113   -6.572  1.00 50.06 ? 1   GLU A C   1 
ATOM   4    O O   . GLU A 1 1   ? 11.836  3.934   -7.717  1.00 51.42 ? 1   GLU A O   1 
ATOM   5    C CB  . GLU A 1 1   ? 11.788  3.591   -4.163  1.00 54.84 ? 1   GLU A CB  1 
ATOM   6    C CG  . GLU A 1 1   ? 11.856  5.027   -3.680  1.00 58.68 ? 1   GLU A CG  1 
ATOM   7    C CD  . GLU A 1 1   ? 13.037  5.821   -4.203  1.00 61.66 ? 1   GLU A CD  1 
ATOM   8    O OE1 . GLU A 1 1   ? 13.810  5.448   -5.103  1.00 61.96 ? 1   GLU A OE1 1 
ATOM   9    O OE2 . GLU A 1 1   ? 13.116  6.968   -3.667  1.00 63.51 ? 1   GLU A OE2 1 
ATOM   10   N N   . SER A 1 2   ? 11.083  5.350   -6.238  1.00 45.61 ? 2   SER A N   1 
ATOM   11   C CA  . SER A 1 2   ? 11.187  6.645   -6.822  1.00 40.41 ? 2   SER A CA  1 
ATOM   12   C C   . SER A 1 2   ? 10.220  6.717   -7.988  1.00 33.98 ? 2   SER A C   1 
ATOM   13   O O   . SER A 1 2   ? 9.979   7.913   -8.272  1.00 36.62 ? 2   SER A O   1 
ATOM   14   C CB  . SER A 1 2   ? 12.465  7.416   -6.977  1.00 44.00 ? 2   SER A CB  1 
ATOM   15   O OG  . SER A 1 2   ? 13.254  7.582   -8.148  1.00 46.28 ? 2   SER A OG  1 
ATOM   16   N N   . VAL A 1 3   ? 9.694   5.579   -8.462  1.00 23.49 ? 3   VAL A N   1 
ATOM   17   C CA  . VAL A 1 3   ? 8.739   5.869   -9.593  1.00 16.42 ? 3   VAL A CA  1 
ATOM   18   C C   . VAL A 1 3   ? 7.442   6.421   -8.953  1.00 12.20 ? 3   VAL A C   1 
ATOM   19   O O   . VAL A 1 3   ? 6.856   7.406   -9.387  1.00 13.09 ? 3   VAL A O   1 
ATOM   20   C CB  . VAL A 1 3   ? 8.697   4.728   -10.560 1.00 17.75 ? 3   VAL A CB  1 
ATOM   21   C CG1 . VAL A 1 3   ? 7.526   4.575   -11.460 1.00 17.97 ? 3   VAL A CG1 1 
ATOM   22   C CG2 . VAL A 1 3   ? 10.028  4.738   -11.353 1.00 18.56 ? 3   VAL A CG2 1 
ATOM   23   N N   . LEU A 1 4   ? 7.053   5.668   -7.921  1.00 9.01  ? 4   LEU A N   1 
ATOM   24   C CA  . LEU A 1 4   ? 5.820   6.043   -7.175  1.00 8.29  ? 4   LEU A CA  1 
ATOM   25   C C   . LEU A 1 4   ? 6.211   6.679   -5.872  1.00 6.47  ? 4   LEU A C   1 
ATOM   26   O O   . LEU A 1 4   ? 7.212   6.245   -5.254  1.00 12.65 ? 4   LEU A O   1 
ATOM   27   C CB  . LEU A 1 4   ? 5.030   4.726   -7.001  1.00 6.36  ? 4   LEU A CB  1 
ATOM   28   C CG  . LEU A 1 4   ? 4.647   4.005   -8.276  1.00 6.59  ? 4   LEU A CG  1 
ATOM   29   C CD1 . LEU A 1 4   ? 3.658   2.860   -7.925  1.00 8.30  ? 4   LEU A CD1 1 
ATOM   30   C CD2 . LEU A 1 4   ? 3.988   4.839   -9.334  1.00 9.32  ? 4   LEU A CD2 1 
ATOM   31   N N   . THR A 1 5   ? 5.444   7.672   -5.363  1.00 8.40  ? 5   THR A N   1 
ATOM   32   C CA  . THR A 1 5   ? 5.777   8.335   -4.120  1.00 7.24  ? 5   THR A CA  1 
ATOM   33   C C   . THR A 1 5   ? 4.778   7.918   -3.001  1.00 9.09  ? 5   THR A C   1 
ATOM   34   O O   . THR A 1 5   ? 3.595   8.130   -3.210  1.00 9.25  ? 5   THR A O   1 
ATOM   35   C CB  . THR A 1 5   ? 5.721   9.880   -4.267  1.00 10.96 ? 5   THR A CB  1 
ATOM   36   O OG1 . THR A 1 5   ? 6.460   10.251  -5.434  1.00 14.54 ? 5   THR A OG1 1 
ATOM   37   C CG2 . THR A 1 5   ? 6.223   10.561  -3.015  1.00 14.64 ? 5   THR A CG2 1 
ATOM   38   N N   . GLN A 1 6   ? 5.303   7.466   -1.924  1.00 8.75  ? 6   GLN A N   1 
ATOM   39   C CA  . GLN A 1 6   ? 4.635   7.046   -0.698  1.00 9.38  ? 6   GLN A CA  1 
ATOM   40   C C   . GLN A 1 6   ? 5.303   7.767   0.470   1.00 10.01 ? 6   GLN A C   1 
ATOM   41   O O   . GLN A 1 6   ? 6.551   7.893   0.442   1.00 10.99 ? 6   GLN A O   1 
ATOM   42   C CB  . GLN A 1 6   ? 4.842   5.532   -0.429  1.00 9.56  ? 6   GLN A CB  1 
ATOM   43   C CG  . GLN A 1 6   ? 4.335   4.517   -1.368  1.00 11.45 ? 6   GLN A CG  1 
ATOM   44   C CD  . GLN A 1 6   ? 4.511   3.126   -0.828  1.00 7.49  ? 6   GLN A CD  1 
ATOM   45   O OE1 . GLN A 1 6   ? 5.141   2.358   -1.548  1.00 7.72  ? 6   GLN A OE1 1 
ATOM   46   N NE2 . GLN A 1 6   ? 3.967   2.772   0.327   1.00 7.94  ? 6   GLN A NE2 1 
ATOM   47   N N   . PRO A 1 7   ? 4.551   8.079   1.531   1.00 8.80  ? 7   PRO A N   1 
ATOM   48   C CA  . PRO A 1 7   ? 5.207   8.726   2.682   1.00 10.89 ? 7   PRO A CA  1 
ATOM   49   C C   . PRO A 1 7   ? 6.080   7.714   3.306   1.00 8.68  ? 7   PRO A C   1 
ATOM   50   O O   . PRO A 1 7   ? 5.747   6.483   3.343   1.00 8.90  ? 7   PRO A O   1 
ATOM   51   C CB  . PRO A 1 7   ? 4.067   9.009   3.677   1.00 10.42 ? 7   PRO A CB  1 
ATOM   52   C CG  . PRO A 1 7   ? 2.865   8.389   3.108   1.00 13.02 ? 7   PRO A CG  1 
ATOM   53   C CD  . PRO A 1 7   ? 3.079   7.915   1.652   1.00 11.14 ? 7   PRO A CD  1 
ATOM   54   N N   . PRO A 1 8   ? 7.226   8.013   3.890   1.00 8.91  ? 8   PRO A N   1 
ATOM   55   C CA  . PRO A 1 8   ? 8.090   7.058   4.507   1.00 10.30 ? 8   PRO A CA  1 
ATOM   56   C C   . PRO A 1 8   ? 7.594   6.343   5.762   1.00 8.30  ? 8   PRO A C   1 
ATOM   57   O O   . PRO A 1 8   ? 7.912   5.196   6.088   1.00 9.84  ? 8   PRO A O   1 
ATOM   58   C CB  . PRO A 1 8   ? 9.337   7.868   4.905   1.00 13.78 ? 8   PRO A CB  1 
ATOM   59   C CG  . PRO A 1 8   ? 9.171   9.073   4.052   1.00 14.17 ? 8   PRO A CG  1 
ATOM   60   C CD  . PRO A 1 8   ? 7.756   9.431   3.789   1.00 12.65 ? 8   PRO A CD  1 
ATOM   61   N N   . SER A 1 9   ? 6.758   7.031   6.537   1.00 10.35 ? 9   SER A N   1 
ATOM   62   C CA  . SER A 1 9   ? 6.228   6.709   7.839   1.00 9.68  ? 9   SER A CA  1 
ATOM   63   C C   . SER A 1 9   ? 4.737   6.987   7.966   1.00 7.09  ? 9   SER A C   1 
ATOM   64   O O   . SER A 1 9   ? 4.295   7.964   7.390   1.00 9.15  ? 9   SER A O   1 
ATOM   65   C CB  . SER A 1 9   ? 6.816   7.832   8.880   1.00 16.23 ? 9   SER A CB  1 
ATOM   66   O OG  . SER A 1 9   ? 7.736   6.877   9.262   1.00 23.31 ? 9   SER A OG  1 
ATOM   67   N N   . ALA A 1 10  ? 4.116   6.120   8.774   1.00 7.27  ? 10  ALA A N   1 
ATOM   68   C CA  . ALA A 1 10  ? 2.679   6.330   9.104   1.00 6.21  ? 10  ALA A CA  1 
ATOM   69   C C   . ALA A 1 10  ? 2.508   5.747   10.481  1.00 6.21  ? 10  ALA A C   1 
ATOM   70   O O   . ALA A 1 10  ? 3.174   4.840   10.933  1.00 7.44  ? 10  ALA A O   1 
ATOM   71   C CB  . ALA A 1 10  ? 1.607   5.895   8.116   1.00 7.08  ? 10  ALA A CB  1 
ATOM   72   N N   . SER A 1 11  ? 1.610   6.365   11.325  1.00 6.87  ? 11  SER A N   1 
ATOM   73   C CA  . SER A 1 11  ? 1.392   5.890   12.696  1.00 6.07  ? 11  SER A CA  1 
ATOM   74   C C   . SER A 1 11  ? -0.085  6.126   13.086  1.00 5.04  ? 11  SER A C   1 
ATOM   75   O O   . SER A 1 11  ? -0.750  6.981   12.530  1.00 7.06  ? 11  SER A O   1 
ATOM   76   C CB  . SER A 1 11  ? 2.344   6.353   13.759  1.00 8.60  ? 11  SER A CB  1 
ATOM   77   O OG  . SER A 1 11  ? 2.158   7.787   13.915  1.00 6.73  ? 11  SER A OG  1 
ATOM   78   N N   . GLY A 1 12  ? -0.528  5.327   14.046  1.00 6.70  ? 12  GLY A N   1 
ATOM   79   C CA  . GLY A 1 12  ? -1.912  5.460   14.565  1.00 6.17  ? 12  GLY A CA  1 
ATOM   80   C C   . GLY A 1 12  ? -2.026  4.661   15.850  1.00 5.26  ? 12  GLY A C   1 
ATOM   81   O O   . GLY A 1 12  ? -1.205  3.833   16.184  1.00 5.52  ? 12  GLY A O   1 
ATOM   82   N N   . THR A 1 13  ? -3.177  4.880   16.489  1.00 6.06  ? 13  THR A N   1 
ATOM   83   C CA  . THR A 1 13  ? -3.574  4.175   17.727  1.00 7.33  ? 13  THR A CA  1 
ATOM   84   C C   . THR A 1 13  ? -4.599  3.118   17.375  1.00 4.48  ? 13  THR A C   1 
ATOM   85   O O   . THR A 1 13  ? -5.267  3.215   16.349  1.00 6.44  ? 13  THR A O   1 
ATOM   86   C CB  . THR A 1 13  ? -4.035  5.290   18.759  1.00 5.56  ? 13  THR A CB  1 
ATOM   87   O OG1 . THR A 1 13  ? -5.096  6.080   18.158  1.00 6.66  ? 13  THR A OG1 1 
ATOM   88   C CG2 . THR A 1 13  ? -2.878  6.188   19.203  1.00 8.07  ? 13  THR A CG2 1 
ATOM   89   N N   . PRO A 1 14  ? -4.717  2.076   18.200  1.00 7.50  ? 14  PRO A N   1 
ATOM   90   C CA  . PRO A 1 14  ? -5.656  0.969   17.980  1.00 7.91  ? 14  PRO A CA  1 
ATOM   91   C C   . PRO A 1 14  ? -7.038  1.416   17.711  1.00 8.54  ? 14  PRO A C   1 
ATOM   92   O O   . PRO A 1 14  ? -7.475  2.293   18.459  1.00 10.60 ? 14  PRO A O   1 
ATOM   93   C CB  . PRO A 1 14  ? -5.509  0.079   19.206  1.00 9.92  ? 14  PRO A CB  1 
ATOM   94   C CG  . PRO A 1 14  ? -4.126  0.346   19.698  1.00 9.57  ? 14  PRO A CG  1 
ATOM   95   C CD  . PRO A 1 14  ? -3.958  1.887   19.429  1.00 9.78  ? 14  PRO A CD  1 
ATOM   96   N N   . GLY A 1 15  ? -7.695  0.970   16.717  1.00 9.32  ? 15  GLY A N   1 
ATOM   97   C CA  . GLY A 1 15  ? -9.024  1.282   16.337  1.00 12.03 ? 15  GLY A CA  1 
ATOM   98   C C   . GLY A 1 15  ? -9.156  2.375   15.320  1.00 13.38 ? 15  GLY A C   1 
ATOM   99   O O   . GLY A 1 15  ? -10.277 2.543   14.773  1.00 12.37 ? 15  GLY A O   1 
ATOM   100  N N   . GLN A 1 16  ? -8.092  3.128   15.012  1.00 9.72  ? 16  GLN A N   1 
ATOM   101  C CA  . GLN A 1 16  ? -8.173  4.150   13.993  1.00 9.40  ? 16  GLN A CA  1 
ATOM   102  C C   . GLN A 1 16  ? -8.227  3.647   12.545  1.00 7.92  ? 16  GLN A C   1 
ATOM   103  O O   . GLN A 1 16  ? -7.785  2.536   12.365  1.00 10.46 ? 16  GLN A O   1 
ATOM   104  C CB  . GLN A 1 16  ? -6.901  5.075   14.056  1.00 8.80  ? 16  GLN A CB  1 
ATOM   105  C CG  . GLN A 1 16  ? -6.903  5.931   15.244  1.00 10.90 ? 16  GLN A CG  1 
ATOM   106  C CD  . GLN A 1 16  ? -5.929  7.098   15.068  1.00 11.11 ? 16  GLN A CD  1 
ATOM   107  O OE1 . GLN A 1 16  ? -4.703  6.899   14.961  1.00 10.68 ? 16  GLN A OE1 1 
ATOM   108  N NE2 . GLN A 1 16  ? -6.376  8.389   15.111  1.00 10.21 ? 16  GLN A NE2 1 
ATOM   109  N N   . ARG A 1 17  ? -8.739  4.495   11.706  1.00 9.53  ? 17  ARG A N   1 
ATOM   110  C CA  . ARG A 1 17  ? -8.750  4.159   10.260  1.00 10.18 ? 17  ARG A CA  1 
ATOM   111  C C   . ARG A 1 17  ? -7.548  4.976   9.728   1.00 13.11 ? 17  ARG A C   1 
ATOM   112  O O   . ARG A 1 17  ? -7.616  6.227   9.844   1.00 14.57 ? 17  ARG A O   1 
ATOM   113  C CB  . ARG A 1 17  ? -9.966  4.627   9.591   1.00 12.24 ? 17  ARG A CB  1 
ATOM   114  C CG  . ARG A 1 17  ? -9.934  4.386   8.081   1.00 15.84 ? 17  ARG A CG  1 
ATOM   115  C CD  . ARG A 1 17  ? -11.126 4.890   7.398   1.00 20.67 ? 17  ARG A CD  1 
ATOM   116  N NE  . ARG A 1 17  ? -10.990 5.247   5.979   1.00 24.66 ? 17  ARG A NE  1 
ATOM   117  C CZ  . ARG A 1 17  ? -11.438 4.440   5.031   1.00 29.61 ? 17  ARG A CZ  1 
ATOM   118  N NH1 . ARG A 1 17  ? -11.464 4.819   3.733   1.00 31.18 ? 17  ARG A NH1 1 
ATOM   119  N NH2 . ARG A 1 17  ? -11.871 3.191   5.356   1.00 32.35 ? 17  ARG A NH2 1 
ATOM   120  N N   . VAL A 1 18  ? -6.491  4.410   9.174   1.00 10.85 ? 18  VAL A N   1 
ATOM   121  C CA  . VAL A 1 18  ? -5.309  5.126   8.662   1.00 11.37 ? 18  VAL A CA  1 
ATOM   122  C C   . VAL A 1 18  ? -5.242  4.953   7.124   1.00 12.66 ? 18  VAL A C   1 
ATOM   123  O O   . VAL A 1 18  ? -5.657  3.874   6.651   1.00 13.08 ? 18  VAL A O   1 
ATOM   124  C CB  . VAL A 1 18  ? -4.020  4.590   9.299   1.00 13.02 ? 18  VAL A CB  1 
ATOM   125  C CG1 . VAL A 1 18  ? -2.712  5.229   8.746   1.00 17.32 ? 18  VAL A CG1 1 
ATOM   126  C CG2 . VAL A 1 18  ? -3.978  4.781   10.808  1.00 15.25 ? 18  VAL A CG2 1 
ATOM   127  N N   . THR A 1 19  ? -4.806  5.977   6.402   1.00 11.14 ? 19  THR A N   1 
ATOM   128  C CA  . THR A 1 19  ? -4.708  5.863   4.949   1.00 11.24 ? 19  THR A CA  1 
ATOM   129  C C   . THR A 1 19  ? -3.246  6.035   4.538   1.00 11.92 ? 19  THR A C   1 
ATOM   130  O O   . THR A 1 19  ? -2.518  6.789   5.245   1.00 12.89 ? 19  THR A O   1 
ATOM   131  C CB  . THR A 1 19  ? -5.691  6.866   4.255   1.00 16.48 ? 19  THR A CB  1 
ATOM   132  O OG1 . THR A 1 19  ? -7.054  6.444   4.660   1.00 19.41 ? 19  THR A OG1 1 
ATOM   133  C CG2 . THR A 1 19  ? -5.732  6.663   2.741   1.00 18.01 ? 19  THR A CG2 1 
ATOM   134  N N   . ILE A 1 20  ? -2.846  5.324   3.476   1.00 9.13  ? 20  ILE A N   1 
ATOM   135  C CA  . ILE A 1 20  ? -1.472  5.423   2.937   1.00 8.76  ? 20  ILE A CA  1 
ATOM   136  C C   . ILE A 1 20  ? -1.595  5.837   1.504   1.00 9.28  ? 20  ILE A C   1 
ATOM   137  O O   . ILE A 1 20  ? -2.280  5.106   0.782   1.00 9.01  ? 20  ILE A O   1 
ATOM   138  C CB  . ILE A 1 20  ? -0.689  4.097   3.132   1.00 10.02 ? 20  ILE A CB  1 
ATOM   139  C CG1 . ILE A 1 20  ? -0.469  3.769   4.605   1.00 11.52 ? 20  ILE A CG1 1 
ATOM   140  C CG2 . ILE A 1 20  ? 0.758   4.171   2.478   1.00 14.34 ? 20  ILE A CG2 1 
ATOM   141  C CD1 . ILE A 1 20  ? 0.141   2.315   4.802   1.00 15.48 ? 20  ILE A CD1 1 
ATOM   142  N N   . SER A 1 21  ? -1.056  6.928   1.005   1.00 7.28  ? 21  SER A N   1 
ATOM   143  C CA  . SER A 1 21  ? -1.171  7.384   -0.366  1.00 8.58  ? 21  SER A CA  1 
ATOM   144  C C   . SER A 1 21  ? 0.041   6.908   -1.207  1.00 7.17  ? 21  SER A C   1 
ATOM   145  O O   . SER A 1 21  ? 1.080   6.595   -0.639  1.00 10.48 ? 21  SER A O   1 
ATOM   146  C CB  . SER A 1 21  ? -1.280  8.911   -0.434  1.00 13.54 ? 21  SER A CB  1 
ATOM   147  O OG  . SER A 1 21  ? -0.161  9.422   0.275   1.00 19.66 ? 21  SER A OG  1 
ATOM   148  N N   . CYS A 1 22  ? -0.266  6.857   -2.464  1.00 7.35  ? 22  CYS A N   1 
ATOM   149  C CA  . CYS A 1 22  ? 0.759   6.444   -3.466  1.00 6.95  ? 22  CYS A CA  1 
ATOM   150  C C   . CYS A 1 22  ? 0.483   7.272   -4.677  1.00 7.98  ? 22  CYS A C   1 
ATOM   151  O O   . CYS A 1 22  ? -0.600  7.172   -5.297  1.00 9.66  ? 22  CYS A O   1 
ATOM   152  C CB  . CYS A 1 22  ? 0.578   4.939   -3.611  1.00 8.90  ? 22  CYS A CB  1 
ATOM   153  S SG  . CYS A 1 22  ? 1.580   4.245   -5.003  1.00 10.23 ? 22  CYS A SG  1 
ATOM   154  N N   . THR A 1 23  ? 1.460   8.105   -5.080  1.00 8.93  ? 23  THR A N   1 
ATOM   155  C CA  . THR A 1 23  ? 1.270   8.995   -6.225  1.00 10.51 ? 23  THR A CA  1 
ATOM   156  C C   . THR A 1 23  ? 2.192   8.673   -7.381  1.00 7.64  ? 23  THR A C   1 
ATOM   157  O O   . THR A 1 23  ? 3.339   8.357   -7.090  1.00 10.28 ? 23  THR A O   1 
ATOM   158  C CB  . THR A 1 23  ? 1.696   10.473  -5.762  1.00 11.88 ? 23  THR A CB  1 
ATOM   159  O OG1 . THR A 1 23  ? 1.048   10.671  -4.500  1.00 22.63 ? 23  THR A OG1 1 
ATOM   160  C CG2 . THR A 1 23  ? 1.505   11.605  -6.765  1.00 14.32 ? 23  THR A CG2 1 
ATOM   161  N N   . GLY A 1 24  ? 1.668   8.754   -8.564  1.00 10.86 ? 24  GLY A N   1 
ATOM   162  C CA  . GLY A 1 24  ? 2.383   8.422   -9.759  1.00 12.04 ? 24  GLY A CA  1 
ATOM   163  C C   . GLY A 1 24  ? 2.121   9.366   -10.924 1.00 12.30 ? 24  GLY A C   1 
ATOM   164  O O   . GLY A 1 24  ? 1.911   10.572  -10.723 1.00 14.99 ? 24  GLY A O   1 
ATOM   165  N N   . SER A 1 25  ? 2.057   8.754   -12.063 1.00 12.47 ? 25  SER A N   1 
ATOM   166  C CA  . SER A 1 25  ? 1.842   9.498   -13.308 1.00 13.86 ? 25  SER A CA  1 
ATOM   167  C C   . SER A 1 25  ? 0.951   8.843   -14.305 1.00 11.66 ? 25  SER A C   1 
ATOM   168  O O   . SER A 1 25  ? 0.472   7.742   -14.002 1.00 12.22 ? 25  SER A O   1 
ATOM   169  C CB  . SER A 1 25  ? 3.226   9.789   -13.971 1.00 15.93 ? 25  SER A CB  1 
ATOM   170  O OG  . SER A 1 25  ? 3.768   8.534   -14.373 1.00 22.16 ? 25  SER A OG  1 
ATOM   171  N N   . ALA A 1 26  ? 0.711   9.485   -15.450 1.00 11.70 ? 26  ALA A N   1 
ATOM   172  C CA  . ALA A 1 26  ? -0.117  8.925   -16.518 1.00 13.45 ? 26  ALA A CA  1 
ATOM   173  C C   . ALA A 1 26  ? 0.337   7.541   -17.014 1.00 14.44 ? 26  ALA A C   1 
ATOM   174  O O   . ALA A 1 26  ? -0.469  6.665   -17.360 1.00 17.76 ? 26  ALA A O   1 
ATOM   175  C CB  . ALA A 1 26  ? -0.081  9.910   -17.741 1.00 16.54 ? 26  ALA A CB  1 
ATOM   176  N N   . THR A 1 27  ? 1.636   7.313   -16.988 1.00 15.67 ? 27  THR A N   1 
ATOM   177  C CA  . THR A 1 27  ? 2.219   6.056   -17.517 1.00 15.06 ? 27  THR A CA  1 
ATOM   178  C C   . THR A 1 27  ? 2.171   4.884   -16.533 1.00 11.47 ? 27  THR A C   1 
ATOM   179  O O   . THR A 1 27  ? 2.303   3.774   -17.053 1.00 12.70 ? 27  THR A O   1 
ATOM   180  C CB  . THR A 1 27  ? 3.697   6.340   -17.987 1.00 18.80 ? 27  THR A CB  1 
ATOM   181  O OG1 . THR A 1 27  ? 4.537   6.645   -16.853 1.00 20.69 ? 27  THR A OG1 1 
ATOM   182  C CG2 . THR A 1 27  ? 3.731   7.539   -18.932 1.00 22.31 ? 27  THR A CG2 1 
ATOM   183  N N   . ASP A 1 28  ? 1.933   5.136   -15.280 1.00 9.19  ? 28  ASP A N   1 
ATOM   184  C CA  . ASP A 1 28  ? 1.779   4.029   -14.322 1.00 6.71  ? 28  ASP A CA  1 
ATOM   185  C C   . ASP A 1 28  ? 0.350   3.952   -13.767 1.00 8.56  ? 28  ASP A C   1 
ATOM   186  O O   . ASP A 1 28  ? -0.465  3.347   -14.436 1.00 10.59 ? 28  ASP A O   1 
ATOM   187  C CB  . ASP A 1 28  ? 2.929   3.998   -13.303 1.00 7.80  ? 28  ASP A CB  1 
ATOM   188  C CG  . ASP A 1 28  ? 3.355   5.298   -12.690 1.00 9.72  ? 28  ASP A CG  1 
ATOM   189  O OD1 . ASP A 1 28  ? 4.554   5.711   -12.815 1.00 13.52 ? 28  ASP A OD1 1 
ATOM   190  O OD2 . ASP A 1 28  ? 2.474   6.018   -12.092 1.00 11.36 ? 28  ASP A OD2 1 
ATOM   191  N N   . ILE A 1 29  ? 0.126   4.555   -12.651 1.00 8.24  ? 29  ILE A N   1 
ATOM   192  C CA  . ILE A 1 29  ? -1.182  4.550   -11.956 1.00 9.42  ? 29  ILE A CA  1 
ATOM   193  C C   . ILE A 1 29  ? -2.356  5.005   -12.872 1.00 9.80  ? 29  ILE A C   1 
ATOM   194  O O   . ILE A 1 29  ? -3.435  4.419   -12.840 1.00 11.09 ? 29  ILE A O   1 
ATOM   195  C CB  . ILE A 1 29  ? -1.098  5.298   -10.604 1.00 9.93  ? 29  ILE A CB  1 
ATOM   196  C CG1 . ILE A 1 29  ? -0.028  4.665   -9.673  1.00 10.72 ? 29  ILE A CG1 1 
ATOM   197  C CG2 . ILE A 1 29  ? -2.512  5.265   -9.954  1.00 9.81  ? 29  ILE A CG2 1 
ATOM   198  C CD1 . ILE A 1 29  ? 0.080   5.329   -8.287  1.00 10.82 ? 29  ILE A CD1 1 
ATOM   199  N N   . GLY A 1 30  ? -2.034  6.035   -13.600 1.00 10.05 ? 30  GLY A N   1 
ATOM   200  C CA  . GLY A 1 30  ? -2.995  6.591   -14.577 1.00 13.80 ? 30  GLY A CA  1 
ATOM   201  C C   . GLY A 1 30  ? -3.548  5.669   -15.575 1.00 16.26 ? 30  GLY A C   1 
ATOM   202  O O   . GLY A 1 30  ? -4.712  5.772   -16.022 1.00 19.50 ? 30  GLY A O   1 
ATOM   203  N N   . SER A 1 31  ? -2.836  4.658   -16.051 1.00 14.55 ? 31  SER A N   1 
ATOM   204  C CA  . SER A 1 31  ? -3.166  3.699   -17.071 1.00 14.69 ? 31  SER A CA  1 
ATOM   205  C C   . SER A 1 31  ? -3.213  2.208   -16.730 1.00 13.52 ? 31  SER A C   1 
ATOM   206  O O   . SER A 1 31  ? -3.649  1.383   -17.576 1.00 15.10 ? 31  SER A O   1 
ATOM   207  C CB  . SER A 1 31  ? -1.976  3.848   -18.064 1.00 16.92 ? 31  SER A CB  1 
ATOM   208  O OG  . SER A 1 31  ? -2.021  5.177   -18.561 1.00 23.65 ? 31  SER A OG  1 
ATOM   209  N N   . ASN A 1 32  ? -2.647  1.838   -15.596 1.00 10.32 ? 32  ASN A N   1 
ATOM   210  C CA  . ASN A 1 32  ? -2.496  0.468   -15.187 1.00 10.64 ? 32  ASN A CA  1 
ATOM   211  C C   . ASN A 1 32  ? -2.939  0.265   -13.736 1.00 9.88  ? 32  ASN A C   1 
ATOM   212  O O   . ASN A 1 32  ? -3.031  1.203   -12.939 1.00 10.77 ? 32  ASN A O   1 
ATOM   213  C CB  . ASN A 1 32  ? -0.947  0.149   -15.306 1.00 10.45 ? 32  ASN A CB  1 
ATOM   214  C CG  . ASN A 1 32  ? -0.509  0.275   -16.778 1.00 11.98 ? 32  ASN A CG  1 
ATOM   215  O OD1 . ASN A 1 32  ? -1.021  -0.551  -17.553 1.00 16.42 ? 32  ASN A OD1 1 
ATOM   216  N ND2 . ASN A 1 32  ? 0.337   1.217   -17.159 1.00 10.41 ? 32  ASN A ND2 1 
ATOM   217  N N   . SER A 1 33  ? -3.253  -0.982  -13.517 1.00 10.43 ? 33  SER A N   1 
ATOM   218  C CA  . SER A 1 33  ? -3.748  -1.475  -12.211 1.00 11.89 ? 33  SER A CA  1 
ATOM   219  C C   . SER A 1 33  ? -2.690  -1.396  -11.123 1.00 11.09 ? 33  SER A C   1 
ATOM   220  O O   . SER A 1 33  ? -1.521  -1.732  -11.329 1.00 13.02 ? 33  SER A O   1 
ATOM   221  C CB  . SER A 1 33  ? -4.238  -2.893  -12.352 1.00 13.82 ? 33  SER A CB  1 
ATOM   222  O OG  . SER A 1 33  ? -5.641  -2.961  -12.383 1.00 28.51 ? 33  SER A OG  1 
ATOM   223  N N   . VAL A 1 34  ? -3.125  -0.947  -9.936  1.00 7.07  ? 34  VAL A N   1 
ATOM   224  C CA  . VAL A 1 34  ? -2.278  -0.878  -8.760  1.00 5.44  ? 34  VAL A CA  1 
ATOM   225  C C   . VAL A 1 34  ? -2.443  -2.126  -7.906  1.00 5.55  ? 34  VAL A C   1 
ATOM   226  O O   . VAL A 1 34  ? -3.514  -2.703  -7.713  1.00 6.77  ? 34  VAL A O   1 
ATOM   227  C CB  . VAL A 1 34  ? -2.569  0.403   -7.951  1.00 7.57  ? 34  VAL A CB  1 
ATOM   228  C CG1 . VAL A 1 34  ? -1.824  0.486   -6.632  1.00 7.65  ? 34  VAL A CG1 1 
ATOM   229  C CG2 . VAL A 1 34  ? -2.466  1.625   -8.887  1.00 7.10  ? 34  VAL A CG2 1 
ATOM   230  N N   . ILE A 1 35  ? -1.321  -2.587  -7.318  1.00 3.92  ? 35  ILE A N   1 
ATOM   231  C CA  . ILE A 1 35  ? -1.237  -3.670  -6.371  1.00 6.02  ? 35  ILE A CA  1 
ATOM   232  C C   . ILE A 1 35  ? -0.691  -3.082  -5.107  1.00 4.93  ? 35  ILE A C   1 
ATOM   233  O O   . ILE A 1 35  ? 0.152   -2.174  -5.148  1.00 7.53  ? 35  ILE A O   1 
ATOM   234  C CB  . ILE A 1 35  ? -0.312  -4.762  -6.977  1.00 10.46 ? 35  ILE A CB  1 
ATOM   235  C CG1 . ILE A 1 35  ? -0.968  -5.488  -8.163  1.00 10.95 ? 35  ILE A CG1 1 
ATOM   236  C CG2 . ILE A 1 35  ? 0.921   -5.363  -6.372  1.00 16.76 ? 35  ILE A CG2 1 
ATOM   237  C CD1 . ILE A 1 35  ? 0.185   -6.225  -9.030  1.00 19.33 ? 35  ILE A CD1 1 
ATOM   238  N N   . TRP A 1 36  ? -1.046  -3.621  -3.981  1.00 3.02  ? 36  TRP A N   1 
ATOM   239  C CA  . TRP A 1 36  ? -0.527  -3.281  -2.679  1.00 2.74  ? 36  TRP A CA  1 
ATOM   240  C C   . TRP A 1 36  ? -0.087  -4.574  -2.001  1.00 4.20  ? 36  TRP A C   1 
ATOM   241  O O   . TRP A 1 36  ? -0.803  -5.603  -1.976  1.00 4.29  ? 36  TRP A O   1 
ATOM   242  C CB  . TRP A 1 36  ? -1.427  -2.541  -1.712  1.00 4.15  ? 36  TRP A CB  1 
ATOM   243  C CG  . TRP A 1 36  ? -1.873  -1.197  -2.206  1.00 3.95  ? 36  TRP A CG  1 
ATOM   244  C CD1 . TRP A 1 36  ? -2.879  -0.894  -3.063  1.00 4.15  ? 36  TRP A CD1 1 
ATOM   245  C CD2 . TRP A 1 36  ? -1.310  0.059   -1.715  1.00 4.91  ? 36  TRP A CD2 1 
ATOM   246  N NE1 . TRP A 1 36  ? -3.005  0.476   -3.206  1.00 5.30  ? 36  TRP A NE1 1 
ATOM   247  C CE2 . TRP A 1 36  ? -2.076  1.047   -2.396  1.00 3.39  ? 36  TRP A CE2 1 
ATOM   248  C CE3 . TRP A 1 36  ? -0.316  0.374   -0.834  1.00 5.31  ? 36  TRP A CE3 1 
ATOM   249  C CZ2 . TRP A 1 36  ? -1.816  2.427   -2.149  1.00 5.80  ? 36  TRP A CZ2 1 
ATOM   250  C CZ3 . TRP A 1 36  ? -0.096  1.727   -0.563  1.00 8.54  ? 36  TRP A CZ3 1 
ATOM   251  C CH2 . TRP A 1 36  ? -0.806  2.725   -1.246  1.00 4.96  ? 36  TRP A CH2 1 
ATOM   252  N N   . TYR A 1 37  ? 1.051   -4.543  -1.350  1.00 2.56  ? 37  TYR A N   1 
ATOM   253  C CA  . TYR A 1 37  ? 1.585   -5.659  -0.591  1.00 4.15  ? 37  TYR A CA  1 
ATOM   254  C C   . TYR A 1 37  ? 2.360   -5.260  0.652   1.00 6.06  ? 37  TYR A C   1 
ATOM   255  O O   . TYR A 1 37  ? 2.823   -4.126  0.711   1.00 6.36  ? 37  TYR A O   1 
ATOM   256  C CB  . TYR A 1 37  ? 2.455   -6.564  -1.495  1.00 5.25  ? 37  TYR A CB  1 
ATOM   257  C CG  . TYR A 1 37  ? 3.654   -5.994  -2.237  1.00 4.50  ? 37  TYR A CG  1 
ATOM   258  C CD1 . TYR A 1 37  ? 3.612   -5.574  -3.558  1.00 7.23  ? 37  TYR A CD1 1 
ATOM   259  C CD2 . TYR A 1 37  ? 4.860   -5.943  -1.554  1.00 4.76  ? 37  TYR A CD2 1 
ATOM   260  C CE1 . TYR A 1 37  ? 4.713   -5.015  -4.169  1.00 8.55  ? 37  TYR A CE1 1 
ATOM   261  C CE2 . TYR A 1 37  ? 6.022   -5.454  -2.148  1.00 3.81  ? 37  TYR A CE2 1 
ATOM   262  C CZ  . TYR A 1 37  ? 5.927   -4.979  -3.437  1.00 6.52  ? 37  TYR A CZ  1 
ATOM   263  O OH  . TYR A 1 37  ? 7.087   -4.556  -4.060  1.00 8.67  ? 37  TYR A OH  1 
ATOM   264  N N   . GLN A 1 38  ? 2.437   -6.121  1.618   1.00 6.62  ? 38  GLN A N   1 
ATOM   265  C CA  . GLN A 1 38  ? 3.272   -5.991  2.779   1.00 5.44  ? 38  GLN A CA  1 
ATOM   266  C C   . GLN A 1 38  ? 4.539   -6.842  2.486   1.00 5.77  ? 38  GLN A C   1 
ATOM   267  O O   . GLN A 1 38  ? 4.448   -7.902  1.867   1.00 8.12  ? 38  GLN A O   1 
ATOM   268  C CB  . GLN A 1 38  ? 2.654   -6.647  4.032   1.00 10.58 ? 38  GLN A CB  1 
ATOM   269  C CG  . GLN A 1 38  ? 1.496   -6.000  4.644   1.00 16.66 ? 38  GLN A CG  1 
ATOM   270  C CD  . GLN A 1 38  ? 1.097   -6.695  5.956   1.00 19.47 ? 38  GLN A CD  1 
ATOM   271  O OE1 . GLN A 1 38  ? 1.626   -7.783  6.192   1.00 22.24 ? 38  GLN A OE1 1 
ATOM   272  N NE2 . GLN A 1 38  ? 0.214   -6.044  6.707   1.00 22.18 ? 38  GLN A NE2 1 
ATOM   273  N N   . GLN A 1 39  ? 5.703   -6.442  2.937   1.00 6.83  ? 39  GLN A N   1 
ATOM   274  C CA  . GLN A 1 39  ? 6.925   -7.219  2.782   1.00 7.22  ? 39  GLN A CA  1 
ATOM   275  C C   . GLN A 1 39  ? 7.981   -6.961  3.847   1.00 8.82  ? 39  GLN A C   1 
ATOM   276  O O   . GLN A 1 39  ? 8.211   -5.817  4.205   1.00 9.93  ? 39  GLN A O   1 
ATOM   277  C CB  . GLN A 1 39  ? 7.550   -6.957  1.457   1.00 8.93  ? 39  GLN A CB  1 
ATOM   278  C CG  . GLN A 1 39  ? 8.681   -7.919  1.080   1.00 9.37  ? 39  GLN A CG  1 
ATOM   279  C CD  . GLN A 1 39  ? 9.542   -7.503  -0.052  1.00 11.81 ? 39  GLN A CD  1 
ATOM   280  O OE1 . GLN A 1 39  ? 9.573   -6.360  -0.438  1.00 13.15 ? 39  GLN A OE1 1 
ATOM   281  N NE2 . GLN A 1 39  ? 10.290  -8.476  -0.591  1.00 15.17 ? 39  GLN A NE2 1 
ATOM   282  N N   . VAL A 1 40  ? 8.525   -8.054  4.292   1.00 9.75  ? 40  VAL A N   1 
ATOM   283  C CA  . VAL A 1 40  ? 9.794   -7.979  5.126   1.00 14.82 ? 40  VAL A CA  1 
ATOM   284  C C   . VAL A 1 40  ? 10.870  -8.100  4.041   1.00 16.32 ? 40  VAL A C   1 
ATOM   285  O O   . VAL A 1 40  ? 10.777  -9.016  3.212   1.00 15.57 ? 40  VAL A O   1 
ATOM   286  C CB  . VAL A 1 40  ? 9.807   -9.188  6.028   1.00 16.39 ? 40  VAL A CB  1 
ATOM   287  C CG1 . VAL A 1 40  ? 11.221  -9.214  6.700   1.00 16.74 ? 40  VAL A CG1 1 
ATOM   288  C CG2 . VAL A 1 40  ? 8.679   -9.269  7.019   1.00 14.97 ? 40  VAL A CG2 1 
ATOM   289  N N   . PRO A 1 41  ? 11.876  -7.254  3.941   1.00 18.20 ? 41  PRO A N   1 
ATOM   290  C CA  . PRO A 1 41  ? 12.905  -7.325  2.883   1.00 19.59 ? 41  PRO A CA  1 
ATOM   291  C C   . PRO A 1 41  ? 13.547  -8.736  2.893   1.00 18.23 ? 41  PRO A C   1 
ATOM   292  O O   . PRO A 1 41  ? 13.753  -9.402  3.914   1.00 18.21 ? 41  PRO A O   1 
ATOM   293  C CB  . PRO A 1 41  ? 13.835  -6.128  3.111   1.00 21.80 ? 41  PRO A CB  1 
ATOM   294  C CG  . PRO A 1 41  ? 12.980  -5.256  4.008   1.00 20.50 ? 41  PRO A CG  1 
ATOM   295  C CD  . PRO A 1 41  ? 12.086  -6.152  4.904   1.00 18.50 ? 41  PRO A CD  1 
ATOM   296  N N   . GLY A 1 42  ? 13.733  -9.240  1.662   1.00 18.33 ? 42  GLY A N   1 
ATOM   297  C CA  . GLY A 1 42  ? 14.269  -10.564 1.427   1.00 19.87 ? 42  GLY A CA  1 
ATOM   298  C C   . GLY A 1 42  ? 13.320  -11.741 1.567   1.00 19.33 ? 42  GLY A C   1 
ATOM   299  O O   . GLY A 1 42  ? 13.690  -12.933 1.650   1.00 20.90 ? 42  GLY A O   1 
ATOM   300  N N   . LYS A 1 43  ? 12.027  -11.450 1.691   1.00 16.62 ? 43  LYS A N   1 
ATOM   301  C CA  . LYS A 1 43  ? 10.984  -12.487 1.822   1.00 15.37 ? 43  LYS A CA  1 
ATOM   302  C C   . LYS A 1 43  ? 9.950   -12.108 0.756   1.00 12.65 ? 43  LYS A C   1 
ATOM   303  O O   . LYS A 1 43  ? 9.841   -10.925 0.399   1.00 12.75 ? 43  LYS A O   1 
ATOM   304  C CB  . LYS A 1 43  ? 10.372  -12.612 3.215   1.00 16.47 ? 43  LYS A CB  1 
ATOM   305  C CG  . LYS A 1 43  ? 11.560  -12.912 4.161   1.00 21.91 ? 43  LYS A CG  1 
ATOM   306  C CD  . LYS A 1 43  ? 10.990  -13.413 5.455   1.00 27.54 ? 43  LYS A CD  1 
ATOM   307  C CE  . LYS A 1 43  ? 12.099  -13.978 6.345   1.00 29.67 ? 43  LYS A CE  1 
ATOM   308  N NZ  . LYS A 1 43  ? 12.607  -15.264 5.736   1.00 33.81 ? 43  LYS A NZ  1 
ATOM   309  N N   . ALA A 1 44  ? 9.204   -13.119 0.331   1.00 12.20 ? 44  ALA A N   1 
ATOM   310  C CA  . ALA A 1 44  ? 8.169   -12.926 -0.667  1.00 9.95  ? 44  ALA A CA  1 
ATOM   311  C C   . ALA A 1 44  ? 7.066   -11.990 -0.083  1.00 8.11  ? 44  ALA A C   1 
ATOM   312  O O   . ALA A 1 44  ? 6.850   -12.062 1.122   1.00 9.18  ? 44  ALA A O   1 
ATOM   313  C CB  . ALA A 1 44  ? 7.600   -14.305 -1.027  1.00 11.35 ? 44  ALA A CB  1 
ATOM   314  N N   . PRO A 1 45  ? 6.521   -11.200 -0.947  1.00 8.09  ? 45  PRO A N   1 
ATOM   315  C CA  . PRO A 1 45  ? 5.441   -10.251 -0.559  1.00 5.51  ? 45  PRO A CA  1 
ATOM   316  C C   . PRO A 1 45  ? 4.109   -10.945 -0.193  1.00 6.83  ? 45  PRO A C   1 
ATOM   317  O O   . PRO A 1 45  ? 3.785   -11.975 -0.778  1.00 6.36  ? 45  PRO A O   1 
ATOM   318  C CB  . PRO A 1 45  ? 5.257   -9.446  -1.788  1.00 8.14  ? 45  PRO A CB  1 
ATOM   319  C CG  . PRO A 1 45  ? 6.335   -9.724  -2.783  1.00 9.13  ? 45  PRO A CG  1 
ATOM   320  C CD  . PRO A 1 45  ? 6.772   -11.079 -2.382  1.00 6.75  ? 45  PRO A CD  1 
ATOM   321  N N   . LYS A 1 46  ? 3.433   -10.287 0.732   1.00 6.19  ? 46  LYS A N   1 
ATOM   322  C CA  . LYS A 1 46  ? 2.064   -10.791 1.137   1.00 6.80  ? 46  LYS A CA  1 
ATOM   323  C C   . LYS A 1 46  ? 1.165   -9.854  0.364   1.00 5.86  ? 46  LYS A C   1 
ATOM   324  O O   . LYS A 1 46  ? 1.122   -8.634  0.664   1.00 5.32  ? 46  LYS A O   1 
ATOM   325  C CB  . LYS A 1 46  ? 1.848   -10.789 2.626   1.00 11.70 ? 46  LYS A CB  1 
ATOM   326  C CG  . LYS A 1 46  ? 2.513   -11.919 3.381   1.00 20.24 ? 46  LYS A CG  1 
ATOM   327  C CD  . LYS A 1 46  ? 2.210   -12.990 4.358   1.00 24.95 ? 46  LYS A CD  1 
ATOM   328  C CE  . LYS A 1 46  ? 1.644   -14.340 3.907   1.00 26.25 ? 46  LYS A CE  1 
ATOM   329  N NZ  . LYS A 1 46  ? 0.381   -14.765 4.643   1.00 23.11 ? 46  LYS A NZ  1 
ATOM   330  N N   . LEU A 1 47  ? 0.362   -10.348 -0.568  1.00 5.23  ? 47  LEU A N   1 
ATOM   331  C CA  . LEU A 1 47  ? -0.520  -9.505  -1.355  1.00 4.89  ? 47  LEU A CA  1 
ATOM   332  C C   . LEU A 1 47  ? -1.770  -9.107  -0.661  1.00 5.26  ? 47  LEU A C   1 
ATOM   333  O O   . LEU A 1 47  ? -2.495  -10.002 -0.140  1.00 7.89  ? 47  LEU A O   1 
ATOM   334  C CB  . LEU A 1 47  ? -0.864  -10.369 -2.602  1.00 7.16  ? 47  LEU A CB  1 
ATOM   335  C CG  . LEU A 1 47  ? -1.605  -9.693  -3.692  1.00 8.02  ? 47  LEU A CG  1 
ATOM   336  C CD1 . LEU A 1 47  ? -0.794  -8.550  -4.326  1.00 9.12  ? 47  LEU A CD1 1 
ATOM   337  C CD2 . LEU A 1 47  ? -2.111  -10.745 -4.637  1.00 12.44 ? 47  LEU A CD2 1 
ATOM   338  N N   . LEU A 1 48  ? -2.048  -7.807  -0.624  1.00 6.34  ? 48  LEU A N   1 
ATOM   339  C CA  . LEU A 1 48  ? -3.211  -7.240  0.035   1.00 6.17  ? 48  LEU A CA  1 
ATOM   340  C C   . LEU A 1 48  ? -4.272  -6.737  -0.887  1.00 4.14  ? 48  LEU A C   1 
ATOM   341  O O   . LEU A 1 48  ? -5.483  -6.935  -0.526  1.00 6.49  ? 48  LEU A O   1 
ATOM   342  C CB  . LEU A 1 48  ? -2.707  -6.127  0.985   1.00 6.17  ? 48  LEU A CB  1 
ATOM   343  C CG  . LEU A 1 48  ? -1.815  -6.509  2.119   1.00 11.81 ? 48  LEU A CG  1 
ATOM   344  C CD1 . LEU A 1 48  ? -1.480  -5.130  2.762   1.00 15.32 ? 48  LEU A CD1 1 
ATOM   345  C CD2 . LEU A 1 48  ? -2.270  -7.486  3.142   1.00 12.79 ? 48  LEU A CD2 1 
ATOM   346  N N   . ILE A 1 49  ? -3.956  -6.107  -1.971  1.00 2.00  ? 49  ILE A N   1 
ATOM   347  C CA  . ILE A 1 49  ? -4.857  -5.535  -2.928  1.00 6.18  ? 49  ILE A CA  1 
ATOM   348  C C   . ILE A 1 49  ? -4.337  -5.792  -4.310  1.00 5.49  ? 49  ILE A C   1 
ATOM   349  O O   . ILE A 1 49  ? -3.106  -5.662  -4.593  1.00 5.38  ? 49  ILE A O   1 
ATOM   350  C CB  . ILE A 1 49  ? -4.956  -3.948  -2.790  1.00 5.56  ? 49  ILE A CB  1 
ATOM   351  C CG1 . ILE A 1 49  ? -5.461  -3.551  -1.363  1.00 6.36  ? 49  ILE A CG1 1 
ATOM   352  C CG2 . ILE A 1 49  ? -5.775  -3.323  -3.967  1.00 6.65  ? 49  ILE A CG2 1 
ATOM   353  C CD1 . ILE A 1 49  ? -6.992  -3.852  -1.100  1.00 7.31  ? 49  ILE A CD1 1 
ATOM   354  N N   . TYR A 1 50  ? -5.237  -6.150  -5.230  1.00 6.16  ? 50  TYR A N   1 
ATOM   355  C CA  . TYR A 1 50  ? -4.903  -6.274  -6.641  1.00 4.91  ? 50  TYR A CA  1 
ATOM   356  C C   . TYR A 1 50  ? -5.902  -5.635  -7.477  1.00 2.88  ? 50  TYR A C   1 
ATOM   357  O O   . TYR A 1 50  ? -7.055  -5.424  -6.967  1.00 5.73  ? 50  TYR A O   1 
ATOM   358  C CB  . TYR A 1 50  ? -4.488  -7.676  -7.098  1.00 5.60  ? 50  TYR A CB  1 
ATOM   359  C CG  . TYR A 1 50  ? -5.415  -8.814  -6.868  1.00 7.70  ? 50  TYR A CG  1 
ATOM   360  C CD1 . TYR A 1 50  ? -6.710  -8.668  -6.407  1.00 7.04  ? 50  TYR A CD1 1 
ATOM   361  C CD2 . TYR A 1 50  ? -5.000  -10.148 -7.125  1.00 9.62  ? 50  TYR A CD2 1 
ATOM   362  C CE1 . TYR A 1 50  ? -7.583  -9.734  -6.221  1.00 7.80  ? 50  TYR A CE1 1 
ATOM   363  C CE2 . TYR A 1 50  ? -5.802  -11.237 -6.949  1.00 9.65  ? 50  TYR A CE2 1 
ATOM   364  C CZ  . TYR A 1 50  ? -7.075  -11.020 -6.430  1.00 9.82  ? 50  TYR A CZ  1 
ATOM   365  O OH  . TYR A 1 50  ? -7.883  -12.100 -6.271  1.00 9.17  ? 50  TYR A OH  1 
ATOM   366  N N   . TYR A 1 51  ? -5.664  -5.299  -8.722  1.00 4.27  ? 51  TYR A N   1 
ATOM   367  C CA  . TYR A 1 51  ? -6.631  -4.696  -9.666  1.00 7.28  ? 51  TYR A CA  1 
ATOM   368  C C   . TYR A 1 51  ? -7.241  -3.434  -9.079  1.00 8.18  ? 51  TYR A C   1 
ATOM   369  O O   . TYR A 1 51  ? -8.487  -3.269  -9.151  1.00 7.11  ? 51  TYR A O   1 
ATOM   370  C CB  . TYR A 1 51  ? -7.681  -5.739  -10.118 1.00 9.00  ? 51  TYR A CB  1 
ATOM   371  C CG  . TYR A 1 51  ? -7.082  -6.994  -10.709 1.00 7.45  ? 51  TYR A CG  1 
ATOM   372  C CD1 . TYR A 1 51  ? -6.477  -6.945  -11.951 1.00 9.49  ? 51  TYR A CD1 1 
ATOM   373  C CD2 . TYR A 1 51  ? -6.996  -8.179  -10.037 1.00 8.56  ? 51  TYR A CD2 1 
ATOM   374  C CE1 . TYR A 1 51  ? -5.907  -8.084  -12.527 1.00 9.25  ? 51  TYR A CE1 1 
ATOM   375  C CE2 . TYR A 1 51  ? -6.451  -9.348  -10.561 1.00 8.96  ? 51  TYR A CE2 1 
ATOM   376  C CZ  . TYR A 1 51  ? -5.870  -9.246  -11.806 1.00 8.19  ? 51  TYR A CZ  1 
ATOM   377  O OH  . TYR A 1 51  ? -5.342  -10.384 -12.368 1.00 11.12 ? 51  TYR A OH  1 
ATOM   378  N N   . ASN A 1 52  ? -6.437  -2.604  -8.513  1.00 6.86  ? 52  ASN A N   1 
ATOM   379  C CA  . ASN A 1 52  ? -6.741  -1.321  -7.904  1.00 8.37  ? 52  ASN A CA  1 
ATOM   380  C C   . ASN A 1 52  ? -7.507  -1.385  -6.593  1.00 7.80  ? 52  ASN A C   1 
ATOM   381  O O   . ASN A 1 52  ? -7.117  -0.655  -5.671  1.00 8.06  ? 52  ASN A O   1 
ATOM   382  C CB  . ASN A 1 52  ? -7.535  -0.361  -8.829  1.00 9.02  ? 52  ASN A CB  1 
ATOM   383  C CG  . ASN A 1 52  ? -6.945  -0.055  -10.192 1.00 10.79 ? 52  ASN A CG  1 
ATOM   384  O OD1 . ASN A 1 52  ? -5.730  0.260   -10.081 1.00 12.36 ? 52  ASN A OD1 1 
ATOM   385  N ND2 . ASN A 1 52  ? -7.690  -0.037  -11.295 1.00 12.29 ? 52  ASN A ND2 1 
ATOM   386  N N   . ASP A 1 53  ? -8.532  -2.187  -6.525  1.00 6.47  ? 53  ASP A N   1 
ATOM   387  C CA  . ASP A 1 53  ? -9.430  -2.180  -5.355  1.00 8.41  ? 53  ASP A CA  1 
ATOM   388  C C   . ASP A 1 53  ? -9.963  -3.490  -4.944  1.00 8.61  ? 53  ASP A C   1 
ATOM   389  O O   . ASP A 1 53  ? -10.888 -3.509  -4.085  1.00 10.01 ? 53  ASP A O   1 
ATOM   390  C CB  . ASP A 1 53  ? -10.447 -1.022  -5.570  1.00 11.10 ? 53  ASP A CB  1 
ATOM   391  C CG  . ASP A 1 53  ? -11.293 -1.377  -6.735  1.00 14.52 ? 53  ASP A CG  1 
ATOM   392  O OD1 . ASP A 1 53  ? -11.398 -2.458  -7.267  1.00 15.62 ? 53  ASP A OD1 1 
ATOM   393  O OD2 . ASP A 1 53  ? -12.064 -0.488  -7.172  1.00 22.26 ? 53  ASP A OD2 1 
ATOM   394  N N   . LEU A 1 54  ? -9.512  -4.632  -5.413  1.00 5.46  ? 54  LEU A N   1 
ATOM   395  C CA  . LEU A 1 54  ? -10.011 -5.931  -5.042  1.00 7.38  ? 54  LEU A CA  1 
ATOM   396  C C   . LEU A 1 54  ? -9.167  -6.636  -4.034  1.00 5.37  ? 54  LEU A C   1 
ATOM   397  O O   . LEU A 1 54  ? -7.977  -6.516  -4.023  1.00 7.52  ? 54  LEU A O   1 
ATOM   398  C CB  . LEU A 1 54  ? -10.236 -6.801  -6.298  1.00 6.27  ? 54  LEU A CB  1 
ATOM   399  C CG  . LEU A 1 54  ? -11.080 -6.317  -7.426  1.00 9.04  ? 54  LEU A CG  1 
ATOM   400  C CD1 . LEU A 1 54  ? -11.115 -7.373  -8.530  1.00 10.81 ? 54  LEU A CD1 1 
ATOM   401  C CD2 . LEU A 1 54  ? -12.481 -5.963  -6.907  1.00 10.76 ? 54  LEU A CD2 1 
ATOM   402  N N   . LEU A 1 55  ? -9.845  -7.318  -3.104  1.00 7.26  ? 55  LEU A N   1 
ATOM   403  C CA  . LEU A 1 55  ? -9.211  -8.117  -2.079  1.00 6.99  ? 55  LEU A CA  1 
ATOM   404  C C   . LEU A 1 55  ? -8.985  -9.557  -2.559  1.00 6.94  ? 55  LEU A C   1 
ATOM   405  O O   . LEU A 1 55  ? -9.961  -10.188 -2.992  1.00 8.66  ? 55  LEU A O   1 
ATOM   406  C CB  . LEU A 1 55  ? -10.076 -8.119  -0.798  1.00 8.57  ? 55  LEU A CB  1 
ATOM   407  C CG  . LEU A 1 55  ? -9.985  -7.060  0.288   1.00 13.71 ? 55  LEU A CG  1 
ATOM   408  C CD1 . LEU A 1 55  ? -9.880  -5.693  -0.231  1.00 17.05 ? 55  LEU A CD1 1 
ATOM   409  C CD2 . LEU A 1 55  ? -11.034 -7.306  1.397   1.00 13.33 ? 55  LEU A CD2 1 
ATOM   410  N N   . PRO A 1 56  ? -7.765  -10.015 -2.470  1.00 9.13  ? 56  PRO A N   1 
ATOM   411  C CA  . PRO A 1 56  ? -7.457  -11.419 -2.755  1.00 8.61  ? 56  PRO A CA  1 
ATOM   412  C C   . PRO A 1 56  ? -8.059  -12.288 -1.647  1.00 7.47  ? 56  PRO A C   1 
ATOM   413  O O   . PRO A 1 56  ? -8.425  -11.830 -0.548  1.00 6.60  ? 56  PRO A O   1 
ATOM   414  C CB  . PRO A 1 56  ? -5.947  -11.493 -2.514  1.00 10.73 ? 56  PRO A CB  1 
ATOM   415  C CG  . PRO A 1 56  ? -5.465  -10.111 -2.751  1.00 11.61 ? 56  PRO A CG  1 
ATOM   416  C CD  . PRO A 1 56  ? -6.547  -9.282  -2.027  1.00 9.71  ? 56  PRO A CD  1 
ATOM   417  N N   . SER A 1 57  ? -8.041  -13.642 -1.815  1.00 7.68  ? 57  SER A N   1 
ATOM   418  C CA  . SER A 1 57  ? -8.457  -14.634 -0.845  1.00 8.53  ? 57  SER A CA  1 
ATOM   419  C C   . SER A 1 57  ? -7.719  -14.522 0.478   1.00 9.13  ? 57  SER A C   1 
ATOM   420  O O   . SER A 1 57  ? -6.483  -14.261 0.432   1.00 8.38  ? 57  SER A O   1 
ATOM   421  C CB  . SER A 1 57  ? -8.437  -16.262 -1.055  1.00 11.41 ? 57  SER A CB  1 
ATOM   422  O OG  . SER A 1 57  ? -7.477  -16.104 -1.989  1.00 18.02 ? 57  SER A OG  1 
ATOM   423  N N   . GLY A 1 58  ? -8.345  -14.725 1.590   1.00 7.74  ? 58  GLY A N   1 
ATOM   424  C CA  . GLY A 1 58  ? -7.671  -14.723 2.885   1.00 8.27  ? 58  GLY A CA  1 
ATOM   425  C C   . GLY A 1 58  ? -7.385  -13.350 3.428   1.00 10.55 ? 58  GLY A C   1 
ATOM   426  O O   . GLY A 1 58  ? -6.918  -13.354 4.550   1.00 12.28 ? 58  GLY A O   1 
ATOM   427  N N   . VAL A 1 59  ? -7.638  -12.299 2.707   1.00 8.34  ? 59  VAL A N   1 
ATOM   428  C CA  . VAL A 1 59  ? -7.290  -10.947 3.266   1.00 7.40  ? 59  VAL A CA  1 
ATOM   429  C C   . VAL A 1 59  ? -8.483  -10.371 4.042   1.00 5.44  ? 59  VAL A C   1 
ATOM   430  O O   . VAL A 1 59  ? -9.639  -10.408 3.588   1.00 7.22  ? 59  VAL A O   1 
ATOM   431  C CB  . VAL A 1 59  ? -6.805  -10.081 2.093   1.00 6.13  ? 59  VAL A CB  1 
ATOM   432  C CG1 . VAL A 1 59  ? -6.677  -8.597  2.566   1.00 10.45 ? 59  VAL A CG1 1 
ATOM   433  C CG2 . VAL A 1 59  ? -5.532  -10.557 1.403   1.00 8.95  ? 59  VAL A CG2 1 
ATOM   434  N N   . SER A 1 60  ? -8.219  -9.815  5.204   1.00 9.30  ? 60  SER A N   1 
ATOM   435  C CA  . SER A 1 60  ? -9.211  -9.200  6.067   1.00 11.83 ? 60  SER A CA  1 
ATOM   436  C C   . SER A 1 60  ? -9.997  -8.073  5.373   1.00 12.24 ? 60  SER A C   1 
ATOM   437  O O   . SER A 1 60  ? -9.363  -7.270  4.648   1.00 10.43 ? 60  SER A O   1 
ATOM   438  C CB  . SER A 1 60  ? -8.466  -8.573  7.260   1.00 14.73 ? 60  SER A CB  1 
ATOM   439  O OG  . SER A 1 60  ? -9.352  -7.906  8.122   1.00 16.88 ? 60  SER A OG  1 
ATOM   440  N N   . ASP A 1 61  ? -11.274 -8.000  5.602   1.00 12.54 ? 61  ASP A N   1 
ATOM   441  C CA  . ASP A 1 61  ? -12.073 -6.913  5.078   1.00 13.53 ? 61  ASP A CA  1 
ATOM   442  C C   . ASP A 1 61  ? -11.803 -5.535  5.766   1.00 10.77 ? 61  ASP A C   1 
ATOM   443  O O   . ASP A 1 61  ? -12.435 -4.571  5.338   1.00 13.10 ? 61  ASP A O   1 
ATOM   444  C CB  . ASP A 1 61  ? -13.539 -7.196  4.813   1.00 19.83 ? 61  ASP A CB  1 
ATOM   445  C CG  . ASP A 1 61  ? -14.187 -7.380  6.135   1.00 23.94 ? 61  ASP A CG  1 
ATOM   446  O OD1 . ASP A 1 61  ? -13.551 -7.414  7.200   1.00 28.22 ? 61  ASP A OD1 1 
ATOM   447  O OD2 . ASP A 1 61  ? -15.430 -7.527  5.902   1.00 29.44 ? 61  ASP A OD2 1 
ATOM   448  N N   . ARG A 1 62  ? -10.869 -5.484  6.688   1.00 10.00 ? 62  ARG A N   1 
ATOM   449  C CA  . ARG A 1 62  ? -10.446 -4.205  7.293   1.00 9.34  ? 62  ARG A CA  1 
ATOM   450  C C   . ARG A 1 62  ? -9.667  -3.443  6.238   1.00 11.16 ? 62  ARG A C   1 
ATOM   451  O O   . ARG A 1 62  ? -9.515  -2.213  6.443   1.00 11.41 ? 62  ARG A O   1 
ATOM   452  C CB  . ARG A 1 62  ? -9.598  -4.408  8.532   1.00 11.04 ? 62  ARG A CB  1 
ATOM   453  C CG  . ARG A 1 62  ? -10.415 -4.999  9.709   1.00 12.94 ? 62  ARG A CG  1 
ATOM   454  C CD  . ARG A 1 62  ? -9.724  -5.218  11.004  1.00 12.59 ? 62  ARG A CD  1 
ATOM   455  N NE  . ARG A 1 62  ? -8.436  -5.770  10.858  1.00 14.53 ? 62  ARG A NE  1 
ATOM   456  C CZ  . ARG A 1 62  ? -7.187  -5.385  10.760  1.00 14.12 ? 62  ARG A CZ  1 
ATOM   457  N NH1 . ARG A 1 62  ? -6.931  -4.023  10.818  1.00 13.41 ? 62  ARG A NH1 1 
ATOM   458  N NH2 . ARG A 1 62  ? -6.228  -6.275  10.770  1.00 15.81 ? 62  ARG A NH2 1 
ATOM   459  N N   . PHE A 1 63  ? -9.164  -4.130  5.198   1.00 6.96  ? 63  PHE A N   1 
ATOM   460  C CA  . PHE A 1 63  ? -8.415  -3.452  4.174   1.00 8.64  ? 63  PHE A CA  1 
ATOM   461  C C   . PHE A 1 63  ? -9.250  -3.026  3.006   1.00 8.67  ? 63  PHE A C   1 
ATOM   462  O O   . PHE A 1 63  ? -10.164 -3.822  2.572   1.00 9.79  ? 63  PHE A O   1 
ATOM   463  C CB  . PHE A 1 63  ? -7.183  -4.264  3.693   1.00 8.48  ? 63  PHE A CB  1 
ATOM   464  C CG  . PHE A 1 63  ? -6.124  -4.547  4.689   1.00 9.15  ? 63  PHE A CG  1 
ATOM   465  C CD1 . PHE A 1 63  ? -5.080  -3.692  4.889   1.00 12.24 ? 63  PHE A CD1 1 
ATOM   466  C CD2 . PHE A 1 63  ? -6.207  -5.665  5.470   1.00 12.60 ? 63  PHE A CD2 1 
ATOM   467  C CE1 . PHE A 1 63  ? -4.099  -3.898  5.831   1.00 13.37 ? 63  PHE A CE1 1 
ATOM   468  C CE2 . PHE A 1 63  ? -5.236  -5.935  6.455   1.00 15.43 ? 63  PHE A CE2 1 
ATOM   469  C CZ  . PHE A 1 63  ? -4.192  -5.015  6.638   1.00 13.58 ? 63  PHE A CZ  1 
ATOM   470  N N   . SER A 1 64  ? -9.007  -1.852  2.425   1.00 9.64  ? 64  SER A N   1 
ATOM   471  C CA  . SER A 1 64  ? -9.711  -1.392  1.251   1.00 8.92  ? 64  SER A CA  1 
ATOM   472  C C   . SER A 1 64  ? -8.743  -0.485  0.472   1.00 8.15  ? 64  SER A C   1 
ATOM   473  O O   . SER A 1 64  ? -7.797  -0.003  1.066   1.00 7.83  ? 64  SER A O   1 
ATOM   474  C CB  . SER A 1 64  ? -11.062 -0.638  1.404   1.00 12.74 ? 64  SER A CB  1 
ATOM   475  O OG  . SER A 1 64  ? -10.876 0.379   2.384   1.00 10.60 ? 64  SER A OG  1 
ATOM   476  N N   . ALA A 1 65  ? -9.063  -0.222  -0.779  1.00 8.57  ? 65  ALA A N   1 
ATOM   477  C CA  . ALA A 1 65  ? -8.237  0.629   -1.593  1.00 8.65  ? 65  ALA A CA  1 
ATOM   478  C C   . ALA A 1 65  ? -9.045  1.307   -2.647  1.00 8.53  ? 65  ALA A C   1 
ATOM   479  O O   . ALA A 1 65  ? -10.139 0.947   -2.991  1.00 12.28 ? 65  ALA A O   1 
ATOM   480  C CB  . ALA A 1 65  ? -7.005  -0.084  -2.191  1.00 9.02  ? 65  ALA A CB  1 
ATOM   481  N N   . SER A 1 66  ? -8.499  2.385   -3.166  1.00 10.03 ? 66  SER A N   1 
ATOM   482  C CA  . SER A 1 66  ? -9.082  3.164   -4.262  1.00 10.47 ? 66  SER A CA  1 
ATOM   483  C C   . SER A 1 66  ? -7.972  3.814   -5.099  1.00 11.46 ? 66  SER A C   1 
ATOM   484  O O   . SER A 1 66  ? -6.793  3.925   -4.723  1.00 9.88  ? 66  SER A O   1 
ATOM   485  C CB  . SER A 1 66  ? -9.974  4.276   -3.682  1.00 15.08 ? 66  SER A CB  1 
ATOM   486  O OG  . SER A 1 66  ? -9.316  5.164   -2.916  1.00 18.52 ? 66  SER A OG  1 
ATOM   487  N N   . LYS A 1 67  ? -8.387  4.182   -6.307  1.00 11.19 ? 67  LYS A N   1 
ATOM   488  C CA  . LYS A 1 67  ? -7.535  4.819   -7.292  1.00 14.70 ? 67  LYS A CA  1 
ATOM   489  C C   . LYS A 1 67  ? -8.371  5.896   -8.002  1.00 17.39 ? 67  LYS A C   1 
ATOM   490  O O   . LYS A 1 67  ? -9.500  5.596   -8.398  1.00 20.83 ? 67  LYS A O   1 
ATOM   491  C CB  . LYS A 1 67  ? -6.942  3.850   -8.281  1.00 14.77 ? 67  LYS A CB  1 
ATOM   492  C CG  . LYS A 1 67  ? -5.840  4.219   -9.216  1.00 18.49 ? 67  LYS A CG  1 
ATOM   493  C CD  . LYS A 1 67  ? -6.111  4.430   -10.666 1.00 20.34 ? 67  LYS A CD  1 
ATOM   494  C CE  . LYS A 1 67  ? -6.252  3.570   -11.831 1.00 19.72 ? 67  LYS A CE  1 
ATOM   495  N NZ  . LYS A 1 67  ? -5.353  2.406   -12.014 1.00 16.39 ? 67  LYS A NZ  1 
ATOM   496  N N   . SER A 1 68  ? -7.742  7.039   -8.108  1.00 16.81 ? 68  SER A N   1 
ATOM   497  C CA  . SER A 1 68  ? -8.383  8.179   -8.809  1.00 19.27 ? 68  SER A CA  1 
ATOM   498  C C   . SER A 1 68  ? -7.292  8.925   -9.575  1.00 15.11 ? 68  SER A C   1 
ATOM   499  O O   . SER A 1 68  ? -6.403  9.504   -8.908  1.00 14.61 ? 68  SER A O   1 
ATOM   500  C CB  . SER A 1 68  ? -9.128  9.100   -7.859  1.00 22.12 ? 68  SER A CB  1 
ATOM   501  O OG  . SER A 1 68  ? -9.455  10.451  -8.310  1.00 26.68 ? 68  SER A OG  1 
ATOM   502  N N   . GLY A 1 69  ? -7.442  8.898   -10.873 1.00 15.12 ? 69  GLY A N   1 
ATOM   503  C CA  . GLY A 1 69  ? -6.474  9.593   -11.757 1.00 12.44 ? 69  GLY A CA  1 
ATOM   504  C C   . GLY A 1 69  ? -5.040  9.079   -11.512 1.00 11.20 ? 69  GLY A C   1 
ATOM   505  O O   . GLY A 1 69  ? -5.015  7.899   -11.880 1.00 14.64 ? 69  GLY A O   1 
ATOM   506  N N   . THR A 1 70  ? -4.102  9.855   -11.060 1.00 12.60 ? 70  THR A N   1 
ATOM   507  C CA  . THR A 1 70  ? -2.714  9.339   -10.892 1.00 11.75 ? 70  THR A CA  1 
ATOM   508  C C   . THR A 1 70  ? -2.323  9.043   -9.485  1.00 11.03 ? 70  THR A C   1 
ATOM   509  O O   . THR A 1 70  ? -1.122  8.870   -9.173  1.00 11.06 ? 70  THR A O   1 
ATOM   510  C CB  . THR A 1 70  ? -1.743  10.323  -11.696 1.00 12.93 ? 70  THR A CB  1 
ATOM   511  O OG1 . THR A 1 70  ? -1.844  11.569  -10.989 1.00 14.85 ? 70  THR A OG1 1 
ATOM   512  C CG2 . THR A 1 70  ? -2.004  10.463  -13.192 1.00 15.41 ? 70  THR A CG2 1 
ATOM   513  N N   . SER A 1 71  ? -3.274  8.953   -8.558  1.00 8.23  ? 71  SER A N   1 
ATOM   514  C CA  . SER A 1 71  ? -3.076  8.689   -7.141  1.00 11.85 ? 71  SER A CA  1 
ATOM   515  C C   . SER A 1 71  ? -3.899  7.462   -6.710  1.00 10.78 ? 71  SER A C   1 
ATOM   516  O O   . SER A 1 71  ? -4.939  7.145   -7.315  1.00 13.70 ? 71  SER A O   1 
ATOM   517  C CB  . SER A 1 71  ? -3.678  9.846   -6.260  1.00 16.60 ? 71  SER A CB  1 
ATOM   518  O OG  . SER A 1 71  ? -2.610  10.777  -6.377  1.00 27.18 ? 71  SER A OG  1 
ATOM   519  N N   . ALA A 1 72  ? -3.384  6.712   -5.761  1.00 9.45  ? 72  ALA A N   1 
ATOM   520  C CA  . ALA A 1 72  ? -3.975  5.527   -5.172  1.00 8.83  ? 72  ALA A CA  1 
ATOM   521  C C   . ALA A 1 72  ? -3.857  5.590   -3.654  1.00 8.96  ? 72  ALA A C   1 
ATOM   522  O O   . ALA A 1 72  ? -2.969  6.250   -3.133  1.00 11.74 ? 72  ALA A O   1 
ATOM   523  C CB  . ALA A 1 72  ? -3.346  4.293   -5.776  1.00 9.89  ? 72  ALA A CB  1 
ATOM   524  N N   . SER A 1 73  ? -4.759  4.965   -2.966  1.00 9.38  ? 73  SER A N   1 
ATOM   525  C CA  . SER A 1 73  ? -4.806  4.938   -1.535  1.00 9.13  ? 73  SER A CA  1 
ATOM   526  C C   . SER A 1 73  ? -5.212  3.612   -0.933  1.00 6.38  ? 73  SER A C   1 
ATOM   527  O O   . SER A 1 73  ? -6.154  3.039   -1.454  1.00 11.27 ? 73  SER A O   1 
ATOM   528  C CB  . SER A 1 73  ? -5.833  6.087   -1.271  1.00 14.90 ? 73  SER A CB  1 
ATOM   529  O OG  . SER A 1 73  ? -5.932  6.255   0.104   1.00 24.67 ? 73  SER A OG  1 
ATOM   530  N N   . LEU A 1 74  ? -4.553  3.247   0.115   1.00 5.57  ? 74  LEU A N   1 
ATOM   531  C CA  . LEU A 1 74  ? -4.810  2.080   0.932   1.00 5.97  ? 74  LEU A CA  1 
ATOM   532  C C   . LEU A 1 74  ? -5.395  2.513   2.276   1.00 8.36  ? 74  LEU A C   1 
ATOM   533  O O   . LEU A 1 74  ? -4.721  3.315   2.930   1.00 9.30  ? 74  LEU A O   1 
ATOM   534  C CB  . LEU A 1 74  ? -3.605  1.206   1.175   1.00 6.00  ? 74  LEU A CB  1 
ATOM   535  C CG  . LEU A 1 74  ? -3.666  -0.015  2.028   1.00 6.67  ? 74  LEU A CG  1 
ATOM   536  C CD1 . LEU A 1 74  ? -4.513  -1.130  1.374   1.00 9.63  ? 74  LEU A CD1 1 
ATOM   537  C CD2 . LEU A 1 74  ? -2.325  -0.581  2.407   1.00 11.11 ? 74  LEU A CD2 1 
ATOM   538  N N   . ALA A 1 75  ? -6.539  1.959   2.653   1.00 8.71  ? 75  ALA A N   1 
ATOM   539  C CA  . ALA A 1 75  ? -7.110  2.301   3.975   1.00 10.23 ? 75  ALA A CA  1 
ATOM   540  C C   . ALA A 1 75  ? -7.103  1.099   4.860   1.00 9.02  ? 75  ALA A C   1 
ATOM   541  O O   . ALA A 1 75  ? -7.508  -0.005  4.361   1.00 10.50 ? 75  ALA A O   1 
ATOM   542  C CB  . ALA A 1 75  ? -8.546  2.803   3.737   1.00 10.25 ? 75  ALA A CB  1 
ATOM   543  N N   . ILE A 1 76  ? -6.764  1.167   6.113   1.00 8.00  ? 76  ILE A N   1 
ATOM   544  C CA  . ILE A 1 76  ? -6.800  0.129   7.119   1.00 9.13  ? 76  ILE A CA  1 
ATOM   545  C C   . ILE A 1 76  ? -7.809  0.620   8.162   1.00 11.52 ? 76  ILE A C   1 
ATOM   546  O O   . ILE A 1 76  ? -7.561  1.689   8.755   1.00 13.23 ? 76  ILE A O   1 
ATOM   547  C CB  . ILE A 1 76  ? -5.426  -0.138  7.778   1.00 9.11  ? 76  ILE A CB  1 
ATOM   548  C CG1 . ILE A 1 76  ? -4.385  -0.269  6.621   1.00 12.93 ? 76  ILE A CG1 1 
ATOM   549  C CG2 . ILE A 1 76  ? -5.463  -1.341  8.700   1.00 13.44 ? 76  ILE A CG2 1 
ATOM   550  C CD1 . ILE A 1 76  ? -2.869  -0.265  6.997   1.00 16.66 ? 76  ILE A CD1 1 
ATOM   551  N N   . SER A 1 77  ? -8.931  -0.031  8.294   1.00 12.67 ? 77  SER A N   1 
ATOM   552  C CA  . SER A 1 77  ? -9.957  0.316   9.313   1.00 14.60 ? 77  SER A CA  1 
ATOM   553  C C   . SER A 1 77  ? -9.538  -0.539  10.488  1.00 14.25 ? 77  SER A C   1 
ATOM   554  O O   . SER A 1 77  ? -8.839  -1.563  10.399  1.00 14.83 ? 77  SER A O   1 
ATOM   555  C CB  . SER A 1 77  ? -11.286 0.044   8.676   1.00 16.01 ? 77  SER A CB  1 
ATOM   556  O OG  . SER A 1 77  ? -11.451 1.009   7.614   1.00 19.68 ? 77  SER A OG  1 
ATOM   557  N N   . GLY A 1 78  ? -9.908  -0.169  11.665  1.00 12.23 ? 78  GLY A N   1 
ATOM   558  C CA  . GLY A 1 78  ? -9.739  -0.862  12.937  1.00 10.79 ? 78  GLY A CA  1 
ATOM   559  C C   . GLY A 1 78  ? -8.334  -1.243  13.227  1.00 11.63 ? 78  GLY A C   1 
ATOM   560  O O   . GLY A 1 78  ? -8.052  -2.411  13.533  1.00 13.79 ? 78  GLY A O   1 
ATOM   561  N N   . LEU A 1 79  ? -7.398  -0.284  13.052  1.00 10.52 ? 79  LEU A N   1 
ATOM   562  C CA  . LEU A 1 79  ? -5.955  -0.583  13.240  1.00 10.55 ? 79  LEU A CA  1 
ATOM   563  C C   . LEU A 1 79  ? -5.651  -1.449  14.425  1.00 11.12 ? 79  LEU A C   1 
ATOM   564  O O   . LEU A 1 79  ? -6.148  -1.313  15.609  1.00 9.76  ? 79  LEU A O   1 
ATOM   565  C CB  . LEU A 1 79  ? -5.175  0.745   13.393  1.00 12.56 ? 79  LEU A CB  1 
ATOM   566  C CG  . LEU A 1 79  ? -3.660  0.719   13.220  1.00 12.95 ? 79  LEU A CG  1 
ATOM   567  C CD1 . LEU A 1 79  ? -3.313  0.239   11.821  1.00 12.55 ? 79  LEU A CD1 1 
ATOM   568  C CD2 . LEU A 1 79  ? -3.105  2.126   13.552  1.00 13.14 ? 79  LEU A CD2 1 
ATOM   569  N N   . GLU A 1 80  ? -4.853  -2.505  14.118  1.00 12.11 ? 80  GLU A N   1 
ATOM   570  C CA  . GLU A 1 80  ? -4.477  -3.492  15.123  1.00 13.71 ? 80  GLU A CA  1 
ATOM   571  C C   . GLU A 1 80  ? -2.986  -3.662  15.180  1.00 12.96 ? 80  GLU A C   1 
ATOM   572  O O   . GLU A 1 80  ? -2.303  -3.369  14.214  1.00 10.60 ? 80  GLU A O   1 
ATOM   573  C CB  . GLU A 1 80  ? -5.069  -4.914  14.808  1.00 18.77 ? 80  GLU A CB  1 
ATOM   574  C CG  . GLU A 1 80  ? -6.564  -5.033  14.557  1.00 25.59 ? 80  GLU A CG  1 
ATOM   575  C CD  . GLU A 1 80  ? -7.011  -6.464  14.281  1.00 30.06 ? 80  GLU A CD  1 
ATOM   576  O OE1 . GLU A 1 80  ? -6.146  -7.348  14.278  1.00 34.27 ? 80  GLU A OE1 1 
ATOM   577  O OE2 . GLU A 1 80  ? -8.255  -6.516  14.067  1.00 32.82 ? 80  GLU A OE2 1 
ATOM   578  N N   . SER A 1 81  ? -2.428  -4.146  16.301  1.00 13.44 ? 81  SER A N   1 
ATOM   579  C CA  . SER A 1 81  ? -1.021  -4.306  16.470  1.00 15.68 ? 81  SER A CA  1 
ATOM   580  C C   . SER A 1 81  ? -0.341  -5.121  15.349  1.00 16.00 ? 81  SER A C   1 
ATOM   581  O O   . SER A 1 81  ? 0.761   -4.818  14.899  1.00 14.81 ? 81  SER A O   1 
ATOM   582  C CB  . SER A 1 81  ? -0.677  -4.650  17.906  1.00 18.62 ? 81  SER A CB  1 
ATOM   583  O OG  . SER A 1 81  ? -0.675  -6.023  17.884  1.00 24.79 ? 81  SER A OG  1 
ATOM   584  N N   . GLU A 1 82  ? -1.081  -6.129  14.889  1.00 17.01 ? 82  GLU A N   1 
ATOM   585  C CA  . GLU A 1 82  ? -0.596  -7.008  13.827  1.00 20.29 ? 82  GLU A CA  1 
ATOM   586  C C   . GLU A 1 82  ? -0.375  -6.290  12.516  1.00 17.85 ? 82  GLU A C   1 
ATOM   587  O O   . GLU A 1 82  ? 0.302   -6.844  11.625  1.00 17.49 ? 82  GLU A O   1 
ATOM   588  C CB  . GLU A 1 82  ? -1.533  -8.208  13.633  1.00 25.05 ? 82  GLU A CB  1 
ATOM   589  C CG  . GLU A 1 82  ? -2.877  -7.938  12.978  1.00 31.73 ? 82  GLU A CG  1 
ATOM   590  C CD  . GLU A 1 82  ? -3.464  -9.202  12.365  1.00 36.83 ? 82  GLU A CD  1 
ATOM   591  O OE1 . GLU A 1 82  ? -3.254  -9.577  11.205  1.00 38.70 ? 82  GLU A OE1 1 
ATOM   592  O OE2 . GLU A 1 82  ? -4.156  -9.770  13.271  1.00 38.60 ? 82  GLU A OE2 1 
ATOM   593  N N   . ASP A 1 83  ? -0.894  -5.102  12.355  1.00 10.96 ? 83  ASP A N   1 
ATOM   594  C CA  . ASP A 1 83  ? -0.764  -4.297  11.159  1.00 10.95 ? 83  ASP A CA  1 
ATOM   595  C C   . ASP A 1 83  ? 0.545   -3.583  11.003  1.00 10.06 ? 83  ASP A C   1 
ATOM   596  O O   . ASP A 1 83  ? 0.731   -3.033  9.904   1.00 12.60 ? 83  ASP A O   1 
ATOM   597  C CB  . ASP A 1 83  ? -1.930  -3.350  10.913  1.00 11.70 ? 83  ASP A CB  1 
ATOM   598  C CG  . ASP A 1 83  ? -3.321  -3.926  10.973  1.00 12.70 ? 83  ASP A CG  1 
ATOM   599  O OD1 . ASP A 1 83  ? -4.264  -3.269  11.370  1.00 11.24 ? 83  ASP A OD1 1 
ATOM   600  O OD2 . ASP A 1 83  ? -3.510  -5.061  10.502  1.00 11.74 ? 83  ASP A OD2 1 
ATOM   601  N N   . GLU A 1 84  ? 1.374   -3.610  11.995  1.00 10.02 ? 84  GLU A N   1 
ATOM   602  C CA  . GLU A 1 84  ? 2.696   -2.976  11.937  1.00 10.86 ? 84  GLU A CA  1 
ATOM   603  C C   . GLU A 1 84  ? 3.529   -3.798  10.933  1.00 10.68 ? 84  GLU A C   1 
ATOM   604  O O   . GLU A 1 84  ? 3.667   -5.046  11.046  1.00 13.72 ? 84  GLU A O   1 
ATOM   605  C CB  . GLU A 1 84  ? 3.310   -3.039  13.326  1.00 14.26 ? 84  GLU A CB  1 
ATOM   606  C CG  . GLU A 1 84  ? 4.446   -2.065  13.594  1.00 20.62 ? 84  GLU A CG  1 
ATOM   607  C CD  . GLU A 1 84  ? 4.518   -1.814  15.073  1.00 23.76 ? 84  GLU A CD  1 
ATOM   608  O OE1 . GLU A 1 84  ? 4.284   -0.827  15.688  1.00 19.86 ? 84  GLU A OE1 1 
ATOM   609  O OE2 . GLU A 1 84  ? 4.853   -2.901  15.637  1.00 28.93 ? 84  GLU A OE2 1 
ATOM   610  N N   . ALA A 1 85  ? 3.905   -3.064  9.920   1.00 8.94  ? 85  ALA A N   1 
ATOM   611  C CA  . ALA A 1 85  ? 4.680   -3.660  8.795   1.00 10.75 ? 85  ALA A CA  1 
ATOM   612  C C   . ALA A 1 85  ? 5.051   -2.592  7.782   1.00 8.07  ? 85  ALA A C   1 
ATOM   613  O O   . ALA A 1 85  ? 4.774   -1.420  8.013   1.00 7.40  ? 85  ALA A O   1 
ATOM   614  C CB  . ALA A 1 85  ? 3.700   -4.642  8.117   1.00 12.45 ? 85  ALA A CB  1 
ATOM   615  N N   . ASP A 1 86  ? 5.751   -2.964  6.712   1.00 7.56  ? 86  ASP A N   1 
ATOM   616  C CA  . ASP A 1 86  ? 6.136   -2.119  5.608   1.00 9.19  ? 86  ASP A CA  1 
ATOM   617  C C   . ASP A 1 86  ? 5.178   -2.393  4.482   1.00 8.58  ? 86  ASP A C   1 
ATOM   618  O O   . ASP A 1 86  ? 5.092   -3.545  4.049   1.00 8.69  ? 86  ASP A O   1 
ATOM   619  C CB  . ASP A 1 86  ? 7.559   -2.451  5.149   1.00 14.12 ? 86  ASP A CB  1 
ATOM   620  C CG  . ASP A 1 86  ? 8.617   -2.213  6.238   1.00 19.05 ? 86  ASP A CG  1 
ATOM   621  O OD1 . ASP A 1 86  ? 9.073   -3.234  6.859   1.00 25.77 ? 86  ASP A OD1 1 
ATOM   622  O OD2 . ASP A 1 86  ? 8.812   -1.021  6.309   1.00 19.18 ? 86  ASP A OD2 1 
ATOM   623  N N   . TYR A 1 87  ? 4.518   -1.411  3.945   1.00 6.81  ? 87  TYR A N   1 
ATOM   624  C CA  . TYR A 1 87  ? 3.553   -1.400  2.889   1.00 6.00  ? 87  TYR A CA  1 
ATOM   625  C C   . TYR A 1 87  ? 4.061   -0.793  1.583   1.00 5.91  ? 87  TYR A C   1 
ATOM   626  O O   . TYR A 1 87  ? 4.597   0.328   1.646   1.00 7.55  ? 87  TYR A O   1 
ATOM   627  C CB  . TYR A 1 87  ? 2.202   -0.761  3.174   1.00 7.06  ? 87  TYR A CB  1 
ATOM   628  C CG  . TYR A 1 87  ? 1.552   -1.392  4.414   1.00 6.61  ? 87  TYR A CG  1 
ATOM   629  C CD1 . TYR A 1 87  ? 1.976   -1.161  5.723   1.00 6.94  ? 87  TYR A CD1 1 
ATOM   630  C CD2 . TYR A 1 87  ? 0.494   -2.309  4.203   1.00 9.66  ? 87  TYR A CD2 1 
ATOM   631  C CE1 . TYR A 1 87  ? 1.338   -1.820  6.764   1.00 8.92  ? 87  TYR A CE1 1 
ATOM   632  C CE2 . TYR A 1 87  ? -0.158  -2.932  5.231   1.00 9.99  ? 87  TYR A CE2 1 
ATOM   633  C CZ  . TYR A 1 87  ? 0.283   -2.676  6.544   1.00 9.52  ? 87  TYR A CZ  1 
ATOM   634  O OH  . TYR A 1 87  ? -0.378  -3.352  7.563   1.00 11.34 ? 87  TYR A OH  1 
ATOM   635  N N   . TYR A 1 88  ? 3.868   -1.476  0.444   1.00 3.86  ? 88  TYR A N   1 
ATOM   636  C CA  . TYR A 1 88  ? 4.312   -0.956  -0.822  1.00 3.23  ? 88  TYR A CA  1 
ATOM   637  C C   . TYR A 1 88  ? 3.229   -0.913  -1.825  1.00 4.45  ? 88  TYR A C   1 
ATOM   638  O O   . TYR A 1 88  ? 2.365   -1.819  -1.845  1.00 5.71  ? 88  TYR A O   1 
ATOM   639  C CB  . TYR A 1 88  ? 5.395   -1.992  -1.387  1.00 4.71  ? 88  TYR A CB  1 
ATOM   640  C CG  . TYR A 1 88  ? 6.645   -2.120  -0.523  1.00 5.66  ? 88  TYR A CG  1 
ATOM   641  C CD1 . TYR A 1 88  ? 7.741   -1.265  -0.831  1.00 6.60  ? 88  TYR A CD1 1 
ATOM   642  C CD2 . TYR A 1 88  ? 6.678   -2.930  0.583   1.00 6.43  ? 88  TYR A CD2 1 
ATOM   643  C CE1 . TYR A 1 88  ? 8.839   -1.337  0.028   1.00 5.58  ? 88  TYR A CE1 1 
ATOM   644  C CE2 . TYR A 1 88  ? 7.755   -2.962  1.433   1.00 4.83  ? 88  TYR A CE2 1 
ATOM   645  C CZ  . TYR A 1 88  ? 8.847   -2.168  1.133   1.00 3.80  ? 88  TYR A CZ  1 
ATOM   646  O OH  . TYR A 1 88  ? 9.978   -2.184  1.972   1.00 8.86  ? 88  TYR A OH  1 
ATOM   647  N N   . CYS A 1 89  ? 3.205   0.000   -2.683  1.00 4.14  ? 89  CYS A N   1 
ATOM   648  C CA  . CYS A 1 89  ? 2.386   0.101   -3.885  1.00 2.99  ? 89  CYS A CA  1 
ATOM   649  C C   . CYS A 1 89  ? 3.250   -0.161  -5.133  1.00 3.65  ? 89  CYS A C   1 
ATOM   650  O O   . CYS A 1 89  ? 4.489   0.046   -5.168  1.00 5.26  ? 89  CYS A O   1 
ATOM   651  C CB  . CYS A 1 89  ? 1.605   1.376   -4.138  1.00 4.74  ? 89  CYS A CB  1 
ATOM   652  S SG  . CYS A 1 89  ? 2.722   2.851   -4.077  1.00 8.11  ? 89  CYS A SG  1 
ATOM   653  N N   . ALA A 1 90  ? 2.644   -0.763  -6.132  1.00 5.25  ? 90  ALA A N   1 
ATOM   654  C CA  . ALA A 1 90  ? 3.264   -1.056  -7.438  1.00 5.51  ? 90  ALA A CA  1 
ATOM   655  C C   . ALA A 1 90  ? 2.323   -0.931  -8.589  1.00 6.75  ? 90  ALA A C   1 
ATOM   656  O O   . ALA A 1 90  ? 1.111   -1.182  -8.376  1.00 6.19  ? 90  ALA A O   1 
ATOM   657  C CB  . ALA A 1 90  ? 3.981   -2.445  -7.431  1.00 5.92  ? 90  ALA A CB  1 
ATOM   658  N N   . ALA A 1 91  ? 2.770   -0.662  -9.784  1.00 6.42  ? 91  ALA A N   1 
ATOM   659  C CA  . ALA A 1 91  ? 1.948   -0.662  -10.961 1.00 6.71  ? 91  ALA A CA  1 
ATOM   660  C C   . ALA A 1 91  ? 2.863   -0.777  -12.195 1.00 8.35  ? 91  ALA A C   1 
ATOM   661  O O   . ALA A 1 91  ? 3.983   -0.324  -12.140 1.00 8.38  ? 91  ALA A O   1 
ATOM   662  C CB  . ALA A 1 91  ? 1.072   0.613   -11.022 1.00 8.51  ? 91  ALA A CB  1 
ATOM   663  N N   . TRP A 1 92  ? 2.341   -1.333  -13.226 1.00 7.84  ? 92  TRP A N   1 
ATOM   664  C CA  . TRP A 1 92  ? 3.065   -1.443  -14.508 1.00 8.36  ? 92  TRP A CA  1 
ATOM   665  C C   . TRP A 1 92  ? 3.253   -0.019  -14.983 1.00 8.92  ? 92  TRP A C   1 
ATOM   666  O O   . TRP A 1 92  ? 2.326   0.803   -14.896 1.00 8.34  ? 92  TRP A O   1 
ATOM   667  C CB  . TRP A 1 92  ? 2.267   -2.143  -15.590 1.00 9.24  ? 92  TRP A CB  1 
ATOM   668  C CG  . TRP A 1 92  ? 3.018   -2.396  -16.864 1.00 7.40  ? 92  TRP A CG  1 
ATOM   669  C CD1 . TRP A 1 92  ? 3.088   -1.625  -17.999 1.00 11.04 ? 92  TRP A CD1 1 
ATOM   670  C CD2 . TRP A 1 92  ? 3.902   -3.532  -17.076 1.00 10.82 ? 92  TRP A CD2 1 
ATOM   671  N NE1 . TRP A 1 92  ? 3.917   -2.240  -18.922 1.00 11.01 ? 92  TRP A NE1 1 
ATOM   672  C CE2 . TRP A 1 92  ? 4.424   -3.390  -18.375 1.00 12.81 ? 92  TRP A CE2 1 
ATOM   673  C CE3 . TRP A 1 92  ? 4.167   -4.655  -16.288 1.00 10.49 ? 92  TRP A CE3 1 
ATOM   674  C CZ2 . TRP A 1 92  ? 5.251   -4.376  -18.878 1.00 11.88 ? 92  TRP A CZ2 1 
ATOM   675  C CZ3 . TRP A 1 92  ? 5.026   -5.625  -16.794 1.00 11.54 ? 92  TRP A CZ3 1 
ATOM   676  C CH2 . TRP A 1 92  ? 5.506   -5.457  -18.079 1.00 9.96  ? 92  TRP A CH2 1 
ATOM   677  N N   . ASN A 1 93  ? 4.443   0.263   -15.506 1.00 7.78  ? 93  ASN A N   1 
ATOM   678  C CA  . ASN A 1 93  ? 4.777   1.585   -16.029 1.00 8.60  ? 93  ASN A CA  1 
ATOM   679  C C   . ASN A 1 93  ? 5.101   1.401   -17.531 1.00 11.14 ? 93  ASN A C   1 
ATOM   680  O O   . ASN A 1 93  ? 6.060   0.695   -17.921 1.00 10.99 ? 93  ASN A O   1 
ATOM   681  C CB  . ASN A 1 93  ? 5.854   2.214   -15.220 1.00 8.60  ? 93  ASN A CB  1 
ATOM   682  C CG  . ASN A 1 93  ? 6.151   3.669   -15.558 1.00 13.12 ? 93  ASN A CG  1 
ATOM   683  O OD1 . ASN A 1 93  ? 6.197   3.969   -16.766 1.00 16.81 ? 93  ASN A OD1 1 
ATOM   684  N ND2 . ASN A 1 93  ? 6.412   4.480   -14.603 1.00 9.80  ? 93  ASN A ND2 1 
ATOM   685  N N   . ASP A 1 94  ? 4.323   2.087   -18.319 1.00 10.94 ? 94  ASP A N   1 
ATOM   686  C CA  . ASP A 1 94  ? 4.466   2.009   -19.794 1.00 14.08 ? 94  ASP A CA  1 
ATOM   687  C C   . ASP A 1 94  ? 5.811   2.573   -20.232 1.00 14.54 ? 94  ASP A C   1 
ATOM   688  O O   . ASP A 1 94  ? 6.307   2.171   -21.316 1.00 19.14 ? 94  ASP A O   1 
ATOM   689  C CB  . ASP A 1 94  ? 3.276   2.739   -20.447 1.00 16.15 ? 94  ASP A CB  1 
ATOM   690  C CG  . ASP A 1 94  ? 1.922   2.109   -20.251 1.00 18.79 ? 94  ASP A CG  1 
ATOM   691  O OD1 . ASP A 1 94  ? 0.833   2.683   -20.379 1.00 22.56 ? 94  ASP A OD1 1 
ATOM   692  O OD2 . ASP A 1 94  ? 1.777   0.942   -19.905 1.00 20.90 ? 94  ASP A OD2 1 
ATOM   693  N N   . SER A 1 95  ? 6.411   3.433   -19.494 1.00 14.67 ? 95  SER A N   1 
ATOM   694  C CA  . SER A 1 95  ? 7.682   4.125   -19.830 1.00 16.83 ? 95  SER A CA  1 
ATOM   695  C C   . SER A 1 95  ? 8.808   3.189   -19.508 1.00 17.56 ? 95  SER A C   1 
ATOM   696  O O   . SER A 1 95  ? 9.811   3.169   -20.261 1.00 19.86 ? 95  SER A O   1 
ATOM   697  C CB  . SER A 1 95  ? 7.682   5.538   -19.310 1.00 18.16 ? 95  SER A CB  1 
ATOM   698  O OG  . SER A 1 95  ? 8.029   5.536   -17.931 1.00 23.02 ? 95  SER A OG  1 
ATOM   699  N N   . LEU A 1 96  ? 8.665   2.424   -18.461 1.00 14.19 ? 96  LEU A N   1 
ATOM   700  C CA  . LEU A 1 96  ? 9.711   1.480   -18.070 1.00 13.96 ? 96  LEU A CA  1 
ATOM   701  C C   . LEU A 1 96  ? 9.571   0.151   -18.825 1.00 13.16 ? 96  LEU A C   1 
ATOM   702  O O   . LEU A 1 96  ? 10.557  -0.593  -18.841 1.00 13.33 ? 96  LEU A O   1 
ATOM   703  C CB  . LEU A 1 96  ? 9.543   1.130   -16.581 1.00 11.52 ? 96  LEU A CB  1 
ATOM   704  C CG  . LEU A 1 96  ? 9.774   2.174   -15.525 1.00 14.01 ? 96  LEU A CG  1 
ATOM   705  C CD1 . LEU A 1 96  ? 9.844   1.477   -14.154 1.00 13.65 ? 96  LEU A CD1 1 
ATOM   706  C CD2 . LEU A 1 96  ? 11.109  2.854   -15.784 1.00 17.08 ? 96  LEU A CD2 1 
ATOM   707  N N   . ASP A 1 97  ? 8.427   -0.153  -19.332 1.00 11.19 ? 97  ASP A N   1 
ATOM   708  C CA  . ASP A 1 97  ? 8.085   -1.432  -19.907 1.00 15.38 ? 97  ASP A CA  1 
ATOM   709  C C   . ASP A 1 97  ? 8.211   -2.511  -18.825 1.00 14.56 ? 97  ASP A C   1 
ATOM   710  O O   . ASP A 1 97  ? 8.707   -3.614  -19.098 1.00 12.81 ? 97  ASP A O   1 
ATOM   711  C CB  . ASP A 1 97  ? 8.954   -1.856  -21.102 1.00 19.42 ? 97  ASP A CB  1 
ATOM   712  C CG  . ASP A 1 97  ? 7.992   -2.238  -22.172 1.00 24.83 ? 97  ASP A CG  1 
ATOM   713  O OD1 . ASP A 1 97  ? 8.081   -1.349  -23.055 1.00 30.57 ? 97  ASP A OD1 1 
ATOM   714  O OD2 . ASP A 1 97  ? 7.234   -3.176  -21.978 1.00 25.68 ? 97  ASP A OD2 1 
ATOM   715  N N   . GLU A 1 98  ? 7.872   -2.216  -17.566 1.00 10.48 ? 98  GLU A N   1 
ATOM   716  C CA  . GLU A 1 98  ? 7.963   -3.187  -16.470 1.00 11.47 ? 98  GLU A CA  1 
ATOM   717  C C   . GLU A 1 98  ? 7.328   -2.475  -15.238 1.00 8.99  ? 98  GLU A C   1 
ATOM   718  O O   . GLU A 1 98  ? 6.917   -1.312  -15.343 1.00 7.58  ? 98  GLU A O   1 
ATOM   719  C CB  . GLU A 1 98  ? 9.352   -3.690  -16.423 1.00 23.12 ? 98  GLU A CB  1 
ATOM   720  C CG  . GLU A 1 98  ? 10.832  -3.789  -16.719 1.00 30.47 ? 98  GLU A CG  1 
ATOM   721  C CD  . GLU A 1 98  ? 11.795  -4.934  -16.389 1.00 35.75 ? 98  GLU A CD  1 
ATOM   722  O OE1 . GLU A 1 98  ? 13.065  -4.656  -16.392 1.00 37.09 ? 98  GLU A OE1 1 
ATOM   723  O OE2 . GLU A 1 98  ? 11.328  -6.113  -16.056 1.00 32.41 ? 98  GLU A OE2 1 
ATOM   724  N N   . PRO A 1 99  ? 7.252   -3.174  -14.139 1.00 7.82  ? 99  PRO A N   1 
ATOM   725  C CA  . PRO A 1 99  ? 6.617   -2.550  -12.956 1.00 7.69  ? 99  PRO A CA  1 
ATOM   726  C C   . PRO A 1 99  ? 7.442   -1.452  -12.325 1.00 7.68  ? 99  PRO A C   1 
ATOM   727  O O   . PRO A 1 99  ? 8.719   -1.498  -12.336 1.00 8.35  ? 99  PRO A O   1 
ATOM   728  C CB  . PRO A 1 99  ? 6.508   -3.718  -11.972 1.00 8.28  ? 99  PRO A CB  1 
ATOM   729  C CG  . PRO A 1 99  ? 7.188   -4.918  -12.498 1.00 10.22 ? 99  PRO A CG  1 
ATOM   730  C CD  . PRO A 1 99  ? 7.677   -4.567  -13.922 1.00 10.96 ? 99  PRO A CD  1 
ATOM   731  N N   . GLY A 1 100 ? 6.800   -0.451  -11.740 1.00 6.70  ? 100 GLY A N   1 
ATOM   732  C CA  . GLY A 1 100 ? 7.320   0.640   -10.964 1.00 6.85  ? 100 GLY A CA  1 
ATOM   733  C C   . GLY A 1 100 ? 6.888   0.547   -9.491  1.00 6.79  ? 100 GLY A C   1 
ATOM   734  O O   . GLY A 1 100 ? 5.786   0.003   -9.295  1.00 6.99  ? 100 GLY A O   1 
ATOM   735  N N   . PHE A 1 101 ? 7.687   0.988   -8.581  1.00 5.00  ? 101 PHE A N   1 
ATOM   736  C CA  . PHE A 1 101 ? 7.394   0.822   -7.152  1.00 5.81  ? 101 PHE A CA  1 
ATOM   737  C C   . PHE A 1 101 ? 7.541   2.096   -6.332  1.00 7.73  ? 101 PHE A C   1 
ATOM   738  O O   . PHE A 1 101 ? 8.162   3.040   -6.637  1.00 9.06  ? 101 PHE A O   1 
ATOM   739  C CB  . PHE A 1 101 ? 8.452   -0.140  -6.545  1.00 7.00  ? 101 PHE A CB  1 
ATOM   740  C CG  . PHE A 1 101 ? 8.462   -1.423  -7.307  1.00 6.55  ? 101 PHE A CG  1 
ATOM   741  C CD1 . PHE A 1 101 ? 9.315   -1.658  -8.356  1.00 7.22  ? 101 PHE A CD1 1 
ATOM   742  C CD2 . PHE A 1 101 ? 7.506   -2.376  -6.928  1.00 4.88  ? 101 PHE A CD2 1 
ATOM   743  C CE1 . PHE A 1 101 ? 9.300   -2.868  -9.032  1.00 9.20  ? 101 PHE A CE1 1 
ATOM   744  C CE2 . PHE A 1 101 ? 7.475   -3.626  -7.594  1.00 7.23  ? 101 PHE A CE2 1 
ATOM   745  C CZ  . PHE A 1 101 ? 8.371   -3.845  -8.628  1.00 6.48  ? 101 PHE A CZ  1 
ATOM   746  N N   . GLY A 1 102 ? 6.788   2.064   -5.273  1.00 7.70  ? 102 GLY A N   1 
ATOM   747  C CA  . GLY A 1 102 ? 6.863   3.069   -4.228  1.00 6.24  ? 102 GLY A CA  1 
ATOM   748  C C   . GLY A 1 102 ? 8.068   2.692   -3.379  1.00 7.15  ? 102 GLY A C   1 
ATOM   749  O O   . GLY A 1 102 ? 8.627   1.574   -3.440  1.00 8.40  ? 102 GLY A O   1 
ATOM   750  N N   . GLY A 1 103 ? 8.497   3.560   -2.477  1.00 7.29  ? 103 GLY A N   1 
ATOM   751  C CA  . GLY A 1 103 ? 9.592   3.387   -1.593  1.00 7.03  ? 103 GLY A CA  1 
ATOM   752  C C   . GLY A 1 103 ? 9.293   2.681   -0.319  1.00 8.29  ? 103 GLY A C   1 
ATOM   753  O O   . GLY A 1 103 ? 10.247  2.415   0.411   1.00 9.71  ? 103 GLY A O   1 
ATOM   754  N N   . GLY A 1 104 ? 7.988   2.427   -0.088  1.00 8.41  ? 104 GLY A N   1 
ATOM   755  C CA  . GLY A 1 104 ? 7.585   1.745   1.116   1.00 7.41  ? 104 GLY A CA  1 
ATOM   756  C C   . GLY A 1 104 ? 7.240   2.751   2.233   1.00 9.42  ? 104 GLY A C   1 
ATOM   757  O O   . GLY A 1 104 ? 7.724   3.858   2.353   1.00 9.06  ? 104 GLY A O   1 
ATOM   758  N N   . THR A 1 105 ? 6.231   2.269   2.996   1.00 5.65  ? 105 THR A N   1 
ATOM   759  C CA  . THR A 1 105 ? 5.719   3.098   4.148   1.00 3.81  ? 105 THR A CA  1 
ATOM   760  C C   . THR A 1 105 ? 5.764   2.184   5.352   1.00 4.75  ? 105 THR A C   1 
ATOM   761  O O   . THR A 1 105 ? 5.150   1.146   5.385   1.00 6.60  ? 105 THR A O   1 
ATOM   762  C CB  . THR A 1 105 ? 4.278   3.664   3.973   1.00 4.11  ? 105 THR A CB  1 
ATOM   763  O OG1 . THR A 1 105 ? 4.080   4.439   2.816   1.00 6.06  ? 105 THR A OG1 1 
ATOM   764  C CG2 . THR A 1 105 ? 3.833   4.326   5.292   1.00 6.58  ? 105 THR A CG2 1 
ATOM   765  N N   . LYS A 1 106 ? 6.531   2.544   6.398   1.00 4.37  ? 106 LYS A N   1 
ATOM   766  C CA  . LYS A 1 106 ? 6.623   1.811   7.643   1.00 4.08  ? 106 LYS A CA  1 
ATOM   767  C C   . LYS A 1 106 ? 5.432   2.261   8.477   1.00 8.65  ? 106 LYS A C   1 
ATOM   768  O O   . LYS A 1 106 ? 5.415   3.446   8.855   1.00 8.12  ? 106 LYS A O   1 
ATOM   769  C CB  . LYS A 1 106 ? 7.963   2.089   8.336   1.00 8.94  ? 106 LYS A CB  1 
ATOM   770  C CG  . LYS A 1 106 ? 7.962   1.463   9.717   1.00 14.89 ? 106 LYS A CG  1 
ATOM   771  C CD  . LYS A 1 106 ? 8.143   -0.016  9.794   1.00 22.42 ? 106 LYS A CD  1 
ATOM   772  C CE  . LYS A 1 106 ? 7.998   -0.498  11.252  1.00 25.57 ? 106 LYS A CE  1 
ATOM   773  N NZ  . LYS A 1 106 ? 6.571   -0.977  11.379  1.00 23.04 ? 106 LYS A NZ  1 
ATOM   774  N N   . LEU A 1 107 ? 4.513   1.410   8.842   1.00 7.33  ? 107 LEU A N   1 
ATOM   775  C CA  . LEU A 1 107 ? 3.371   1.725   9.692   1.00 7.69  ? 107 LEU A CA  1 
ATOM   776  C C   . LEU A 1 107 ? 3.652   1.259   11.095  1.00 8.38  ? 107 LEU A C   1 
ATOM   777  O O   . LEU A 1 107 ? 3.954   0.051   11.297  1.00 8.80  ? 107 LEU A O   1 
ATOM   778  C CB  . LEU A 1 107 ? 2.077   1.114   9.088   1.00 7.75  ? 107 LEU A CB  1 
ATOM   779  C CG  . LEU A 1 107 ? 0.895   1.120   10.078  1.00 10.07 ? 107 LEU A CG  1 
ATOM   780  C CD1 . LEU A 1 107 ? 0.295   2.512   10.136  1.00 13.33 ? 107 LEU A CD1 1 
ATOM   781  C CD2 . LEU A 1 107 ? -0.297  0.277   9.544   1.00 13.21 ? 107 LEU A CD2 1 
ATOM   782  N N   . THR A 1 108 ? 3.541   2.134   12.076  1.00 6.98  ? 108 THR A N   1 
ATOM   783  C CA  . THR A 1 108 ? 3.760   1.893   13.485  1.00 8.99  ? 108 THR A CA  1 
ATOM   784  C C   . THR A 1 108 ? 2.431   2.007   14.205  1.00 9.01  ? 108 THR A C   1 
ATOM   785  O O   . THR A 1 108 ? 1.667   2.981   13.986  1.00 7.02  ? 108 THR A O   1 
ATOM   786  C CB  . THR A 1 108 ? 4.772   2.916   14.158  1.00 12.03 ? 108 THR A CB  1 
ATOM   787  O OG1 . THR A 1 108 ? 6.075   2.801   13.525  1.00 12.78 ? 108 THR A OG1 1 
ATOM   788  C CG2 . THR A 1 108 ? 4.854   2.694   15.689  1.00 13.54 ? 108 THR A CG2 1 
ATOM   789  N N   . VAL A 1 109 ? 2.141   1.046   15.032  1.00 6.56  ? 109 VAL A N   1 
ATOM   790  C CA  . VAL A 1 109 ? 0.871   1.047   15.809  1.00 8.35  ? 109 VAL A CA  1 
ATOM   791  C C   . VAL A 1 109 ? 1.295   1.347   17.251  1.00 7.72  ? 109 VAL A C   1 
ATOM   792  O O   . VAL A 1 109 ? 2.058   0.620   17.876  1.00 8.94  ? 109 VAL A O   1 
ATOM   793  C CB  . VAL A 1 109 ? 0.109   -0.292  15.588  1.00 8.34  ? 109 VAL A CB  1 
ATOM   794  C CG1 . VAL A 1 109 ? -1.153  -0.267  16.510  1.00 9.90  ? 109 VAL A CG1 1 
ATOM   795  C CG2 . VAL A 1 109 ? -0.219  -0.570  14.135  1.00 10.67 ? 109 VAL A CG2 1 
ATOM   796  N N   . LEU A 1 110 ? 0.769   2.424   17.808  1.00 6.94  ? 110 LEU A N   1 
ATOM   797  C CA  . LEU A 1 110 ? 1.030   2.892   19.160  1.00 8.59  ? 110 LEU A CA  1 
ATOM   798  C C   . LEU A 1 110 ? 0.192   2.187   20.191  1.00 11.25 ? 110 LEU A C   1 
ATOM   799  O O   . LEU A 1 110 ? -0.750  1.469   19.766  1.00 11.52 ? 110 LEU A O   1 
ATOM   800  C CB  . LEU A 1 110 ? 0.928   4.453   19.139  1.00 9.14  ? 110 LEU A CB  1 
ATOM   801  C CG  . LEU A 1 110 ? 1.848   5.112   18.118  1.00 11.09 ? 110 LEU A CG  1 
ATOM   802  C CD1 . LEU A 1 110 ? 1.423   6.562   18.155  1.00 13.73 ? 110 LEU A CD1 1 
ATOM   803  C CD2 . LEU A 1 110 ? 3.322   5.036   18.542  1.00 13.24 ? 110 LEU A CD2 1 
ATOM   804  N N   . GLY A 1 111 ? 0.531   2.413   21.445  1.00 8.34  ? 111 GLY A N   1 
ATOM   805  C CA  . GLY A 1 111 ? -0.226  1.834   22.493  1.00 11.38 ? 111 GLY A CA  1 
ATOM   806  C C   . GLY A 1 111 ? -0.070  0.360   22.855  1.00 12.73 ? 111 GLY A C   1 
ATOM   807  O O   . GLY A 1 111 ? -0.921  -0.197  23.521  1.00 13.20 ? 111 GLY A O   1 
ATOM   808  N N   . GLN A 1 112 ? 1.071   -0.181  22.488  1.00 12.01 ? 112 GLN A N   1 
ATOM   809  C CA  . GLN A 1 112 ? 1.351   -1.589  22.781  1.00 13.96 ? 112 GLN A CA  1 
ATOM   810  C C   . GLN A 1 112 ? 2.252   -1.569  24.009  1.00 12.55 ? 112 GLN A C   1 
ATOM   811  O O   . GLN A 1 112 ? 2.875   -0.564  24.335  1.00 12.66 ? 112 GLN A O   1 
ATOM   812  C CB  . GLN A 1 112 ? 2.120   -2.183  21.601  1.00 14.33 ? 112 GLN A CB  1 
ATOM   813  C CG  . GLN A 1 112 ? 1.607   -1.947  20.174  1.00 20.29 ? 112 GLN A CG  1 
ATOM   814  C CD  . GLN A 1 112 ? 2.321   -2.832  19.159  1.00 24.48 ? 112 GLN A CD  1 
ATOM   815  O OE1 . GLN A 1 112 ? 2.623   -4.054  19.309  1.00 26.66 ? 112 GLN A OE1 1 
ATOM   816  N NE2 . GLN A 1 112 ? 2.689   -2.267  17.984  1.00 24.14 ? 112 GLN A NE2 1 
ATOM   817  N N   . PRO A 1 113 ? 2.354   -2.700  24.722  1.00 14.28 ? 113 PRO A N   1 
ATOM   818  C CA  . PRO A 1 113 ? 3.280   -2.855  25.830  1.00 15.28 ? 113 PRO A CA  1 
ATOM   819  C C   . PRO A 1 113 ? 4.712   -2.725  25.251  1.00 15.30 ? 113 PRO A C   1 
ATOM   820  O O   . PRO A 1 113 ? 5.140   -3.164  24.151  1.00 15.45 ? 113 PRO A O   1 
ATOM   821  C CB  . PRO A 1 113 ? 3.092   -4.273  26.343  1.00 14.74 ? 113 PRO A CB  1 
ATOM   822  C CG  . PRO A 1 113 ? 1.857   -4.756  25.696  1.00 17.16 ? 113 PRO A CG  1 
ATOM   823  C CD  . PRO A 1 113 ? 1.600   -3.930  24.432  1.00 14.10 ? 113 PRO A CD  1 
ATOM   824  N N   . LYS A 1 114 ? 5.506   -2.115  26.078  1.00 14.70 ? 114 LYS A N   1 
ATOM   825  C CA  . LYS A 1 114 ? 6.923   -1.831  25.857  1.00 19.02 ? 114 LYS A CA  1 
ATOM   826  C C   . LYS A 1 114 ? 7.756   -3.146  26.018  1.00 18.67 ? 114 LYS A C   1 
ATOM   827  O O   . LYS A 1 114 ? 8.719   -3.146  25.241  1.00 20.97 ? 114 LYS A O   1 
ATOM   828  C CB  . LYS A 1 114 ? 7.497   -0.808  26.836  1.00 23.06 ? 114 LYS A CB  1 
ATOM   829  C CG  . LYS A 1 114 ? 8.562   0.067   26.124  1.00 29.25 ? 114 LYS A CG  1 
ATOM   830  C CD  . LYS A 1 114 ? 9.156   1.153   27.033  1.00 33.03 ? 114 LYS A CD  1 
ATOM   831  C CE  . LYS A 1 114 ? 10.505  1.591   26.480  1.00 35.22 ? 114 LYS A CE  1 
ATOM   832  N NZ  . LYS A 1 114 ? 11.302  0.368   26.088  1.00 36.70 ? 114 LYS A NZ  1 
ATOM   833  O OXT . LYS A 1 114 ? 7.420   -3.914  26.888  1.00 14.95 ? 114 LYS A OXT 1 
HETATM 834  O O   . HOH B 2 .   ? 4.129   9.093   15.262  1.00 9.33  ? 115 HOH A O   1 
HETATM 835  O O   . HOH B 2 .   ? -10.404 -11.368 -5.613  1.00 10.65 ? 116 HOH A O   1 
HETATM 836  O O   . HOH B 2 .   ? -4.689  -10.307 -14.995 1.00 8.92  ? 117 HOH A O   1 
HETATM 837  O O   . HOH B 2 .   ? -5.163  1.387   -4.954  1.00 9.67  ? 118 HOH A O   1 
HETATM 838  O O   . HOH B 2 .   ? -6.941  -14.308 -4.461  1.00 12.72 ? 119 HOH A O   1 
HETATM 839  O O   . HOH B 2 .   ? 9.318   -4.439  -2.580  1.00 10.62 ? 120 HOH A O   1 
HETATM 840  O O   . HOH B 2 .   ? 8.258   6.602   -2.259  1.00 15.29 ? 121 HOH A O   1 
HETATM 841  O O   . HOH B 2 .   ? 10.793  0.042   -2.607  1.00 13.99 ? 122 HOH A O   1 
HETATM 842  O O   . HOH B 2 .   ? -10.581 0.041   5.106   1.00 13.56 ? 123 HOH A O   1 
HETATM 843  O O   . HOH B 2 .   ? -8.942  4.296   -0.099  1.00 20.84 ? 124 HOH A O   1 
HETATM 844  O O   . HOH B 2 .   ? 6.521   4.258   11.312  1.00 14.27 ? 125 HOH A O   1 
HETATM 845  O O   . HOH B 2 .   ? -3.528  -6.425  -10.396 1.00 16.04 ? 126 HOH A O   1 
HETATM 846  O O   . HOH B 2 .   ? -11.292 -1.987  -1.682  1.00 12.95 ? 127 HOH A O   1 
HETATM 847  O O   . HOH B 2 .   ? 8.697   5.950   0.838   1.00 14.61 ? 128 HOH A O   1 
HETATM 848  O O   . HOH B 2 .   ? 13.489  -7.394  -0.745  1.00 16.44 ? 129 HOH A O   1 
HETATM 849  O O   . HOH B 2 .   ? 11.109  0.287   2.272   1.00 14.77 ? 130 HOH A O   1 
HETATM 850  O O   . HOH B 2 .   ? -0.300  8.395   9.701   1.00 30.81 ? 131 HOH A O   1 
HETATM 851  O O   . HOH B 2 .   ? -3.988  8.384   8.239   1.00 24.33 ? 132 HOH A O   1 
HETATM 852  O O   . HOH B 2 .   ? 1.833   9.231   6.790   1.00 23.48 ? 133 HOH A O   1 
HETATM 853  O O   . HOH B 2 .   ? 6.738   -5.740  6.887   1.00 16.28 ? 134 HOH A O   1 
HETATM 854  O O   . HOH B 2 .   ? 3.546   0.931   21.344  1.00 22.14 ? 135 HOH A O   1 
HETATM 855  O O   . HOH B 2 .   ? 5.741   8.303   -11.648 1.00 23.90 ? 136 HOH A O   1 
HETATM 856  O O   . HOH B 2 .   ? 2.186   10.063  -1.480  1.00 17.53 ? 137 HOH A O   1 
HETATM 857  O O   . HOH B 2 .   ? -10.922 -3.584  -10.547 1.00 30.20 ? 138 HOH A O   1 
HETATM 858  O O   . HOH B 2 .   ? -7.648  -2.731  17.380  1.00 30.52 ? 139 HOH A O   1 
HETATM 859  O O   . HOH B 2 .   ? 9.864   3.662   4.844   1.00 20.47 ? 140 HOH A O   1 
HETATM 860  O O   . HOH B 2 .   ? -2.388  -7.282  9.198   1.00 30.12 ? 141 HOH A O   1 
HETATM 861  O O   . HOH B 2 .   ? -9.454  7.861   -12.373 1.00 31.40 ? 142 HOH A O   1 
HETATM 862  O O   . HOH B 2 .   ? 8.147   -6.032  -20.901 1.00 36.36 ? 143 HOH A O   1 
HETATM 863  O O   . HOH B 2 .   ? -6.671  6.834   -13.579 1.00 30.66 ? 144 HOH A O   1 
HETATM 864  O O   . HOH B 2 .   ? 1.165   12.578  -15.326 1.00 35.89 ? 145 HOH A O   1 
HETATM 865  O O   . HOH B 2 .   ? -12.897 -4.224  2.652   1.00 24.26 ? 146 HOH A O   1 
HETATM 866  O O   . HOH B 2 .   ? -12.675 1.830   -4.613  1.00 39.89 ? 147 HOH A O   1 
HETATM 867  O O   . HOH B 2 .   ? -8.848  7.943   7.697   1.00 32.55 ? 148 HOH A O   1 
HETATM 868  O O   . HOH B 2 .   ? -3.823  -4.204  19.137  1.00 37.81 ? 149 HOH A O   1 
HETATM 869  O O   . HOH B 2 .   ? 9.355   -6.121  -17.950 1.00 20.33 ? 150 HOH A O   1 
HETATM 870  O O   . HOH B 2 .   ? 6.425   9.721   -8.088  1.00 22.36 ? 151 HOH A O   1 
HETATM 871  O O   . HOH B 2 .   ? 6.139   10.460  6.789   1.00 28.09 ? 152 HOH A O   1 
HETATM 872  O O   . HOH B 2 .   ? -7.834  -9.367  10.983  1.00 28.70 ? 153 HOH A O   1 
HETATM 873  O O   . HOH B 2 .   ? -10.371 6.742   12.792  1.00 21.52 ? 154 HOH A O   1 
HETATM 874  O O   . HOH B 2 .   ? -11.938 -11.687 4.955   1.00 27.77 ? 155 HOH A O   1 
HETATM 875  O O   . HOH B 2 .   ? -5.298  -9.925  6.343   1.00 21.42 ? 156 HOH A O   1 
HETATM 876  O O   . HOH B 2 .   ? 2.651   3.651   22.404  1.00 28.97 ? 157 HOH A O   1 
HETATM 877  O O   . HOH B 2 .   ? -0.535  8.908   3.542   1.00 21.91 ? 158 HOH A O   1 
HETATM 878  O O   . HOH B 2 .   ? -11.581 2.135   12.092  1.00 22.18 ? 159 HOH A O   1 
HETATM 879  O O   . HOH B 2 .   ? -13.151 -6.919  -2.925  1.00 35.40 ? 160 HOH A O   1 
HETATM 880  O O   . HOH B 2 .   ? -9.997  -4.171  14.468  1.00 24.83 ? 161 HOH A O   1 
HETATM 881  O O   . HOH B 2 .   ? -2.299  -2.512  24.263  1.00 24.70 ? 162 HOH A O   1 
HETATM 882  O O   . HOH B 2 .   ? -5.480  -9.033  9.205   1.00 33.31 ? 163 HOH A O   1 
HETATM 883  O O   . HOH B 2 .   ? 5.611   6.738   15.686  1.00 21.55 ? 164 HOH A O   1 
HETATM 884  O O   . HOH B 2 .   ? -13.984 -11.176 3.165   1.00 24.79 ? 165 HOH A O   1 
HETATM 885  O O   . HOH B 2 .   ? -4.848  -8.072  -16.323 1.00 25.68 ? 166 HOH A O   1 
HETATM 886  O O   . HOH B 2 .   ? 7.179   -10.698 3.588   1.00 18.12 ? 167 HOH A O   1 
HETATM 887  O O   . HOH B 2 .   ? -7.727  7.447   -4.416  1.00 33.29 ? 168 HOH A O   1 
HETATM 888  O O   . HOH B 2 .   ? -10.811 2.661   0.579   1.00 25.09 ? 169 HOH A O   1 
HETATM 889  O O   . HOH B 2 .   ? -3.378  9.601   2.816   1.00 29.02 ? 170 HOH A O   1 
HETATM 890  O O   . HOH B 2 .   ? -2.998  -4.160  26.157  1.00 25.99 ? 171 HOH A O   1 
HETATM 891  O O   . HOH B 2 .   ? 9.539   -16.321 1.655   1.00 33.93 ? 172 HOH A O   1 
HETATM 892  O O   . HOH B 2 .   ? 9.653   -2.109  23.035  1.00 24.74 ? 173 HOH A O   1 
HETATM 893  O O   . HOH B 2 .   ? 9.296   0.814   4.397   1.00 33.88 ? 174 HOH A O   1 
HETATM 894  O O   . HOH B 2 .   ? 4.070   12.400  5.465   1.00 35.85 ? 175 HOH A O   1 
HETATM 895  O O   . HOH B 2 .   ? 8.335   -8.044  -19.096 1.00 38.33 ? 176 HOH A O   1 
HETATM 896  O O   . HOH B 2 .   ? -12.959 -1.717  5.158   1.00 26.36 ? 177 HOH A O   1 
HETATM 897  O O   . HOH B 2 .   ? -16.394 -7.772  8.467   1.00 53.71 ? 178 HOH A O   1 
HETATM 898  O O   . HOH B 2 .   ? -5.422  -4.226  26.557  1.00 40.24 ? 179 HOH A O   1 
HETATM 899  O O   . HOH B 2 .   ? -13.788 -3.580  -4.214  1.00 29.22 ? 180 HOH A O   1 
HETATM 900  O O   . HOH B 2 .   ? -4.128  9.229   -16.580 1.00 41.88 ? 181 HOH A O   1 
HETATM 901  O O   . HOH B 2 .   ? -12.641 -8.989  -3.903  1.00 30.35 ? 182 HOH A O   1 
HETATM 902  O O   . HOH B 2 .   ? 7.122   5.897   17.623  1.00 27.09 ? 183 HOH A O   1 
HETATM 903  O O   . HOH B 2 .   ? 8.199   6.607   -14.901 1.00 32.73 ? 184 HOH A O   1 
HETATM 904  O O   . HOH B 2 .   ? -3.638  -7.789  16.334  1.00 36.65 ? 185 HOH A O   1 
HETATM 905  O O   . HOH B 2 .   ? -12.582 -3.751  0.232   1.00 28.19 ? 186 HOH A O   1 
HETATM 906  O O   . HOH B 2 .   ? -11.748 8.697   -9.758  1.00 69.18 ? 187 HOH A O   1 
HETATM 907  O O   . HOH B 2 .   ? 5.148   12.719  3.225   1.00 41.21 ? 188 HOH A O   1 
HETATM 908  O O   . HOH B 2 .   ? 5.991   -1.631  22.190  1.00 47.36 ? 189 HOH A O   1 
HETATM 909  O O   . HOH B 2 .   ? -3.198  -7.842  -18.129 1.00 31.13 ? 190 HOH A O   1 
HETATM 910  O O   . HOH B 2 .   ? -1.429  -7.861  -20.245 1.00 51.62 ? 191 HOH A O   1 
HETATM 911  O O   . HOH B 2 .   ? -10.016 8.298   -4.137  1.00 48.99 ? 192 HOH A O   1 
HETATM 912  O O   . HOH B 2 .   ? -15.716 9.907   2.646   1.00 50.61 ? 193 HOH A O   1 
HETATM 913  O O   . HOH B 2 .   ? 6.756   -2.518  17.846  1.00 60.37 ? 194 HOH A O   1 
HETATM 914  O O   . HOH B 2 .   ? -12.672 0.779   15.376  1.00 37.52 ? 195 HOH A O   1 
HETATM 915  O O   . HOH B 2 .   ? -12.798 10.377  -7.584  1.00 47.37 ? 196 HOH A O   1 
HETATM 916  O O   . HOH B 2 .   ? -12.498 -8.498  9.091   1.00 43.03 ? 197 HOH A O   1 
HETATM 917  O O   . HOH B 2 .   ? -13.819 9.817   -11.957 1.00 67.97 ? 198 HOH A O   1 
HETATM 918  O O   . HOH B 2 .   ? 3.361   -5.658  16.166  1.00 48.00 ? 199 HOH A O   1 
HETATM 919  O O   . HOH B 2 .   ? 0.303   -1.879  -19.948 0.81 36.92 ? 200 HOH A O   1 
HETATM 920  O O   . HOH B 2 .   ? 4.212   11.490  -8.321  0.62 35.10 ? 201 HOH A O   1 
HETATM 921  O O   . HOH B 2 .   ? -8.457  8.362   -0.950  0.86 44.32 ? 202 HOH A O   1 
HETATM 922  O O   . HOH B 2 .   ? -8.779  6.300   0.819   0.94 44.72 ? 203 HOH A O   1 
HETATM 923  O O   . HOH B 2 .   ? -3.982  7.329   -18.572 0.43 30.04 ? 204 HOH A O   1 
HETATM 924  O O   . HOH B 2 .   ? -13.001 0.554   -2.657  0.72 38.60 ? 205 HOH A O   1 
HETATM 925  O O   . HOH B 2 .   ? 11.119  6.732   0.719   1.00 32.82 ? 206 HOH A O   1 
HETATM 926  O O   . HOH B 2 .   ? -11.001 2.858   -7.127  0.76 31.58 ? 207 HOH A O   1 
HETATM 927  O O   . HOH B 2 .   ? -10.109 -8.883  11.153  1.00 40.02 ? 208 HOH A O   1 
HETATM 928  O O   . HOH B 2 .   ? -6.267  12.516  -7.902  1.00 31.07 ? 209 HOH A O   1 
HETATM 929  O O   . HOH B 2 .   ? -6.978  -4.178  19.604  0.36 35.87 ? 210 HOH A O   1 
HETATM 930  O O   . HOH B 2 .   ? -14.418 2.636   7.923   1.00 45.33 ? 211 HOH A O   1 
HETATM 931  O O   . HOH B 2 .   ? -8.155  13.099  2.449   0.52 30.99 ? 212 HOH A O   1 
HETATM 932  O O   . HOH B 2 .   ? -1.204  12.379  -0.682  0.35 31.80 ? 213 HOH A O   1 
HETATM 933  O O   . HOH B 2 .   ? 6.635   2.904   19.208  0.62 30.03 ? 214 HOH A O   1 
HETATM 934  O O   . HOH B 2 .   ? -11.453 13.628  2.625   0.71 36.93 ? 215 HOH A O   1 
HETATM 935  O O   . HOH B 2 .   ? -17.095 13.398  3.544   0.74 45.03 ? 216 HOH A O   1 
HETATM 936  O O   . HOH B 2 .   ? 4.374   -8.436  9.399   0.73 38.68 ? 217 HOH A O   1 
HETATM 937  O O   . HOH B 2 .   ? 10.486  -2.726  18.992  0.65 45.81 ? 218 HOH A O   1 
HETATM 938  O O   . HOH B 2 .   ? 4.856   0.763   18.801  0.56 31.59 ? 219 HOH A O   1 
HETATM 939  O O   . HOH B 2 .   ? 0.501   11.487  2.950   1.00 43.08 ? 220 HOH A O   1 
HETATM 940  O O   . HOH B 2 .   ? 9.177   4.930   11.306  0.34 20.43 ? 221 HOH A O   1 
HETATM 941  O O   . HOH B 2 .   ? -7.177  9.695   2.659   0.48 34.23 ? 222 HOH A O   1 
HETATM 942  O O   . HOH B 2 .   ? -3.941  -7.212  24.637  0.88 47.46 ? 223 HOH A O   1 
HETATM 943  O O   . HOH B 2 .   ? 10.122  4.795   -23.292 0.84 49.55 ? 224 HOH A O   1 
HETATM 944  O O   . HOH B 2 .   ? -5.568  -5.213  -19.131 0.93 45.78 ? 225 HOH A O   1 
HETATM 945  O O   . HOH B 2 .   ? 6.561   -0.241  17.416  0.64 47.06 ? 226 HOH A O   1 
HETATM 946  O O   . HOH B 2 .   ? 5.835   -6.624  16.585  0.47 51.02 ? 227 HOH A O   1 
HETATM 947  O O   . HOH B 2 .   ? -16.675 16.006  7.784   0.54 44.43 ? 228 HOH A O   1 
HETATM 948  O O   . HOH B 2 .   ? -12.165 7.019   -2.158  1.00 44.92 ? 229 HOH A O   1 
HETATM 949  O O   . HOH B 2 .   ? 8.846   8.773   -13.524 0.64 32.49 ? 230 HOH A O   1 
HETATM 950  O O   . HOH B 2 .   ? -8.440  5.962   -17.325 0.78 53.60 ? 231 HOH A O   1 
HETATM 951  O O   . HOH B 2 .   ? 16.329  -13.768 1.673   0.92 42.65 ? 232 HOH A O   1 
HETATM 952  O O   . HOH B 2 .   ? 11.711  3.726   -25.502 0.49 41.84 ? 233 HOH A O   1 
HETATM 953  O O   . HOH B 2 .   ? -7.216  -13.708 6.995   1.00 39.71 ? 234 HOH A O   1 
HETATM 954  O O   . HOH B 2 .   ? -13.898 8.450   8.218   0.62 39.83 ? 235 HOH A O   1 
HETATM 955  O O   . HOH B 2 .   ? -4.338  4.208   -20.032 0.50 30.88 ? 236 HOH A O   1 
HETATM 956  O O   . HOH B 2 .   ? -0.728  11.139  -2.676  0.94 42.42 ? 237 HOH A O   1 
HETATM 957  O O   . HOH B 2 .   ? -1.706  7.958   7.716   1.00 33.91 ? 238 HOH A O   1 
HETATM 958  O O   . HOH B 2 .   ? 8.027   3.961   -24.265 0.64 42.04 ? 239 HOH A O   1 
HETATM 959  O O   . HOH B 2 .   ? 8.528   -4.241  17.606  0.43 48.54 ? 240 HOH A O   1 
HETATM 960  O O   . HOH B 2 .   ? 1.332   -6.261  20.652  0.66 39.14 ? 241 HOH A O   1 
HETATM 961  O O   . HOH B 2 .   ? -10.910 8.200   -18.877 0.97 41.11 ? 242 HOH A O   1 
HETATM 962  O O   . HOH B 2 .   ? -13.896 0.365   11.776  0.77 35.63 ? 243 HOH A O   1 
HETATM 963  O O   . HOH B 2 .   ? -12.245 7.863   1.814   0.79 52.65 ? 244 HOH A O   1 
HETATM 964  O O   . HOH B 2 .   ? -14.896 15.575  2.092   0.98 47.75 ? 245 HOH A O   1 
HETATM 965  O O   . HOH B 2 .   ? -2.448  13.556  2.797   0.25 20.10 ? 246 HOH A O   1 
HETATM 966  O O   . HOH B 2 .   ? 4.002   10.074  -17.564 0.81 38.32 ? 247 HOH A O   1 
HETATM 967  O O   . HOH B 2 .   ? -12.403 15.353  0.914   0.68 37.31 ? 248 HOH A O   1 
HETATM 968  O O   . HOH B 2 .   ? 8.536   -3.192  29.850  1.00 40.71 ? 249 HOH A O   1 
HETATM 969  O O   . HOH B 2 .   ? 5.377   -4.926  22.315  0.81 38.32 ? 250 HOH A O   1 
HETATM 970  O O   . HOH B 2 .   ? 12.947  5.566   -0.985  0.53 34.53 ? 251 HOH A O   1 
HETATM 971  O O   . HOH B 2 .   ? 13.239  -15.908 2.924   0.51 41.96 ? 252 HOH A O   1 
HETATM 972  O O   . HOH B 2 .   ? -12.856 -2.989  15.595  0.37 31.50 ? 253 HOH A O   1 
HETATM 973  O O   . HOH B 2 .   ? -16.088 2.990   12.015  0.61 33.71 ? 254 HOH A O   1 
HETATM 974  O O   . HOH B 2 .   ? -5.728  9.094   7.075   0.63 38.47 ? 255 HOH A O   1 
HETATM 975  O O   . HOH B 2 .   ? 12.110  9.193   1.517   0.86 40.59 ? 256 HOH A O   1 
HETATM 976  O O   . HOH B 2 .   ? 0.595   -7.987  9.243   0.54 33.68 ? 257 HOH A O   1 
HETATM 977  O O   . HOH B 2 .   ? -13.115 -2.245  11.144  1.00 35.22 ? 258 HOH A O   1 
HETATM 978  O O   . HOH B 2 .   ? -13.680 -2.588  9.080   1.00 37.83 ? 259 HOH A O   1 
HETATM 979  O O   . HOH B 2 .   ? -2.776  -7.984  6.232   0.72 38.59 ? 260 HOH A O   1 
HETATM 980  O O   . HOH B 2 .   ? -8.159  9.324   4.604   0.46 31.09 ? 261 HOH A O   1 
HETATM 981  O O   . HOH B 2 .   ? 1.323   12.789  -11.973 0.56 41.47 ? 262 HOH A O   1 
HETATM 982  O O   . HOH B 2 .   ? -11.802 8.357   10.312  0.67 41.35 ? 263 HOH A O   1 
HETATM 983  O O   . HOH B 2 .   ? -9.793  9.416   2.710   0.58 42.15 ? 264 HOH A O   1 
HETATM 984  O O   . HOH B 2 .   ? 15.329  17.099  2.680   0.96 39.91 ? 265 HOH A O   1 
HETATM 985  O O   . HOH B 2 .   ? -16.804 8.010   4.994   0.63 41.01 ? 266 HOH A O   1 
HETATM 986  O O   . HOH B 2 .   ? 10.237  9.296   -15.995 0.32 37.33 ? 267 HOH A O   1 
HETATM 987  O O   . HOH B 2 .   ? -12.897 18.047  1.738   0.68 41.40 ? 268 HOH A O   1 
HETATM 988  O O   . HOH B 2 .   ? -15.094 5.640   8.910   0.90 41.13 ? 269 HOH A O   1 
HETATM 989  O O   . HOH B 2 .   ? -13.266 4.791   13.045  0.62 43.26 ? 270 HOH A O   1 
HETATM 990  O O   . HOH B 2 .   ? 3.077   13.220  -2.592  0.76 39.82 ? 271 HOH A O   1 
HETATM 991  O O   . HOH B 2 .   ? 3.921   14.326  -4.487  0.53 39.22 ? 272 HOH A O   1 
HETATM 992  O O   . HOH B 2 .   ? 7.368   0.391   -13.990 0.74 50.85 ? 273 HOH A O   1 
HETATM 993  O O   . HOH B 2 .   ? 3.940   12.052  -0.104  0.67 42.17 ? 274 HOH A O   1 
HETATM 994  O O   . HOH B 2 .   ? 10.192  -4.075  3.993   0.98 35.75 ? 275 HOH A O   1 
HETATM 995  O O   . HOH B 2 .   ? -4.312  -5.717  -15.476 0.88 37.59 ? 276 HOH A O   1 
HETATM 996  O O   . HOH B 2 .   ? -14.992 -1.481  2.946   0.63 41.26 ? 277 HOH A O   1 
HETATM 997  O O   . HOH B 2 .   ? 4.116   10.627  -20.009 0.58 39.64 ? 278 HOH A O   1 
HETATM 998  O O   . HOH B 2 .   ? 11.654  2.641   -28.301 0.77 30.26 ? 279 HOH A O   1 
HETATM 999  O O   . HOH B 2 .   ? -17.394 2.044   9.852   0.57 36.56 ? 280 HOH A O   1 
HETATM 1000 O O   . HOH B 2 .   ? 8.286   4.013   14.888  0.50 35.49 ? 281 HOH A O   1 
HETATM 1001 O O   . HOH B 2 .   ? -7.955  -5.810  -15.893 1.00 44.65 ? 282 HOH A O   1 
HETATM 1002 O O   . HOH B 2 .   ? 7.536   0.610   14.108  0.34 41.55 ? 283 HOH A O   1 
HETATM 1003 O O   . HOH B 2 .   ? -6.940  -8.205  24.249  0.31 25.95 ? 284 HOH A O   1 
HETATM 1004 O O   . HOH B 2 .   ? -10.228 6.710   3.309   1.00 43.69 ? 285 HOH A O   1 
HETATM 1005 O O   . HOH B 2 .   ? 5.368   -7.966  6.603   0.73 32.32 ? 286 HOH A O   1 
HETATM 1006 O O   . HOH B 2 .   ? -13.865 2.189   3.055   0.88 40.98 ? 287 HOH A O   1 
HETATM 1007 O O   . HOH B 2 .   ? 10.071  -3.779  21.224  0.91 31.74 ? 288 HOH A O   1 
HETATM 1008 O O   . HOH B 2 .   ? 6.123   10.850  -11.785 0.51 33.85 ? 289 HOH A O   1 
HETATM 1009 O O   . HOH B 2 .   ? -14.577 16.257  9.926   0.29 32.96 ? 290 HOH A O   1 
HETATM 1010 O O   . HOH B 2 .   ? -4.780  -0.854  -18.743 0.49 36.40 ? 291 HOH A O   1 
HETATM 1011 O O   . HOH B 2 .   ? 5.002   -3.752  19.735  1.00 60.11 ? 292 HOH A O   1 
HETATM 1012 O O   . HOH B 2 .   ? -18.317 11.201  5.885   0.23 20.67 ? 293 HOH A O   1 
HETATM 1013 O O   . HOH B 2 .   ? 9.544   9.058   -4.518  0.94 41.34 ? 294 HOH A O   1 
HETATM 1014 O O   . HOH B 2 .   ? -14.448 14.194  12.275  0.89 38.49 ? 295 HOH A O   1 
HETATM 1015 O O   . HOH B 2 .   ? 8.464   9.865   -0.287  0.52 30.84 ? 296 HOH A O   1 
HETATM 1016 O O   . HOH B 2 .   ? -10.629 6.552   -0.670  0.92 30.56 ? 297 HOH A O   1 
HETATM 1017 O O   . HOH B 2 .   ? 2.301   11.665  -17.738 0.38 30.12 ? 298 HOH A O   1 
HETATM 1018 O O   . HOH B 2 .   ? 14.380  15.848  0.629   0.39 30.88 ? 299 HOH A O   1 
HETATM 1019 O O   . HOH B 2 .   ? -15.353 4.608   6.509   0.59 30.84 ? 300 HOH A O   1 
# 
